data_3BCC
#
_entry.id   3BCC
#
_cell.length_a   173.180
_cell.length_b   179.730
_cell.length_c   238.220
_cell.angle_alpha   90.00
_cell.angle_beta   90.00
_cell.angle_gamma   90.00
#
_symmetry.space_group_name_H-M   'P 21 21 21'
#
loop_
_entity.id
_entity.type
_entity.pdbx_description
1 polymer 'UBIQUINOL CYTOCHROME C OXIDOREDUCTASE'
2 polymer 'UBIQUINOL CYTOCHROME C OXIDOREDUCTASE'
3 polymer 'UBIQUINOL CYTOCHROME C OXIDOREDUCTASE'
4 polymer 'UBIQUINOL CYTOCHROME C OXIDOREDUCTASE'
5 polymer 'UBIQUINOL CYTOCHROME C OXIDOREDUCTASE'
6 polymer 'UBIQUINOL CYTOCHROME C OXIDOREDUCTASE'
7 polymer 'UBIQUINOL CYTOCHROME C OXIDOREDUCTASE'
8 polymer 'UBIQUINOL CYTOCHROME C OXIDOREDUCTASE'
9 polymer 'UBIQUINOL CYTOCHROME C OXIDOREDUCTASE'
10 polymer 'UBIQUINOL CYTOCHROME C OXIDOREDUCTASE'
11 non-polymer 'PROTOPORPHYRIN IX CONTAINING FE'
12 non-polymer STIGMATELLIN
13 non-polymer ANTIMYCIN
14 non-polymer 'FE2/S2 (INORGANIC) CLUSTER'
#
loop_
_entity_poly.entity_id
_entity_poly.type
_entity_poly.pdbx_seq_one_letter_code
_entity_poly.pdbx_strand_id
1 'polypeptide(L)'
;TAYYAQALQSVPETQVSQLDNGVRVASEQSSQPTCTVGVWIDAGSRYESEKNNGAGYFLEHLAFKGTKNRPQNALEKEVE
SMGAHLNAYSSREHTAYYIKALSKDVPKAVELLADIVQNCSLEDSQIEKERDVIVRELQENDTSMREVVFNYLHATAFQG
TGLAQSVEGPSENIRKLSRADLTEYLSTHYTAPRMVLAAAGGVEHQQLLELAQKHFGGVPFTYDDDAVPTLSKCRFTGSQ
IRHREDGLPLAHVAIAVEGPGWAHPDLVALQVANAIIGHYDRTYGGGLHSSSPLASIAVTNKLCQSFQTFSICYSETGLF
GFYFVCDRMSIDDMMFVLQGQWMRLCTSISESEVLRGKNFLRNALVSHLDGTTPVCEDIGRELLTYGRRIPLEEWEERLA
EVDARMVREVCSKYIYDQCPAVAGPGPIEQLPDYNRIRSGMFWLRF
;
A
2 'polypeptide(L)'
;PPHPQDLEITKLPNGLVIASLENYSPGSTIGVFIKAGSRYENSSNLGTSHLLRLASSLTTKGASSFKITRGIEAVGGKLS
VESTRENMAYTVECLRDDVEILMEFLLNVTTAPEFRPWEVADLQPQLKIDKAVAFQNPQTHVIENLHAAAYRNALADSLY
CPDYRIGKVTSVELHDFVQNHFTSARMALVGLGVSHPVLKNVAEQLLNIRGGLGLSGAKAKYRGGEIREQNGDSLVHAAI
VAESAAIGGAEANAFSVLQHVLGANPHVKRGLNATSSLYQAVAKGVHQPFDVSAFNASYSDSGLFGFYTISQAAYAGQVI
KAAYNQVKTIAQGNVSNENVQAAKNKLKAKYLMSVESSEGFLEEVGSQALAAGSYNPPSTVLQQIDAVADADVIKAAKKF
VSRQKSMAASGNLGHTPFVDEL
;
B
3 'polypeptide(L)'
;MAPNIRKSHPLLKMINNSLIDLPAPSNISAWWNFGSLLAVCLMTQILTGLLLAMHYTADTSLAFSSVAHTCRNVQYGWLI
RNLHANGASFFFICIFLHIGRGLYYGSYLYKETWNTGVILLLTLMATAFVGYVLPWGQMSFWGATVITNLFSAIPYIGHT
LVEWAWGGFSVDNPTLTRFFALHFLLPFAIAGITIIHLTFLHESGSNNPLGISSDSDKIPFHPYYSFKDILGLTLMLTPF
LTLALFSPNLLGDPENFTPANPLVTPPHIKPEWYFLFAYAILRSIPNKLGGVLALAASVLILFLIPFLHKSKQRTMTFRP
LSQTLFWLLVANLLILTWIGSQPVEHPFIIIGQMASLSYFTILLILFPTIGTLENKMLNY
;
C
4 'polypeptide(L)'
;SDLELHPPSYPWSHRGPLSSLDHTSIRRGFQVYKQVCSSCHSMDYVAYRHLVGVCYTEDEAKALAEEVEVQDGPNEDGEM
FMRPGKLSDYFPKPYPNPEAARAANNGALPPDLSYIVRARHGGEDYVFSLLTGYCEPPTGVSVREGLYFNPYFPGQAIGM
APPIYNDVLEFDDGTPATMSQVAKDVCTFLRWAAEPEHDHRKRMGLKMLLMMGLLVPLVYYMKRHKWSVLKSRKLAYRPP
K
;
D
5 'polypeptide(L)'
;SHTDIKVPNFSDYRRPPDDYSTKSSRESDPSRKGFSYLVTAVTTLGVAYAAKNVVTQFVSSMSASADVLAMSKIEIKLSD
IPEGKNMAFKWRGKPLFVRHRTKKEIDQEAAVEVSQLRDPQHDLERVKKPEWVILIGVCTHLGCVPIANAGDFGGYYCPC
HGSHYDASGRIRKGPAPLNLEVPSYEFTSDDMVIVG
;
E
6 'polypeptide(L)'
;AGRPAVSASSRWLEGIRKWYYNAAGFNKYGLMRDDTIYENDDVKEAIRRLPENLYDDRMFRIKRALDLNMRQQILPKEQW
TKYEEDVPYLEPYLKEVIRERKEREEWDK
;
F
7 'polypeptide(L)'
;GRQFGHLTRVRHLITYSLSPFEQRPFPHYFSKGVPNVWRRLRACILRVAPPFLAFYLLYTWGTQEFEKSKRKNPAAYVND
R
;
G
8 'polypeptide(L)' GDPKEEEEEEEELVDPLTTVREQCEQLEKCVKARERLELCDERVSSRSQTEEDCTEELFDFLHARDHCVAHKLFNSLK H
9 'polypeptide(L)'
;(UNK)(UNK)(UNK)(UNK)(UNK)(UNK)(UNK)(UNK)(UNK)(UNK)(UNK)(UNK)(UNK)(UNK)(UNK)(UNK)
(UNK)(UNK)(UNK)(UNK)(UNK)(UNK)(UNK)(UNK)(UNK)(UNK)(UNK)(UNK)(UNK)(UNK)(UNK)(UNK)
(UNK)
;
I
10 'polypeptide(L)' VAPTLTARLYSLLFRRTSTFALTIVVGALLFERAFDQGADAIYEHINEGKLWKHIKHKYENK J
#
# COMPACT_ATOMS: atom_id res chain seq x y z
N TYR A 4 -20.50 -24.48 41.69
CA TYR A 4 -19.42 -24.32 40.67
C TYR A 4 -18.11 -23.86 41.24
N ALA A 5 -18.05 -22.59 41.62
CA ALA A 5 -16.84 -22.01 42.20
C ALA A 5 -16.37 -22.98 43.28
N GLN A 6 -17.36 -23.60 43.93
CA GLN A 6 -17.09 -24.56 44.97
C GLN A 6 -16.42 -25.79 44.29
N ALA A 7 -16.86 -26.12 43.06
CA ALA A 7 -16.31 -27.25 42.30
C ALA A 7 -14.84 -27.01 42.09
N LEU A 8 -14.50 -25.77 41.75
CA LEU A 8 -13.11 -25.43 41.56
C LEU A 8 -12.35 -25.66 42.84
N GLN A 9 -12.79 -24.97 43.89
CA GLN A 9 -12.16 -25.05 45.20
C GLN A 9 -11.97 -26.49 45.73
N SER A 10 -13.00 -27.32 45.55
CA SER A 10 -12.93 -28.68 46.03
C SER A 10 -12.00 -29.49 45.15
N VAL A 11 -11.34 -28.83 44.19
CA VAL A 11 -10.40 -29.52 43.31
C VAL A 11 -9.07 -29.78 44.02
N PRO A 12 -8.67 -31.06 44.12
CA PRO A 12 -7.44 -31.51 44.78
C PRO A 12 -6.17 -30.77 44.37
N GLU A 13 -5.55 -30.15 45.37
CA GLU A 13 -4.31 -29.39 45.22
C GLU A 13 -3.28 -30.31 44.57
N THR A 14 -2.26 -29.73 43.95
CA THR A 14 -1.25 -30.54 43.32
C THR A 14 -0.04 -30.58 44.22
N GLN A 15 0.46 -31.78 44.46
CA GLN A 15 1.64 -31.96 45.31
C GLN A 15 2.93 -31.85 44.52
N VAL A 16 3.91 -31.19 45.12
CA VAL A 16 5.19 -30.99 44.49
C VAL A 16 6.29 -30.95 45.54
N SER A 17 7.41 -31.60 45.23
CA SER A 17 8.59 -31.64 46.10
C SER A 17 9.77 -32.11 45.27
N GLN A 18 10.84 -31.32 45.29
CA GLN A 18 12.04 -31.64 44.53
C GLN A 18 13.03 -32.52 45.29
N LEU A 19 14.00 -33.06 44.57
CA LEU A 19 15.00 -33.92 45.16
C LEU A 19 16.26 -33.14 45.52
N ASP A 20 17.07 -33.73 46.40
CA ASP A 20 18.36 -33.13 46.78
C ASP A 20 19.14 -33.26 45.46
N ASN A 21 18.51 -33.97 44.52
CA ASN A 21 19.02 -34.23 43.17
C ASN A 21 18.80 -33.02 42.27
N GLY A 22 17.53 -32.65 42.13
CA GLY A 22 17.16 -31.51 41.29
C GLY A 22 15.76 -31.66 40.70
N VAL A 23 15.42 -32.90 40.34
CA VAL A 23 14.10 -33.19 39.77
C VAL A 23 13.04 -32.58 40.69
N ARG A 24 11.89 -32.24 40.11
CA ARG A 24 10.79 -31.72 40.90
C ARG A 24 9.77 -32.82 40.69
N VAL A 25 9.17 -33.32 41.76
CA VAL A 25 8.16 -34.36 41.58
C VAL A 25 6.80 -33.87 42.03
N ALA A 26 5.89 -33.76 41.07
CA ALA A 26 4.55 -33.29 41.36
C ALA A 26 3.52 -34.15 40.67
N SER A 27 2.26 -33.92 41.01
CA SER A 27 1.19 -34.70 40.44
C SER A 27 -0.11 -34.41 41.14
N GLU A 28 -1.20 -34.90 40.56
CA GLU A 28 -2.54 -34.70 41.10
C GLU A 28 -3.24 -36.05 41.30
N GLN A 29 -3.96 -36.20 42.41
CA GLN A 29 -4.65 -37.46 42.71
C GLN A 29 -6.17 -37.43 42.55
N SER A 30 -6.71 -38.55 42.08
CA SER A 30 -8.15 -38.70 41.90
C SER A 30 -8.51 -40.13 42.29
N SER A 31 -9.70 -40.57 41.91
CA SER A 31 -10.15 -41.92 42.22
C SER A 31 -9.60 -42.88 41.16
N GLN A 32 -9.63 -42.38 39.93
CA GLN A 32 -9.17 -43.09 38.73
C GLN A 32 -8.14 -44.21 38.79
N PRO A 33 -8.58 -45.41 38.38
CA PRO A 33 -7.74 -46.62 38.35
C PRO A 33 -6.53 -46.29 37.52
N THR A 34 -6.81 -45.77 36.33
CA THR A 34 -5.80 -45.39 35.38
C THR A 34 -5.10 -44.12 35.81
N CYS A 35 -4.14 -43.73 34.99
CA CYS A 35 -3.32 -42.56 35.25
C CYS A 35 -2.43 -42.38 34.03
N THR A 36 -1.41 -41.54 34.20
CA THR A 36 -0.37 -41.26 33.20
C THR A 36 0.75 -40.56 33.96
N VAL A 37 1.98 -40.79 33.56
CA VAL A 37 3.10 -40.16 34.24
C VAL A 37 4.18 -39.86 33.23
N GLY A 38 4.94 -38.80 33.48
CA GLY A 38 6.00 -38.45 32.56
C GLY A 38 7.08 -37.51 33.06
N VAL A 39 8.19 -37.50 32.34
CA VAL A 39 9.31 -36.64 32.64
C VAL A 39 9.30 -35.57 31.56
N TRP A 40 9.22 -34.30 31.96
CA TRP A 40 9.16 -33.20 31.00
C TRP A 40 10.46 -32.41 31.07
N ILE A 41 11.32 -32.63 30.09
CA ILE A 41 12.60 -31.98 30.04
C ILE A 41 12.46 -30.56 29.50
N ASP A 42 13.31 -29.67 30.01
CA ASP A 42 13.36 -28.26 29.57
C ASP A 42 14.25 -28.30 28.31
N ALA A 43 14.15 -29.40 27.54
CA ALA A 43 14.95 -29.58 26.34
C ALA A 43 14.20 -29.29 25.06
N GLY A 44 14.94 -28.88 24.04
CA GLY A 44 14.31 -28.57 22.77
C GLY A 44 15.25 -28.30 21.61
N SER A 45 14.69 -27.67 20.59
CA SER A 45 15.46 -27.32 19.41
C SER A 45 16.16 -26.02 19.72
N ARG A 46 15.47 -25.14 20.42
CA ARG A 46 16.04 -23.86 20.76
C ARG A 46 17.40 -24.05 21.36
N TYR A 47 17.54 -25.16 22.09
CA TYR A 47 18.80 -25.48 22.74
C TYR A 47 19.79 -26.15 21.77
N GLU A 48 19.49 -26.12 20.48
CA GLU A 48 20.37 -26.74 19.52
C GLU A 48 21.26 -25.73 18.79
N SER A 49 22.35 -26.21 18.20
CA SER A 49 23.28 -25.37 17.49
C SER A 49 23.14 -25.52 15.98
N GLU A 50 24.01 -24.84 15.25
CA GLU A 50 24.01 -24.86 13.79
C GLU A 50 24.30 -26.26 13.25
N LYS A 51 25.05 -27.03 14.03
CA LYS A 51 25.43 -28.39 13.65
C LYS A 51 24.83 -29.36 14.66
N ASN A 52 24.25 -28.79 15.71
CA ASN A 52 23.62 -29.55 16.78
C ASN A 52 22.11 -29.70 16.55
N ASN A 53 21.56 -28.95 15.59
CA ASN A 53 20.13 -28.95 15.27
C ASN A 53 19.61 -30.26 14.72
N GLY A 54 18.61 -30.80 15.41
CA GLY A 54 18.03 -32.06 15.00
C GLY A 54 18.00 -33.05 16.15
N ALA A 55 19.18 -33.26 16.74
CA ALA A 55 19.38 -34.18 17.86
C ALA A 55 18.14 -34.39 18.72
N GLY A 56 17.70 -33.35 19.40
CA GLY A 56 16.51 -33.48 20.25
C GLY A 56 15.42 -34.34 19.65
N TYR A 57 15.37 -34.34 18.33
CA TYR A 57 14.38 -35.10 17.58
C TYR A 57 14.94 -36.49 17.38
N PHE A 58 15.97 -36.58 16.53
CA PHE A 58 16.65 -37.83 16.20
C PHE A 58 16.68 -38.63 17.48
N LEU A 59 16.64 -37.90 18.57
CA LEU A 59 16.63 -38.48 19.89
C LEU A 59 15.26 -39.05 20.17
N GLU A 60 14.27 -38.16 20.31
CA GLU A 60 12.89 -38.58 20.58
C GLU A 60 12.62 -39.90 19.85
N HIS A 61 13.21 -40.01 18.66
CA HIS A 61 13.07 -41.19 17.79
C HIS A 61 13.85 -42.45 18.13
N LEU A 62 14.63 -42.41 19.21
CA LEU A 62 15.42 -43.56 19.64
C LEU A 62 15.18 -43.69 21.12
N ALA A 63 14.43 -42.74 21.66
CA ALA A 63 14.12 -42.70 23.08
C ALA A 63 13.27 -43.89 23.48
N PHE A 64 12.77 -44.62 22.49
CA PHE A 64 11.91 -45.77 22.73
C PHE A 64 12.51 -47.10 22.28
N LYS A 65 13.26 -47.07 21.20
CA LYS A 65 13.89 -48.26 20.67
C LYS A 65 14.87 -48.92 21.64
N GLY A 66 14.68 -48.66 22.94
CA GLY A 66 15.50 -49.31 23.95
C GLY A 66 16.52 -48.60 24.82
N THR A 67 17.03 -49.38 25.78
CA THR A 67 18.05 -48.95 26.74
C THR A 67 19.08 -50.07 26.78
N LYS A 68 20.14 -49.93 27.59
CA LYS A 68 21.15 -50.97 27.70
C LYS A 68 20.69 -52.03 28.68
N ASN A 69 19.98 -51.59 29.71
CA ASN A 69 19.46 -52.49 30.75
C ASN A 69 18.52 -53.47 30.09
N ARG A 70 17.61 -52.96 29.25
CA ARG A 70 16.64 -53.79 28.54
C ARG A 70 16.49 -53.35 27.07
N PRO A 71 17.21 -54.01 26.16
CA PRO A 71 17.15 -53.68 24.73
C PRO A 71 15.74 -53.55 24.16
N GLN A 72 15.67 -53.31 22.85
CA GLN A 72 14.39 -53.08 22.18
C GLN A 72 13.27 -54.08 22.45
N ASN A 73 13.31 -55.18 21.70
CA ASN A 73 12.31 -56.23 21.81
C ASN A 73 11.71 -56.35 23.22
N ALA A 74 12.53 -56.19 24.25
CA ALA A 74 12.06 -56.31 25.63
C ALA A 74 11.32 -55.09 26.15
N LEU A 75 11.87 -53.88 26.00
CA LEU A 75 11.21 -52.68 26.51
C LEU A 75 9.80 -52.68 26.00
N GLU A 76 9.69 -52.63 24.69
CA GLU A 76 8.40 -52.62 24.05
C GLU A 76 7.56 -53.77 24.61
N LYS A 77 8.13 -54.98 24.56
CA LYS A 77 7.43 -56.16 25.07
C LYS A 77 7.01 -55.95 26.51
N GLU A 78 7.84 -55.26 27.29
CA GLU A 78 7.52 -55.01 28.69
C GLU A 78 6.45 -53.92 28.75
N VAL A 79 6.48 -52.98 27.81
CA VAL A 79 5.48 -51.92 27.80
C VAL A 79 4.19 -52.49 27.26
N GLU A 80 4.22 -52.94 26.00
CA GLU A 80 3.04 -53.54 25.41
C GLU A 80 2.42 -54.43 26.50
N SER A 81 3.10 -55.53 26.81
CA SER A 81 2.68 -56.54 27.77
C SER A 81 1.97 -56.09 29.05
N MET A 82 2.15 -54.83 29.43
CA MET A 82 1.49 -54.36 30.64
C MET A 82 0.36 -53.42 30.32
N GLY A 83 0.22 -53.12 29.03
CA GLY A 83 -0.85 -52.26 28.56
C GLY A 83 -0.69 -50.77 28.79
N ALA A 84 0.55 -50.32 28.92
CA ALA A 84 0.82 -48.90 29.12
C ALA A 84 1.14 -48.23 27.79
N HIS A 85 0.79 -46.95 27.67
CA HIS A 85 1.05 -46.19 26.46
C HIS A 85 2.15 -45.18 26.71
N LEU A 86 3.31 -45.42 26.12
CA LEU A 86 4.43 -44.51 26.27
C LEU A 86 4.55 -43.65 25.01
N ASN A 87 4.08 -42.42 25.11
CA ASN A 87 4.12 -41.47 23.99
C ASN A 87 4.82 -40.20 24.43
N ALA A 88 5.09 -39.32 23.46
CA ALA A 88 5.78 -38.08 23.76
C ALA A 88 6.10 -37.20 22.56
N TYR A 89 6.80 -36.10 22.85
CA TYR A 89 7.17 -35.12 21.85
C TYR A 89 8.45 -34.34 22.18
N SER A 90 8.72 -33.33 21.36
CA SER A 90 9.87 -32.45 21.53
C SER A 90 9.59 -31.18 20.73
N SER A 91 9.37 -30.05 21.40
CA SER A 91 9.08 -28.78 20.72
C SER A 91 10.33 -27.94 20.47
N ARG A 92 10.32 -26.69 20.90
CA ARG A 92 11.46 -25.82 20.69
C ARG A 92 12.12 -25.56 22.04
N GLU A 93 11.30 -25.55 23.09
CA GLU A 93 11.77 -25.35 24.45
C GLU A 93 11.06 -26.31 25.38
N HIS A 94 10.67 -27.48 24.91
CA HIS A 94 9.91 -28.38 25.77
C HIS A 94 9.94 -29.77 25.15
N THR A 95 10.23 -30.76 25.97
CA THR A 95 10.25 -32.12 25.49
C THR A 95 9.68 -32.90 26.66
N ALA A 96 9.03 -34.02 26.38
CA ALA A 96 8.47 -34.81 27.46
C ALA A 96 8.37 -36.27 27.03
N TYR A 97 8.11 -37.14 27.98
CA TYR A 97 7.95 -38.56 27.72
C TYR A 97 7.04 -39.07 28.79
N TYR A 98 5.78 -39.26 28.43
CA TYR A 98 4.80 -39.74 29.38
C TYR A 98 4.28 -41.14 29.05
N ILE A 99 3.87 -41.86 30.09
CA ILE A 99 3.32 -43.18 29.93
C ILE A 99 1.98 -43.15 30.66
N LYS A 100 1.11 -44.08 30.30
CA LYS A 100 -0.18 -44.15 30.94
C LYS A 100 -0.57 -45.59 31.20
N ALA A 101 -0.52 -45.93 32.49
CA ALA A 101 -0.86 -47.25 32.96
C ALA A 101 -2.01 -47.19 33.96
N LEU A 102 -2.15 -48.26 34.73
CA LEU A 102 -3.25 -48.39 35.67
C LEU A 102 -2.95 -47.94 37.12
N SER A 103 -1.96 -47.06 37.29
CA SER A 103 -1.54 -46.55 38.61
C SER A 103 -0.94 -47.67 39.45
N LYS A 104 -1.34 -48.90 39.13
CA LYS A 104 -0.85 -50.09 39.80
C LYS A 104 0.57 -50.31 39.27
N ASP A 105 1.04 -49.37 38.47
CA ASP A 105 2.35 -49.47 37.88
C ASP A 105 3.28 -48.27 38.12
N VAL A 106 2.83 -47.30 38.92
CA VAL A 106 3.63 -46.11 39.22
C VAL A 106 5.12 -46.48 39.28
N PRO A 107 5.51 -47.33 40.24
CA PRO A 107 6.90 -47.76 40.38
C PRO A 107 7.51 -48.41 39.15
N LYS A 108 6.69 -49.13 38.38
CA LYS A 108 7.18 -49.79 37.17
C LYS A 108 7.30 -48.74 36.06
N ALA A 109 6.26 -47.94 35.85
CA ALA A 109 6.32 -46.90 34.82
C ALA A 109 7.51 -45.99 35.14
N VAL A 110 7.55 -45.45 36.35
CA VAL A 110 8.62 -44.55 36.78
C VAL A 110 10.00 -45.07 36.41
N GLU A 111 10.27 -46.31 36.80
CA GLU A 111 11.56 -46.92 36.46
C GLU A 111 11.79 -46.77 34.96
N LEU A 112 10.85 -47.31 34.20
CA LEU A 112 10.92 -47.24 32.76
C LEU A 112 11.37 -45.85 32.33
N LEU A 113 10.60 -44.84 32.76
CA LEU A 113 10.89 -43.44 32.45
C LEU A 113 12.38 -43.17 32.65
N ALA A 114 12.82 -43.32 33.89
CA ALA A 114 14.20 -43.11 34.24
C ALA A 114 15.14 -43.86 33.29
N ASP A 115 14.85 -45.13 33.02
CA ASP A 115 15.72 -45.90 32.16
C ASP A 115 15.87 -45.37 30.73
N ILE A 116 15.03 -44.42 30.33
CA ILE A 116 15.11 -43.84 28.98
C ILE A 116 15.84 -42.50 29.01
N VAL A 117 15.29 -41.56 29.78
CA VAL A 117 15.89 -40.25 29.94
C VAL A 117 17.36 -40.36 30.34
N GLN A 118 17.77 -41.54 30.79
CA GLN A 118 19.15 -41.73 31.24
C GLN A 118 19.98 -42.72 30.46
N ASN A 119 19.38 -43.84 30.06
CA ASN A 119 20.13 -44.86 29.34
C ASN A 119 19.46 -45.32 28.06
N CYS A 120 19.75 -44.66 26.95
CA CYS A 120 19.15 -45.07 25.71
C CYS A 120 20.14 -45.84 24.87
N SER A 121 19.71 -47.01 24.41
CA SER A 121 20.56 -47.85 23.62
C SER A 121 21.40 -47.05 22.66
N LEU A 122 20.72 -46.23 21.85
CA LEU A 122 21.39 -45.42 20.84
C LEU A 122 22.22 -46.38 19.99
N GLU A 123 21.63 -47.54 19.73
CA GLU A 123 22.30 -48.55 18.94
C GLU A 123 22.70 -47.96 17.59
N ASP A 124 24.00 -47.78 17.40
CA ASP A 124 24.55 -47.20 16.18
C ASP A 124 23.93 -47.81 14.92
N SER A 125 23.36 -48.99 15.07
CA SER A 125 22.72 -49.68 13.96
C SER A 125 21.24 -49.33 13.91
N GLN A 126 20.73 -48.93 15.07
CA GLN A 126 19.34 -48.53 15.20
C GLN A 126 19.24 -47.13 14.62
N ILE A 127 20.26 -46.32 14.92
CA ILE A 127 20.36 -44.93 14.44
C ILE A 127 20.38 -44.82 12.92
N GLU A 128 21.35 -45.47 12.28
CA GLU A 128 21.47 -45.44 10.83
C GLU A 128 20.17 -45.80 10.10
N LYS A 129 19.17 -46.30 10.83
CA LYS A 129 17.87 -46.64 10.24
C LYS A 129 16.94 -45.46 10.52
N GLU A 130 16.79 -45.11 11.80
CA GLU A 130 15.97 -43.97 12.19
C GLU A 130 16.43 -42.73 11.46
N ARG A 131 17.65 -42.78 10.93
CA ARG A 131 18.19 -41.65 10.18
C ARG A 131 17.34 -41.51 8.93
N ASP A 132 17.35 -42.53 8.10
CA ASP A 132 16.57 -42.51 6.86
C ASP A 132 15.06 -42.48 7.12
N VAL A 133 14.66 -42.81 8.35
CA VAL A 133 13.25 -42.80 8.73
C VAL A 133 12.81 -41.38 8.88
N ILE A 134 13.58 -40.60 9.60
CA ILE A 134 13.24 -39.20 9.80
C ILE A 134 13.26 -38.51 8.45
N VAL A 135 14.39 -38.63 7.75
CA VAL A 135 14.56 -38.02 6.42
C VAL A 135 13.35 -38.28 5.50
N ARG A 136 12.55 -39.28 5.84
CA ARG A 136 11.35 -39.62 5.08
C ARG A 136 10.18 -38.94 5.80
N GLU A 137 10.13 -39.16 7.10
CA GLU A 137 9.13 -38.63 8.00
C GLU A 137 9.12 -37.12 7.97
N LEU A 138 10.24 -36.56 7.50
CA LEU A 138 10.41 -35.13 7.43
C LEU A 138 9.81 -34.69 6.12
N GLN A 139 10.04 -35.52 5.10
CA GLN A 139 9.55 -35.26 3.76
C GLN A 139 8.04 -35.33 3.77
N GLU A 140 7.50 -35.85 4.87
CA GLU A 140 6.06 -35.95 5.02
C GLU A 140 5.62 -34.68 5.72
N ASN A 141 6.27 -34.33 6.84
CA ASN A 141 5.92 -33.11 7.58
C ASN A 141 5.82 -31.97 6.59
N ASP A 142 6.58 -32.10 5.52
CA ASP A 142 6.67 -31.08 4.50
C ASP A 142 5.40 -30.68 3.76
N THR A 143 4.63 -31.62 3.23
CA THR A 143 3.45 -31.18 2.51
C THR A 143 2.26 -30.91 3.44
N SER A 144 2.54 -30.75 4.72
CA SER A 144 1.51 -30.41 5.70
C SER A 144 1.57 -28.91 5.78
N MET A 145 1.25 -28.25 4.66
CA MET A 145 1.29 -26.78 4.56
C MET A 145 0.78 -26.12 5.84
N ARG A 146 -0.13 -26.82 6.49
CA ARG A 146 -0.73 -26.36 7.73
C ARG A 146 0.33 -26.11 8.78
N GLU A 147 1.51 -26.72 8.59
CA GLU A 147 2.64 -26.58 9.51
C GLU A 147 3.78 -25.77 8.92
N VAL A 148 4.34 -26.25 7.81
CA VAL A 148 5.44 -25.53 7.16
C VAL A 148 5.22 -24.03 7.28
N VAL A 149 3.97 -23.62 7.18
CA VAL A 149 3.62 -22.22 7.29
C VAL A 149 3.98 -21.65 8.66
N PHE A 150 4.01 -22.48 9.69
CA PHE A 150 4.38 -22.00 11.02
C PHE A 150 5.87 -21.93 11.20
N ASN A 151 6.57 -22.99 10.81
CA ASN A 151 8.03 -22.97 10.94
C ASN A 151 8.53 -21.73 10.20
N TYR A 152 8.13 -21.57 8.95
CA TYR A 152 8.53 -20.43 8.16
C TYR A 152 8.19 -19.17 8.93
N LEU A 153 7.09 -19.21 9.69
CA LEU A 153 6.71 -18.04 10.47
C LEU A 153 7.84 -17.86 11.45
N HIS A 154 8.13 -18.90 12.22
CA HIS A 154 9.23 -18.81 13.18
C HIS A 154 10.47 -18.35 12.44
N ALA A 155 10.81 -19.10 11.40
CA ALA A 155 11.95 -18.80 10.57
C ALA A 155 12.22 -17.31 10.33
N THR A 156 11.17 -16.57 10.02
CA THR A 156 11.33 -15.16 9.76
C THR A 156 10.99 -14.32 10.98
N ALA A 157 10.04 -14.79 11.77
CA ALA A 157 9.63 -14.05 12.95
C ALA A 157 10.80 -13.88 13.88
N PHE A 158 11.56 -14.96 14.08
CA PHE A 158 12.70 -14.90 14.97
C PHE A 158 14.00 -15.10 14.21
N GLN A 159 14.00 -14.76 12.94
CA GLN A 159 15.18 -14.92 12.08
C GLN A 159 16.52 -14.73 12.81
N GLY A 160 17.51 -15.53 12.42
CA GLY A 160 18.82 -15.41 13.05
C GLY A 160 19.06 -16.05 14.40
N THR A 161 18.03 -16.17 15.24
CA THR A 161 18.21 -16.77 16.57
C THR A 161 17.93 -18.25 16.65
N GLY A 162 17.90 -18.79 17.88
CA GLY A 162 17.66 -20.21 18.10
C GLY A 162 16.27 -20.75 17.82
N LEU A 163 15.24 -19.96 18.08
CA LEU A 163 13.87 -20.38 17.83
C LEU A 163 13.64 -20.67 16.37
N ALA A 164 14.14 -19.77 15.51
CA ALA A 164 14.01 -19.87 14.05
C ALA A 164 14.30 -21.25 13.47
N GLN A 165 15.15 -22.02 14.17
CA GLN A 165 15.49 -23.39 13.74
C GLN A 165 14.28 -24.26 14.07
N SER A 166 13.86 -25.07 13.11
CA SER A 166 12.70 -25.94 13.30
C SER A 166 13.02 -27.19 14.11
N VAL A 167 12.13 -27.51 15.04
CA VAL A 167 12.29 -28.66 15.91
C VAL A 167 12.84 -29.85 15.19
N GLU A 168 12.55 -29.96 13.91
CA GLU A 168 13.00 -31.10 13.12
C GLU A 168 14.46 -31.06 12.70
N GLY A 169 14.97 -29.86 12.37
CA GLY A 169 16.34 -29.71 11.94
C GLY A 169 16.60 -30.02 10.48
N PRO A 170 17.57 -29.37 9.83
CA PRO A 170 17.90 -29.57 8.41
C PRO A 170 18.19 -31.01 8.03
N SER A 171 17.98 -31.32 6.76
CA SER A 171 18.24 -32.65 6.27
C SER A 171 19.71 -33.00 6.41
N GLU A 172 20.58 -32.02 6.16
CA GLU A 172 22.01 -32.24 6.22
C GLU A 172 22.49 -32.73 7.60
N ASN A 173 21.86 -32.26 8.67
CA ASN A 173 22.26 -32.70 10.00
C ASN A 173 21.73 -34.11 10.29
N ILE A 174 20.45 -34.34 10.00
CA ILE A 174 19.86 -35.62 10.22
C ILE A 174 20.57 -36.63 9.34
N ARG A 175 21.19 -36.15 8.27
CA ARG A 175 21.94 -37.03 7.37
C ARG A 175 23.34 -37.28 7.93
N LYS A 176 23.77 -36.48 8.88
CA LYS A 176 25.10 -36.65 9.42
C LYS A 176 25.27 -36.59 10.92
N LEU A 177 24.20 -36.68 11.70
CA LEU A 177 24.38 -36.66 13.15
C LEU A 177 25.12 -37.92 13.58
N SER A 178 26.06 -37.77 14.51
CA SER A 178 26.87 -38.91 14.97
C SER A 178 26.41 -39.58 16.25
N ARG A 179 26.61 -40.89 16.27
CA ARG A 179 26.26 -41.73 17.40
C ARG A 179 26.46 -40.85 18.62
N ALA A 180 27.58 -40.14 18.57
CA ALA A 180 28.00 -39.25 19.62
C ALA A 180 27.07 -38.07 19.87
N ASP A 181 27.04 -37.14 18.92
CA ASP A 181 26.24 -35.93 19.02
C ASP A 181 24.91 -36.11 19.73
N LEU A 182 24.30 -37.28 19.55
CA LEU A 182 23.04 -37.60 20.21
C LEU A 182 23.30 -37.64 21.70
N THR A 183 24.28 -38.45 22.07
CA THR A 183 24.68 -38.60 23.46
C THR A 183 25.12 -37.25 23.97
N GLU A 184 25.84 -36.51 23.11
CA GLU A 184 26.31 -35.19 23.50
C GLU A 184 25.11 -34.33 23.86
N TYR A 185 23.95 -34.65 23.30
CA TYR A 185 22.71 -33.93 23.57
C TYR A 185 22.10 -34.41 24.88
N LEU A 186 21.92 -35.72 24.97
CA LEU A 186 21.35 -36.35 26.15
C LEU A 186 22.03 -35.92 27.43
N SER A 187 23.32 -36.24 27.55
CA SER A 187 24.10 -35.94 28.73
C SER A 187 24.15 -34.46 29.02
N THR A 188 23.99 -33.64 27.99
CA THR A 188 24.05 -32.20 28.19
C THR A 188 22.76 -31.61 28.78
N HIS A 189 21.60 -31.94 28.19
CA HIS A 189 20.33 -31.39 28.65
C HIS A 189 19.45 -32.25 29.54
N TYR A 190 19.47 -33.55 29.34
CA TYR A 190 18.64 -34.42 30.15
C TYR A 190 19.00 -34.51 31.62
N THR A 191 18.89 -33.39 32.34
CA THR A 191 19.24 -33.39 33.76
C THR A 191 18.10 -32.99 34.71
N ALA A 192 18.02 -33.74 35.80
CA ALA A 192 17.02 -33.56 36.84
C ALA A 192 16.54 -32.14 37.10
N PRO A 193 17.48 -31.20 37.33
CA PRO A 193 17.07 -29.82 37.59
C PRO A 193 16.15 -29.24 36.53
N ARG A 194 16.29 -29.73 35.29
CA ARG A 194 15.45 -29.26 34.18
C ARG A 194 14.37 -30.31 33.84
N MET A 195 14.31 -31.40 34.59
CA MET A 195 13.32 -32.42 34.29
C MET A 195 12.24 -32.47 35.37
N VAL A 196 11.02 -32.80 34.98
CA VAL A 196 9.93 -32.88 35.94
C VAL A 196 9.18 -34.19 35.86
N LEU A 197 8.97 -34.79 37.02
CA LEU A 197 8.25 -36.04 37.12
C LEU A 197 6.87 -35.63 37.61
N ALA A 198 5.90 -35.72 36.71
CA ALA A 198 4.53 -35.36 37.02
C ALA A 198 3.60 -36.50 36.66
N ALA A 199 2.45 -36.55 37.31
CA ALA A 199 1.49 -37.60 37.05
C ALA A 199 0.12 -37.25 37.57
N ALA A 200 -0.88 -37.96 37.07
CA ALA A 200 -2.26 -37.76 37.50
C ALA A 200 -3.06 -39.06 37.37
N GLY A 201 -3.96 -39.29 38.32
CA GLY A 201 -4.78 -40.49 38.33
C GLY A 201 -5.13 -40.92 39.74
N GLY A 202 -4.79 -42.16 40.10
CA GLY A 202 -5.10 -42.64 41.44
C GLY A 202 -3.88 -42.70 42.35
N VAL A 203 -2.75 -42.21 41.86
CA VAL A 203 -1.47 -42.22 42.59
C VAL A 203 -1.38 -41.41 43.91
N GLU A 204 -0.61 -41.95 44.86
CA GLU A 204 -0.37 -41.33 46.17
C GLU A 204 1.04 -40.75 46.18
N HIS A 205 1.12 -39.45 45.92
CA HIS A 205 2.39 -38.75 45.85
C HIS A 205 3.56 -39.48 46.47
N GLN A 206 3.54 -39.63 47.80
CA GLN A 206 4.66 -40.28 48.45
C GLN A 206 5.15 -41.51 47.71
N GLN A 207 4.24 -42.43 47.35
CA GLN A 207 4.68 -43.62 46.64
C GLN A 207 5.46 -43.23 45.40
N LEU A 208 5.01 -42.16 44.74
CA LEU A 208 5.70 -41.70 43.55
C LEU A 208 7.10 -41.26 43.98
N LEU A 209 7.16 -40.19 44.77
CA LEU A 209 8.42 -39.66 45.27
C LEU A 209 9.45 -40.76 45.40
N GLU A 210 9.22 -41.59 46.41
CA GLU A 210 10.10 -42.71 46.74
C GLU A 210 10.56 -43.54 45.57
N LEU A 211 9.69 -43.72 44.57
CA LEU A 211 10.06 -44.51 43.40
C LEU A 211 10.99 -43.68 42.54
N ALA A 212 10.66 -42.41 42.37
CA ALA A 212 11.51 -41.52 41.59
C ALA A 212 12.77 -41.37 42.42
N GLN A 213 12.56 -40.92 43.64
CA GLN A 213 13.61 -40.73 44.62
C GLN A 213 14.43 -42.02 44.66
N LYS A 214 13.86 -43.08 44.09
CA LYS A 214 14.49 -44.40 44.06
C LYS A 214 15.16 -44.74 42.72
N HIS A 215 14.48 -44.48 41.60
CA HIS A 215 15.08 -44.81 40.30
C HIS A 215 15.86 -43.67 39.66
N PHE A 216 15.75 -42.48 40.26
CA PHE A 216 16.48 -41.30 39.80
C PHE A 216 17.59 -41.04 40.82
N GLY A 217 18.48 -42.02 40.93
CA GLY A 217 19.59 -41.90 41.87
C GLY A 217 20.68 -40.99 41.33
N GLY A 218 20.27 -39.78 40.93
CA GLY A 218 21.23 -38.82 40.41
C GLY A 218 21.97 -38.11 41.54
N VAL A 219 23.22 -37.72 41.27
CA VAL A 219 24.04 -37.04 42.27
C VAL A 219 24.83 -35.87 41.70
N PRO A 220 24.47 -34.65 42.09
CA PRO A 220 25.11 -33.40 41.65
C PRO A 220 26.36 -32.97 42.46
N PHE A 221 27.53 -33.04 41.85
CA PHE A 221 28.74 -32.61 42.55
C PHE A 221 28.82 -31.08 42.45
N THR A 222 29.43 -30.60 41.35
CA THR A 222 29.63 -29.18 41.09
C THR A 222 28.41 -28.27 41.31
N TYR A 223 28.63 -26.95 41.30
CA TYR A 223 27.54 -25.97 41.47
C TYR A 223 26.84 -25.86 40.13
N ASP A 224 27.58 -26.14 39.06
CA ASP A 224 27.06 -26.10 37.70
C ASP A 224 25.87 -27.05 37.62
N ASP A 225 26.16 -28.34 37.75
CA ASP A 225 25.14 -29.39 37.70
C ASP A 225 23.82 -29.00 38.36
N ASP A 226 23.90 -28.22 39.44
CA ASP A 226 22.71 -27.81 40.16
C ASP A 226 22.08 -26.53 39.59
N ALA A 227 22.74 -25.92 38.60
CA ALA A 227 22.26 -24.69 37.97
C ALA A 227 21.74 -24.88 36.54
N VAL A 228 20.58 -24.28 36.27
CA VAL A 228 19.95 -24.35 34.95
C VAL A 228 20.21 -23.09 34.12
N PRO A 229 20.95 -23.22 33.01
CA PRO A 229 21.28 -22.11 32.11
C PRO A 229 20.07 -21.39 31.50
N THR A 230 20.10 -20.06 31.53
CA THR A 230 19.02 -19.28 30.94
C THR A 230 19.43 -19.05 29.49
N LEU A 231 18.46 -19.15 28.58
CA LEU A 231 18.72 -19.01 27.15
C LEU A 231 18.93 -17.66 26.52
N SER A 232 19.71 -17.68 25.45
CA SER A 232 20.04 -16.50 24.69
C SER A 232 18.74 -15.90 24.16
N LYS A 233 18.56 -14.60 24.36
CA LYS A 233 17.35 -13.90 23.90
C LYS A 233 17.25 -13.94 22.36
N CYS A 234 16.04 -14.18 21.86
CA CYS A 234 15.80 -14.24 20.42
C CYS A 234 15.18 -12.93 19.89
N ARG A 235 15.87 -12.32 18.93
CA ARG A 235 15.41 -11.07 18.34
C ARG A 235 14.20 -11.24 17.44
N PHE A 236 13.11 -10.57 17.79
CA PHE A 236 11.92 -10.66 16.95
C PHE A 236 12.21 -9.75 15.76
N THR A 237 11.79 -10.16 14.58
CA THR A 237 12.09 -9.34 13.41
C THR A 237 10.93 -9.17 12.45
N GLY A 238 10.13 -8.14 12.69
CA GLY A 238 9.00 -7.87 11.83
C GLY A 238 9.42 -8.04 10.37
N SER A 239 8.91 -9.07 9.74
CA SER A 239 9.26 -9.29 8.36
C SER A 239 8.34 -10.32 7.79
N GLN A 240 8.66 -10.71 6.57
CA GLN A 240 7.87 -11.70 5.90
C GLN A 240 8.76 -12.71 5.22
N ILE A 241 8.12 -13.80 4.82
CA ILE A 241 8.78 -14.87 4.10
C ILE A 241 7.67 -15.49 3.25
N ARG A 242 7.86 -15.45 1.93
CA ARG A 242 6.86 -15.97 1.01
C ARG A 242 7.39 -17.12 0.17
N HIS A 243 6.74 -18.28 0.32
CA HIS A 243 7.12 -19.45 -0.43
C HIS A 243 5.98 -19.71 -1.39
N ARG A 244 5.88 -18.90 -2.43
CA ARG A 244 4.79 -19.02 -3.39
C ARG A 244 4.79 -20.30 -4.17
N GLU A 245 3.60 -20.65 -4.64
CA GLU A 245 3.39 -21.81 -5.47
C GLU A 245 1.95 -21.91 -5.84
N ASP A 246 1.59 -21.30 -6.95
CA ASP A 246 0.23 -21.33 -7.42
C ASP A 246 -0.16 -22.77 -7.78
N GLY A 247 0.80 -23.67 -7.67
CA GLY A 247 0.52 -25.06 -7.98
C GLY A 247 -0.29 -25.68 -6.88
N LEU A 248 -0.33 -25.04 -5.70
CA LEU A 248 -1.08 -25.57 -4.57
C LEU A 248 -2.54 -25.21 -4.52
N PRO A 249 -3.36 -26.10 -3.96
CA PRO A 249 -4.80 -25.94 -3.83
C PRO A 249 -5.12 -24.59 -3.29
N LEU A 250 -4.38 -24.20 -2.27
CA LEU A 250 -4.60 -22.89 -1.71
C LEU A 250 -3.41 -22.45 -0.91
N ALA A 251 -3.48 -21.19 -0.53
CA ALA A 251 -2.42 -20.57 0.22
C ALA A 251 -2.76 -20.47 1.70
N HIS A 252 -1.71 -20.44 2.52
CA HIS A 252 -1.83 -20.30 3.96
C HIS A 252 -1.17 -18.99 4.29
N VAL A 253 -1.65 -18.34 5.34
CA VAL A 253 -1.08 -17.07 5.78
C VAL A 253 -1.04 -17.04 7.29
N ALA A 254 0.09 -16.64 7.84
CA ALA A 254 0.21 -16.60 9.28
C ALA A 254 0.97 -15.34 9.61
N ILE A 255 0.35 -14.46 10.37
CA ILE A 255 1.02 -13.21 10.75
C ILE A 255 0.96 -13.14 12.26
N ALA A 256 1.93 -12.46 12.86
CA ALA A 256 1.95 -12.34 14.30
C ALA A 256 2.90 -11.27 14.84
N VAL A 257 2.68 -10.89 16.09
CA VAL A 257 3.47 -9.90 16.81
C VAL A 257 4.25 -10.63 17.90
N GLU A 258 5.26 -10.00 18.50
CA GLU A 258 6.02 -10.71 19.52
C GLU A 258 5.17 -10.98 20.76
N GLY A 259 5.29 -12.20 21.31
CA GLY A 259 4.54 -12.58 22.50
C GLY A 259 5.37 -12.27 23.74
N PRO A 260 4.73 -12.01 24.89
CA PRO A 260 5.38 -11.69 26.17
C PRO A 260 6.28 -12.75 26.80
N GLY A 261 5.78 -13.98 26.93
CA GLY A 261 6.53 -15.04 27.56
C GLY A 261 5.65 -15.56 28.68
N TRP A 262 5.65 -16.87 28.90
CA TRP A 262 4.78 -17.44 29.93
C TRP A 262 4.61 -16.56 31.16
N ALA A 263 5.71 -16.25 31.81
CA ALA A 263 5.70 -15.44 33.00
C ALA A 263 4.62 -14.36 33.03
N HIS A 264 4.76 -13.40 32.12
CA HIS A 264 3.88 -12.24 32.01
C HIS A 264 2.41 -12.49 32.31
N PRO A 265 1.87 -11.78 33.30
CA PRO A 265 0.48 -11.86 33.75
C PRO A 265 -0.51 -11.48 32.67
N ASP A 266 -0.06 -10.68 31.71
CA ASP A 266 -0.95 -10.25 30.64
C ASP A 266 -1.33 -11.39 29.71
N LEU A 267 -0.51 -12.42 29.62
CA LEU A 267 -0.86 -13.54 28.75
C LEU A 267 -2.29 -13.97 29.00
N VAL A 268 -2.85 -13.53 30.12
CA VAL A 268 -4.23 -13.86 30.45
C VAL A 268 -5.08 -13.00 29.52
N ALA A 269 -5.29 -11.74 29.90
CA ALA A 269 -6.10 -10.79 29.12
C ALA A 269 -5.90 -11.04 27.63
N LEU A 270 -4.66 -11.32 27.29
CA LEU A 270 -4.27 -11.59 25.92
C LEU A 270 -4.97 -12.87 25.44
N GLN A 271 -4.95 -13.88 26.28
CA GLN A 271 -5.56 -15.17 25.97
C GLN A 271 -7.06 -14.93 25.73
N VAL A 272 -7.62 -14.03 26.52
CA VAL A 272 -9.04 -13.68 26.42
C VAL A 272 -9.25 -13.03 25.08
N ALA A 273 -8.25 -12.26 24.66
CA ALA A 273 -8.31 -11.58 23.38
C ALA A 273 -8.64 -12.63 22.33
N ASN A 274 -7.70 -13.54 22.12
CA ASN A 274 -7.87 -14.62 21.16
C ASN A 274 -9.18 -15.34 21.33
N ALA A 275 -9.82 -15.17 22.46
CA ALA A 275 -11.09 -15.85 22.70
C ALA A 275 -12.18 -15.18 21.89
N ILE A 276 -12.06 -13.88 21.80
CA ILE A 276 -13.03 -13.05 21.11
C ILE A 276 -13.16 -13.21 19.59
N ILE A 277 -12.07 -13.48 18.90
CA ILE A 277 -12.14 -13.66 17.44
C ILE A 277 -12.11 -15.15 17.13
N GLY A 278 -11.58 -15.91 18.07
CA GLY A 278 -11.48 -17.36 17.94
C GLY A 278 -11.04 -17.97 16.63
N HIS A 279 -11.80 -18.95 16.17
CA HIS A 279 -11.52 -19.63 14.91
C HIS A 279 -12.76 -20.12 14.16
N TYR A 280 -12.61 -20.29 12.84
CA TYR A 280 -13.69 -20.77 12.00
C TYR A 280 -13.13 -21.95 11.26
N ASP A 281 -14.01 -22.64 10.53
CA ASP A 281 -13.64 -23.83 9.79
C ASP A 281 -14.90 -24.40 9.17
N ARG A 282 -15.12 -24.09 7.90
CA ARG A 282 -16.29 -24.50 7.13
C ARG A 282 -17.25 -25.60 7.57
N THR A 283 -16.86 -26.44 8.51
CA THR A 283 -17.74 -27.51 8.96
C THR A 283 -18.70 -27.05 10.06
N TYR A 284 -18.27 -26.05 10.82
CA TYR A 284 -19.02 -25.46 11.93
C TYR A 284 -20.54 -25.46 11.98
N GLY A 285 -21.13 -24.45 11.38
CA GLY A 285 -22.58 -24.30 11.39
C GLY A 285 -22.82 -22.96 12.06
N GLY A 286 -22.52 -21.89 11.33
CA GLY A 286 -22.72 -20.57 11.88
C GLY A 286 -22.26 -19.40 11.05
N GLY A 287 -23.18 -18.80 10.32
CA GLY A 287 -22.88 -17.60 9.57
C GLY A 287 -23.49 -16.64 10.55
N LEU A 288 -24.01 -17.25 11.60
CA LEU A 288 -24.67 -16.55 12.68
C LEU A 288 -23.78 -16.54 13.90
N HIS A 289 -22.62 -17.14 13.80
CA HIS A 289 -21.71 -17.18 14.94
C HIS A 289 -21.68 -16.04 15.93
N SER A 290 -21.12 -16.37 17.08
CA SER A 290 -20.96 -15.43 18.17
C SER A 290 -20.07 -14.33 17.64
N SER A 291 -20.10 -13.19 18.33
CA SER A 291 -19.32 -12.02 17.95
C SER A 291 -18.23 -12.35 16.95
N SER A 292 -17.26 -13.22 17.30
CA SER A 292 -16.18 -13.61 16.36
C SER A 292 -16.59 -13.23 14.93
N PRO A 293 -16.52 -11.93 14.60
CA PRO A 293 -16.94 -11.57 13.26
C PRO A 293 -16.05 -12.26 12.29
N LEU A 294 -14.76 -12.27 12.59
CA LEU A 294 -13.84 -12.88 11.69
C LEU A 294 -14.54 -14.15 11.24
N ALA A 295 -15.19 -14.82 12.20
CA ALA A 295 -15.92 -16.03 11.87
C ALA A 295 -17.07 -15.64 10.96
N SER A 296 -18.02 -14.88 11.49
CA SER A 296 -19.19 -14.43 10.73
C SER A 296 -18.80 -14.01 9.32
N ILE A 297 -18.12 -12.88 9.26
CA ILE A 297 -17.65 -12.35 8.00
C ILE A 297 -16.99 -13.43 7.16
N ALA A 298 -16.30 -14.33 7.81
CA ALA A 298 -15.63 -15.39 7.06
C ALA A 298 -16.67 -16.21 6.32
N VAL A 299 -17.87 -16.23 6.88
CA VAL A 299 -18.94 -16.98 6.29
C VAL A 299 -19.62 -16.18 5.21
N THR A 300 -20.20 -15.05 5.61
CA THR A 300 -20.94 -14.17 4.71
C THR A 300 -20.24 -14.00 3.37
N ASN A 301 -18.98 -13.61 3.43
CA ASN A 301 -18.20 -13.36 2.23
C ASN A 301 -17.27 -14.52 1.85
N LYS A 302 -17.56 -15.70 2.41
CA LYS A 302 -16.78 -16.92 2.16
C LYS A 302 -15.30 -16.57 2.11
N LEU A 303 -14.80 -16.04 3.21
CA LEU A 303 -13.41 -15.63 3.30
C LEU A 303 -12.36 -16.72 3.38
N CYS A 304 -12.50 -17.64 4.32
CA CYS A 304 -11.50 -18.68 4.47
C CYS A 304 -12.02 -20.11 4.70
N GLN A 305 -11.16 -21.08 4.41
CA GLN A 305 -11.48 -22.48 4.61
C GLN A 305 -11.44 -22.69 6.11
N SER A 306 -10.55 -21.95 6.76
CA SER A 306 -10.37 -22.09 8.18
C SER A 306 -9.36 -21.08 8.69
N PHE A 307 -9.59 -20.54 9.88
CA PHE A 307 -8.66 -19.60 10.46
C PHE A 307 -8.62 -19.89 11.95
N GLN A 308 -7.47 -19.66 12.56
CA GLN A 308 -7.28 -19.88 13.99
C GLN A 308 -6.38 -18.84 14.62
N THR A 309 -6.75 -18.43 15.83
CA THR A 309 -5.97 -17.43 16.55
C THR A 309 -5.10 -18.20 17.54
N PHE A 310 -3.88 -17.72 17.76
CA PHE A 310 -2.93 -18.39 18.66
C PHE A 310 -1.95 -17.46 19.36
N SER A 311 -1.65 -17.76 20.63
CA SER A 311 -0.68 -17.00 21.41
C SER A 311 0.48 -17.89 21.83
N ILE A 312 0.95 -18.72 20.90
CA ILE A 312 2.07 -19.61 21.15
C ILE A 312 3.16 -18.85 21.86
N CYS A 313 3.40 -19.16 23.14
CA CYS A 313 4.45 -18.46 23.87
C CYS A 313 5.54 -19.37 24.40
N TYR A 314 6.67 -18.77 24.78
CA TYR A 314 7.80 -19.52 25.28
C TYR A 314 8.31 -18.90 26.57
N SER A 315 9.50 -19.35 26.96
CA SER A 315 10.16 -18.87 28.16
C SER A 315 10.10 -17.35 28.29
N GLU A 316 10.85 -16.66 27.43
CA GLU A 316 10.92 -15.20 27.43
C GLU A 316 10.36 -14.45 26.23
N THR A 317 9.84 -15.17 25.23
CA THR A 317 9.27 -14.54 24.04
C THR A 317 7.97 -15.23 23.64
N GLY A 318 7.41 -14.83 22.49
CA GLY A 318 6.16 -15.43 22.03
C GLY A 318 5.74 -15.08 20.61
N LEU A 319 4.59 -15.60 20.19
CA LEU A 319 4.06 -15.34 18.85
C LEU A 319 2.56 -15.22 18.87
N PHE A 320 2.05 -14.02 19.09
CA PHE A 320 0.62 -13.78 19.14
C PHE A 320 0.12 -13.39 17.76
N GLY A 321 -0.64 -14.27 17.11
CA GLY A 321 -1.11 -13.91 15.79
C GLY A 321 -2.42 -14.54 15.35
N PHE A 322 -2.42 -15.02 14.11
CA PHE A 322 -3.57 -15.68 13.55
C PHE A 322 -3.12 -16.31 12.25
N TYR A 323 -3.76 -17.42 11.92
CA TYR A 323 -3.44 -18.20 10.73
C TYR A 323 -4.67 -18.62 9.99
N PHE A 324 -4.70 -18.40 8.69
CA PHE A 324 -5.85 -18.79 7.90
C PHE A 324 -5.47 -19.50 6.60
N VAL A 325 -6.43 -20.25 6.08
CA VAL A 325 -6.24 -20.98 4.85
C VAL A 325 -7.34 -20.49 3.91
N CYS A 326 -6.99 -20.09 2.69
CA CYS A 326 -8.04 -19.61 1.81
C CYS A 326 -7.72 -19.78 0.35
N ASP A 327 -8.76 -19.82 -0.48
CA ASP A 327 -8.63 -19.96 -1.93
C ASP A 327 -7.66 -18.93 -2.47
N ARG A 328 -6.99 -19.27 -3.53
CA ARG A 328 -6.04 -18.36 -4.12
C ARG A 328 -6.61 -16.96 -4.17
N MET A 329 -7.91 -16.90 -4.42
CA MET A 329 -8.69 -15.65 -4.62
C MET A 329 -9.21 -14.78 -3.50
N SER A 330 -9.55 -15.35 -2.36
CA SER A 330 -10.09 -14.50 -1.31
C SER A 330 -9.09 -14.20 -0.23
N ILE A 331 -7.82 -14.43 -0.52
CA ILE A 331 -6.78 -14.20 0.48
C ILE A 331 -6.87 -12.78 1.00
N ASP A 332 -6.86 -11.81 0.11
CA ASP A 332 -6.87 -10.44 0.56
C ASP A 332 -8.06 -10.14 1.45
N ASP A 333 -9.24 -9.95 0.88
CA ASP A 333 -10.41 -9.64 1.69
C ASP A 333 -10.28 -10.23 3.09
N MET A 334 -9.74 -11.44 3.20
CA MET A 334 -9.61 -12.09 4.50
C MET A 334 -8.69 -11.34 5.43
N MET A 335 -7.43 -11.21 5.02
CA MET A 335 -6.46 -10.49 5.84
C MET A 335 -7.20 -9.25 6.32
N PHE A 336 -7.44 -8.38 5.36
CA PHE A 336 -8.14 -7.15 5.60
C PHE A 336 -9.14 -7.28 6.74
N VAL A 337 -10.16 -8.10 6.50
CA VAL A 337 -11.22 -8.27 7.48
C VAL A 337 -10.64 -8.74 8.81
N LEU A 338 -9.72 -9.69 8.74
CA LEU A 338 -9.09 -10.25 9.92
C LEU A 338 -8.26 -9.22 10.66
N GLN A 339 -7.17 -8.85 10.02
CA GLN A 339 -6.25 -7.87 10.58
C GLN A 339 -7.08 -6.72 11.12
N GLY A 340 -8.16 -6.40 10.41
CA GLY A 340 -9.01 -5.32 10.86
C GLY A 340 -9.47 -5.67 12.27
N GLN A 341 -9.94 -6.89 12.46
CA GLN A 341 -10.40 -7.30 13.77
C GLN A 341 -9.42 -6.99 14.87
N TRP A 342 -8.15 -7.37 14.71
CA TRP A 342 -7.19 -7.03 15.74
C TRP A 342 -7.42 -5.60 16.18
N MET A 343 -7.40 -4.70 15.22
CA MET A 343 -7.62 -3.28 15.50
C MET A 343 -8.86 -3.13 16.36
N ARG A 344 -10.02 -3.41 15.77
CA ARG A 344 -11.28 -3.30 16.48
C ARG A 344 -11.01 -3.79 17.88
N LEU A 345 -10.54 -5.03 17.95
CA LEU A 345 -10.22 -5.67 19.21
C LEU A 345 -9.57 -4.78 20.26
N CYS A 346 -8.55 -4.05 19.85
CA CYS A 346 -7.85 -3.19 20.78
C CYS A 346 -8.04 -1.70 20.59
N THR A 347 -9.17 -1.34 19.99
CA THR A 347 -9.48 0.06 19.78
C THR A 347 -10.90 0.35 20.24
N SER A 348 -11.78 -0.63 20.07
CA SER A 348 -13.18 -0.49 20.48
C SER A 348 -13.83 -1.85 20.74
N ILE A 349 -13.32 -2.53 21.76
CA ILE A 349 -13.84 -3.84 22.15
C ILE A 349 -14.83 -3.55 23.28
N SER A 350 -15.91 -4.34 23.38
CA SER A 350 -16.90 -4.11 24.43
C SER A 350 -16.98 -5.17 25.52
N GLU A 351 -17.61 -4.80 26.63
CA GLU A 351 -17.77 -5.67 27.78
C GLU A 351 -18.54 -6.91 27.37
N SER A 352 -19.71 -6.69 26.79
CA SER A 352 -20.56 -7.77 26.35
C SER A 352 -19.73 -8.79 25.59
N GLU A 353 -18.67 -8.31 24.96
CA GLU A 353 -17.82 -9.21 24.21
C GLU A 353 -16.95 -9.99 25.16
N VAL A 354 -16.08 -9.28 25.89
CA VAL A 354 -15.19 -9.94 26.82
C VAL A 354 -15.94 -10.91 27.70
N LEU A 355 -17.18 -10.59 28.06
CA LEU A 355 -17.97 -11.47 28.92
C LEU A 355 -17.94 -12.86 28.33
N ARG A 356 -18.35 -12.99 27.08
CA ARG A 356 -18.35 -14.29 26.44
C ARG A 356 -16.92 -14.83 26.35
N GLY A 357 -16.02 -14.01 25.79
CA GLY A 357 -14.64 -14.42 25.66
C GLY A 357 -14.25 -15.24 26.87
N LYS A 358 -14.24 -14.60 28.02
CA LYS A 358 -13.90 -15.24 29.30
C LYS A 358 -14.51 -16.63 29.38
N ASN A 359 -15.84 -16.70 29.51
CA ASN A 359 -16.53 -17.99 29.61
C ASN A 359 -16.04 -18.98 28.56
N PHE A 360 -15.71 -18.48 27.38
CA PHE A 360 -15.21 -19.37 26.34
C PHE A 360 -13.86 -19.92 26.76
N LEU A 361 -13.07 -19.08 27.40
CA LEU A 361 -11.74 -19.49 27.85
C LEU A 361 -11.95 -20.44 29.02
N ARG A 362 -12.81 -20.04 29.95
CA ARG A 362 -13.09 -20.83 31.13
C ARG A 362 -13.60 -22.20 30.75
N ASN A 363 -14.02 -22.35 29.51
CA ASN A 363 -14.50 -23.64 29.05
C ASN A 363 -13.30 -24.47 28.57
N ALA A 364 -12.39 -23.81 27.85
CA ALA A 364 -11.19 -24.49 27.35
C ALA A 364 -10.24 -24.62 28.52
N LEU A 365 -10.34 -23.66 29.43
CA LEU A 365 -9.54 -23.60 30.64
C LEU A 365 -9.73 -24.92 31.36
N VAL A 366 -11.00 -25.30 31.50
CA VAL A 366 -11.36 -26.54 32.16
C VAL A 366 -11.06 -27.75 31.31
N SER A 367 -11.59 -27.77 30.10
CA SER A 367 -11.40 -28.88 29.19
C SER A 367 -9.95 -29.03 28.73
N HIS A 368 -9.09 -28.14 29.21
CA HIS A 368 -7.68 -28.21 28.86
C HIS A 368 -7.17 -29.38 29.71
N LEU A 369 -7.85 -29.56 30.85
CA LEU A 369 -7.55 -30.61 31.81
C LEU A 369 -8.69 -31.64 31.76
N ASP A 370 -8.67 -32.46 30.73
CA ASP A 370 -9.70 -33.48 30.54
C ASP A 370 -9.10 -34.88 30.46
N GLY A 371 -8.93 -35.49 31.62
CA GLY A 371 -8.37 -36.83 31.69
C GLY A 371 -7.12 -36.81 32.52
N THR A 372 -6.28 -37.84 32.37
CA THR A 372 -5.04 -37.90 33.13
C THR A 372 -3.90 -37.33 32.29
N THR A 373 -3.65 -37.97 31.16
CA THR A 373 -2.57 -37.52 30.27
C THR A 373 -2.49 -35.99 30.22
N PRO A 374 -3.60 -35.33 29.85
CA PRO A 374 -3.63 -33.86 29.76
C PRO A 374 -3.27 -33.15 31.05
N VAL A 375 -3.84 -33.60 32.17
CA VAL A 375 -3.54 -32.98 33.44
C VAL A 375 -2.05 -32.99 33.66
N CYS A 376 -1.44 -34.16 33.53
CA CYS A 376 0.00 -34.28 33.70
C CYS A 376 0.68 -33.23 32.83
N GLU A 377 0.19 -33.06 31.61
CA GLU A 377 0.76 -32.09 30.70
C GLU A 377 0.94 -30.75 31.40
N ASP A 378 -0.17 -30.20 31.90
CA ASP A 378 -0.08 -28.92 32.59
C ASP A 378 0.93 -28.98 33.71
N ILE A 379 0.76 -29.95 34.60
CA ILE A 379 1.70 -30.09 35.70
C ILE A 379 3.08 -30.15 35.10
N GLY A 380 3.26 -31.06 34.14
CA GLY A 380 4.54 -31.18 33.47
C GLY A 380 5.00 -29.80 33.06
N ARG A 381 4.12 -29.09 32.35
CA ARG A 381 4.41 -27.73 31.89
C ARG A 381 4.46 -26.74 33.05
N GLU A 382 3.30 -26.40 33.60
CA GLU A 382 3.21 -25.45 34.69
C GLU A 382 4.55 -25.22 35.36
N LEU A 383 4.98 -26.19 36.17
CA LEU A 383 6.24 -26.10 36.88
C LEU A 383 7.36 -25.58 35.97
N LEU A 384 7.71 -26.41 35.00
CA LEU A 384 8.76 -26.13 34.05
C LEU A 384 8.88 -24.68 33.56
N THR A 385 7.78 -24.12 33.04
CA THR A 385 7.76 -22.75 32.50
C THR A 385 7.27 -21.64 33.45
N TYR A 386 6.29 -21.96 34.30
CA TYR A 386 5.76 -20.98 35.25
C TYR A 386 6.46 -20.98 36.62
N GLY A 387 6.95 -22.14 37.05
CA GLY A 387 7.61 -22.24 38.34
C GLY A 387 6.89 -23.18 39.28
N ARG A 388 5.56 -23.18 39.20
CA ARG A 388 4.75 -24.06 40.03
C ARG A 388 3.53 -24.54 39.22
N ARG A 389 2.41 -24.73 39.90
CA ARG A 389 1.19 -25.17 39.24
C ARG A 389 0.08 -24.14 39.43
N ILE A 390 -0.54 -23.76 38.31
CA ILE A 390 -1.61 -22.80 38.35
C ILE A 390 -2.96 -23.52 38.44
N PRO A 391 -3.61 -23.47 39.62
CA PRO A 391 -4.91 -24.12 39.82
C PRO A 391 -6.03 -23.49 39.01
N LEU A 392 -7.00 -24.29 38.60
CA LEU A 392 -8.11 -23.75 37.84
C LEU A 392 -8.81 -22.70 38.71
N GLU A 393 -8.61 -22.79 40.03
CA GLU A 393 -9.21 -21.81 40.90
C GLU A 393 -8.47 -20.50 40.64
N GLU A 394 -7.16 -20.60 40.40
CA GLU A 394 -6.35 -19.41 40.13
C GLU A 394 -6.68 -18.86 38.73
N TRP A 395 -6.27 -19.57 37.69
CA TRP A 395 -6.57 -19.17 36.31
C TRP A 395 -7.92 -18.47 36.34
N GLU A 396 -8.88 -19.08 37.03
CA GLU A 396 -10.20 -18.49 37.15
C GLU A 396 -10.11 -17.01 37.42
N GLU A 397 -9.70 -16.64 38.64
CA GLU A 397 -9.58 -15.24 38.99
C GLU A 397 -8.77 -14.49 37.94
N ARG A 398 -7.57 -14.98 37.64
CA ARG A 398 -6.69 -14.36 36.63
C ARG A 398 -7.49 -13.80 35.46
N LEU A 399 -8.36 -14.63 34.90
CA LEU A 399 -9.16 -14.24 33.76
C LEU A 399 -10.61 -14.00 34.08
N ALA A 400 -10.98 -14.05 35.36
CA ALA A 400 -12.35 -13.81 35.74
C ALA A 400 -12.40 -12.35 36.16
N GLU A 401 -11.28 -11.66 35.95
CA GLU A 401 -11.17 -10.25 36.32
C GLU A 401 -10.69 -9.34 35.19
N VAL A 402 -10.75 -9.83 33.96
CA VAL A 402 -10.34 -9.04 32.79
C VAL A 402 -11.51 -8.30 32.17
N ASP A 403 -11.51 -6.97 32.29
CA ASP A 403 -12.59 -6.17 31.72
C ASP A 403 -12.25 -5.70 30.31
N ALA A 404 -13.24 -5.14 29.62
CA ALA A 404 -13.03 -4.65 28.27
C ALA A 404 -11.77 -3.82 28.26
N ARG A 405 -11.87 -2.67 28.90
CA ARG A 405 -10.76 -1.73 28.99
C ARG A 405 -9.42 -2.40 29.23
N MET A 406 -9.44 -3.60 29.83
CA MET A 406 -8.18 -4.28 30.09
C MET A 406 -7.71 -4.97 28.80
N VAL A 407 -8.63 -5.55 28.05
CA VAL A 407 -8.25 -6.21 26.81
C VAL A 407 -7.68 -5.14 25.89
N ARG A 408 -8.43 -4.06 25.71
CA ARG A 408 -7.98 -2.97 24.87
C ARG A 408 -6.56 -2.64 25.27
N GLU A 409 -6.39 -2.16 26.50
CA GLU A 409 -5.08 -1.79 27.01
C GLU A 409 -3.97 -2.81 26.68
N VAL A 410 -4.33 -4.10 26.66
CA VAL A 410 -3.36 -5.15 26.39
C VAL A 410 -3.02 -5.33 24.92
N CYS A 411 -3.99 -5.83 24.17
CA CYS A 411 -3.81 -6.09 22.74
C CYS A 411 -3.12 -4.94 22.03
N SER A 412 -3.59 -3.73 22.29
CA SER A 412 -3.01 -2.55 21.67
C SER A 412 -1.54 -2.51 22.05
N LYS A 413 -1.27 -2.80 23.31
CA LYS A 413 0.09 -2.79 23.83
C LYS A 413 1.00 -3.74 23.08
N TYR A 414 0.43 -4.79 22.47
CA TYR A 414 1.24 -5.75 21.70
C TYR A 414 0.86 -5.86 20.22
N ILE A 415 -0.08 -5.04 19.76
CA ILE A 415 -0.50 -5.11 18.37
C ILE A 415 -0.47 -3.77 17.66
N TYR A 416 -0.94 -2.72 18.32
CA TYR A 416 -1.02 -1.43 17.66
C TYR A 416 0.27 -0.85 17.16
N ASP A 417 0.35 -0.70 15.83
CA ASP A 417 1.50 -0.13 15.16
C ASP A 417 2.74 -0.94 15.42
N GLN A 418 2.58 -2.24 15.52
CA GLN A 418 3.73 -3.09 15.74
C GLN A 418 4.08 -3.71 14.40
N CYS A 419 5.35 -4.03 14.18
CA CYS A 419 5.76 -4.64 12.93
C CYS A 419 5.63 -6.15 13.07
N PRO A 420 4.58 -6.72 12.47
CA PRO A 420 4.29 -8.15 12.49
C PRO A 420 5.16 -8.98 11.56
N ALA A 421 5.06 -10.29 11.70
CA ALA A 421 5.80 -11.20 10.87
C ALA A 421 4.76 -12.00 10.15
N VAL A 422 4.82 -12.02 8.83
CA VAL A 422 3.85 -12.77 8.05
C VAL A 422 4.56 -13.90 7.34
N ALA A 423 3.82 -14.97 7.12
CA ALA A 423 4.34 -16.15 6.47
C ALA A 423 3.25 -16.65 5.56
N GLY A 424 3.61 -16.97 4.32
CA GLY A 424 2.60 -17.45 3.42
C GLY A 424 3.11 -18.30 2.29
N PRO A 425 2.70 -19.57 2.24
CA PRO A 425 3.05 -20.55 1.21
C PRO A 425 1.79 -20.69 0.35
N GLY A 426 1.94 -21.05 -0.91
CA GLY A 426 0.80 -21.23 -1.77
C GLY A 426 0.54 -20.08 -2.72
N PRO A 427 -0.52 -20.19 -3.54
CA PRO A 427 -0.94 -19.19 -4.52
C PRO A 427 -1.35 -17.93 -3.80
N ILE A 428 -0.36 -17.12 -3.48
CA ILE A 428 -0.61 -15.90 -2.72
C ILE A 428 -0.46 -14.61 -3.50
N GLU A 429 -0.37 -14.74 -4.81
CA GLU A 429 -0.21 -13.57 -5.64
C GLU A 429 -1.13 -12.48 -5.17
N GLN A 430 -2.26 -12.87 -4.58
CA GLN A 430 -3.19 -11.86 -4.13
C GLN A 430 -2.85 -11.17 -2.84
N LEU A 431 -1.92 -11.71 -2.05
CA LEU A 431 -1.60 -11.02 -0.79
C LEU A 431 -0.70 -9.82 -1.05
N PRO A 432 -1.19 -8.61 -0.74
CA PRO A 432 -0.48 -7.34 -0.91
C PRO A 432 0.87 -7.32 -0.21
N ASP A 433 1.77 -6.42 -0.60
CA ASP A 433 3.09 -6.36 0.02
C ASP A 433 2.97 -6.15 1.52
N TYR A 434 4.12 -5.97 2.14
CA TYR A 434 4.21 -5.77 3.58
C TYR A 434 3.63 -4.45 4.06
N ASN A 435 4.22 -3.35 3.60
CA ASN A 435 3.81 -1.99 3.94
C ASN A 435 2.34 -1.92 4.10
N ARG A 436 1.65 -2.58 3.17
CA ARG A 436 0.21 -2.59 3.18
C ARG A 436 -0.33 -3.37 4.36
N ILE A 437 0.11 -4.62 4.53
CA ILE A 437 -0.43 -5.35 5.66
C ILE A 437 0.18 -4.76 6.91
N ARG A 438 1.14 -3.87 6.74
CA ARG A 438 1.79 -3.26 7.88
C ARG A 438 0.94 -2.08 8.35
N SER A 439 0.57 -1.21 7.43
CA SER A 439 -0.25 -0.06 7.77
C SER A 439 -1.67 -0.57 8.05
N GLY A 440 -1.74 -1.88 8.25
CA GLY A 440 -3.02 -2.48 8.59
C GLY A 440 -3.00 -2.69 10.09
N MET A 441 -1.89 -2.26 10.69
CA MET A 441 -1.71 -2.37 12.12
C MET A 441 -2.26 -1.17 12.87
N PHE A 442 -2.37 -0.02 12.22
CA PHE A 442 -2.94 1.15 12.89
C PHE A 442 -4.28 1.54 12.27
N TRP A 443 -5.26 1.76 13.15
CA TRP A 443 -6.62 2.10 12.77
C TRP A 443 -6.71 3.59 12.51
N LEU A 444 -7.25 3.97 11.36
CA LEU A 444 -7.40 5.38 11.00
C LEU A 444 -8.36 6.06 12.02
N ARG A 445 -8.20 5.79 13.32
CA ARG A 445 -9.06 6.34 14.36
C ARG A 445 -9.57 7.74 14.09
N PRO B 1 -16.91 -35.04 49.29
CA PRO B 1 -15.91 -35.24 50.42
C PRO B 1 -14.86 -36.29 50.06
N PRO B 2 -15.11 -36.94 48.94
CA PRO B 2 -14.23 -37.96 48.40
C PRO B 2 -14.56 -38.00 46.92
N HIS B 3 -15.65 -37.29 46.58
CA HIS B 3 -16.13 -37.19 45.21
C HIS B 3 -16.94 -38.39 44.67
N PRO B 4 -17.47 -39.26 45.57
CA PRO B 4 -18.24 -40.42 45.11
C PRO B 4 -19.76 -40.24 45.28
N GLN B 5 -20.51 -40.35 44.19
CA GLN B 5 -21.95 -40.23 44.31
C GLN B 5 -22.66 -41.09 43.27
N ASP B 6 -22.83 -42.37 43.62
CA ASP B 6 -23.45 -43.41 42.80
C ASP B 6 -24.39 -42.88 41.68
N LEU B 7 -24.07 -43.23 40.43
CA LEU B 7 -24.86 -42.80 39.27
C LEU B 7 -26.29 -43.34 39.22
N GLU B 8 -27.23 -42.53 39.67
CA GLU B 8 -28.64 -42.90 39.70
C GLU B 8 -29.24 -42.96 38.29
N ILE B 9 -30.08 -43.98 38.07
CA ILE B 9 -30.78 -44.20 36.80
C ILE B 9 -32.27 -44.38 37.12
N THR B 10 -33.13 -43.59 36.47
CA THR B 10 -34.54 -43.70 36.73
C THR B 10 -35.38 -43.67 35.44
N LYS B 11 -35.71 -44.85 34.94
CA LYS B 11 -36.52 -45.02 33.73
C LYS B 11 -37.91 -44.37 33.84
N LEU B 12 -38.14 -43.31 33.08
CA LEU B 12 -39.42 -42.61 33.11
C LEU B 12 -40.57 -43.48 32.57
N PRO B 13 -41.83 -43.07 32.81
CA PRO B 13 -43.01 -43.80 32.37
C PRO B 13 -43.07 -43.96 30.84
N ASN B 14 -42.12 -43.33 30.16
CA ASN B 14 -42.03 -43.36 28.69
C ASN B 14 -41.14 -44.50 28.17
N GLY B 15 -39.90 -44.42 28.60
CA GLY B 15 -38.86 -45.38 28.21
C GLY B 15 -37.60 -44.54 28.11
N LEU B 16 -37.71 -43.34 28.66
CA LEU B 16 -36.65 -42.33 28.67
C LEU B 16 -35.70 -42.46 29.87
N VAL B 17 -34.63 -43.23 29.67
CA VAL B 17 -33.63 -43.47 30.70
C VAL B 17 -32.87 -42.18 30.99
N ILE B 18 -32.82 -41.78 32.26
CA ILE B 18 -32.15 -40.55 32.71
C ILE B 18 -30.93 -40.81 33.58
N ALA B 19 -29.75 -40.90 32.97
CA ALA B 19 -28.53 -41.16 33.74
C ALA B 19 -27.67 -39.94 34.04
N SER B 20 -27.36 -39.74 35.32
CA SER B 20 -26.52 -38.62 35.72
C SER B 20 -25.28 -39.17 36.40
N LEU B 21 -24.65 -38.34 37.23
CA LEU B 21 -23.45 -38.69 37.98
C LEU B 21 -22.66 -37.45 38.36
N GLU B 22 -22.99 -36.87 39.52
CA GLU B 22 -22.29 -35.69 39.98
C GLU B 22 -20.85 -36.03 40.32
N ASN B 23 -19.92 -35.76 39.40
CA ASN B 23 -18.51 -36.06 39.64
C ASN B 23 -17.76 -34.84 40.16
N TYR B 24 -18.49 -33.74 40.35
CA TYR B 24 -17.92 -32.48 40.86
C TYR B 24 -16.99 -31.70 39.95
N SER B 25 -16.92 -32.07 38.68
CA SER B 25 -16.04 -31.34 37.77
C SER B 25 -16.64 -29.95 37.57
N PRO B 26 -15.79 -28.95 37.33
CA PRO B 26 -16.24 -27.57 37.12
C PRO B 26 -17.15 -27.55 35.89
N GLY B 27 -16.70 -28.24 34.84
CA GLY B 27 -17.45 -28.30 33.60
C GLY B 27 -18.19 -29.61 33.45
N SER B 28 -19.51 -29.51 33.43
CA SER B 28 -20.37 -30.67 33.30
C SER B 28 -20.86 -30.75 31.87
N THR B 29 -21.37 -31.91 31.45
CA THR B 29 -21.87 -32.04 30.09
C THR B 29 -23.09 -32.98 29.98
N ILE B 30 -24.18 -32.43 29.44
CA ILE B 30 -25.41 -33.16 29.26
C ILE B 30 -25.44 -33.76 27.86
N GLY B 31 -26.09 -34.91 27.72
CA GLY B 31 -26.16 -35.57 26.43
C GLY B 31 -27.37 -36.43 26.15
N VAL B 32 -28.02 -36.14 25.02
CA VAL B 32 -29.20 -36.87 24.56
C VAL B 32 -28.83 -37.94 23.52
N PHE B 33 -28.65 -39.18 23.96
CA PHE B 33 -28.32 -40.26 23.03
C PHE B 33 -29.62 -40.78 22.46
N ILE B 34 -29.55 -41.30 21.23
CA ILE B 34 -30.76 -41.81 20.60
C ILE B 34 -30.41 -43.03 19.77
N LYS B 35 -31.41 -43.89 19.53
CA LYS B 35 -31.20 -45.09 18.73
C LYS B 35 -31.49 -44.80 17.25
N ALA B 36 -31.24 -43.56 16.84
CA ALA B 36 -31.45 -43.17 15.46
C ALA B 36 -30.16 -43.53 14.70
N GLY B 37 -30.07 -43.13 13.44
CA GLY B 37 -28.87 -43.45 12.67
C GLY B 37 -29.18 -43.75 11.21
N SER B 38 -28.17 -44.06 10.41
CA SER B 38 -28.35 -44.34 8.99
C SER B 38 -28.70 -45.79 8.69
N ARG B 39 -29.16 -46.48 9.72
CA ARG B 39 -29.53 -47.88 9.60
C ARG B 39 -31.02 -47.97 9.22
N TYR B 40 -31.75 -46.91 9.54
CA TYR B 40 -33.18 -46.87 9.30
C TYR B 40 -33.59 -46.17 8.02
N GLU B 41 -32.67 -46.08 7.07
CA GLU B 41 -32.99 -45.44 5.82
C GLU B 41 -33.37 -46.49 4.82
N ASN B 42 -34.20 -46.10 3.85
CA ASN B 42 -34.66 -47.00 2.80
C ASN B 42 -33.93 -46.61 1.52
N SER B 43 -34.20 -47.29 0.42
CA SER B 43 -33.52 -46.93 -0.83
C SER B 43 -33.67 -45.43 -1.06
N SER B 44 -34.69 -44.85 -0.42
CA SER B 44 -34.94 -43.43 -0.50
C SER B 44 -34.72 -42.87 0.90
N ASN B 45 -34.80 -41.55 1.03
CA ASN B 45 -34.56 -40.84 2.30
C ASN B 45 -33.10 -41.01 2.78
N LEU B 46 -32.32 -41.78 2.02
CA LEU B 46 -30.91 -42.02 2.34
C LEU B 46 -30.26 -40.72 2.78
N GLY B 47 -29.24 -40.84 3.62
CA GLY B 47 -28.53 -39.67 4.10
C GLY B 47 -29.35 -38.66 4.90
N THR B 48 -30.65 -38.89 5.04
CA THR B 48 -31.48 -37.95 5.80
C THR B 48 -30.98 -37.88 7.25
N SER B 49 -30.25 -38.92 7.64
CA SER B 49 -29.67 -39.00 8.97
C SER B 49 -28.61 -37.93 9.00
N HIS B 50 -27.57 -38.19 8.21
CA HIS B 50 -26.44 -37.29 8.02
C HIS B 50 -26.89 -35.84 8.01
N LEU B 51 -27.70 -35.49 7.01
CA LEU B 51 -28.20 -34.14 6.89
C LEU B 51 -28.70 -33.70 8.26
N LEU B 52 -29.61 -34.52 8.81
CA LEU B 52 -30.20 -34.26 10.11
C LEU B 52 -29.09 -33.89 11.09
N ARG B 53 -28.07 -34.73 11.12
CA ARG B 53 -26.94 -34.56 12.00
C ARG B 53 -26.34 -33.17 11.88
N LEU B 54 -26.61 -32.52 10.76
CA LEU B 54 -26.06 -31.19 10.51
C LEU B 54 -27.09 -30.12 10.84
N ALA B 55 -28.36 -30.45 10.59
CA ALA B 55 -29.45 -29.54 10.84
C ALA B 55 -29.52 -29.24 12.32
N SER B 56 -28.48 -29.66 13.03
CA SER B 56 -28.39 -29.44 14.45
C SER B 56 -28.69 -28.00 14.78
N SER B 57 -28.00 -27.11 14.09
CA SER B 57 -28.16 -25.69 14.34
C SER B 57 -29.35 -24.97 13.71
N LEU B 58 -30.30 -25.70 13.14
CA LEU B 58 -31.48 -25.08 12.50
C LEU B 58 -32.63 -24.74 13.44
N THR B 59 -33.18 -23.55 13.27
CA THR B 59 -34.26 -23.04 14.10
C THR B 59 -35.22 -24.08 14.65
N THR B 60 -35.62 -23.87 15.91
CA THR B 60 -36.55 -24.75 16.61
C THR B 60 -37.81 -23.93 16.86
N LYS B 61 -38.57 -24.32 17.88
CA LYS B 61 -39.80 -23.60 18.22
C LYS B 61 -39.61 -22.80 19.49
N GLY B 62 -38.55 -23.11 20.23
CA GLY B 62 -38.27 -22.42 21.47
C GLY B 62 -37.09 -21.47 21.32
N ALA B 63 -36.37 -21.62 20.21
CA ALA B 63 -35.22 -20.76 19.96
C ALA B 63 -34.73 -20.80 18.51
N SER B 64 -34.50 -19.60 17.97
CA SER B 64 -34.06 -19.39 16.60
C SER B 64 -32.60 -19.78 16.35
N SER B 65 -32.32 -20.19 15.12
CA SER B 65 -30.98 -20.58 14.72
C SER B 65 -29.98 -19.57 15.27
N PHE B 66 -30.42 -18.31 15.31
CA PHE B 66 -29.58 -17.25 15.82
C PHE B 66 -29.40 -17.48 17.31
N LYS B 67 -30.47 -17.20 18.05
CA LYS B 67 -30.43 -17.35 19.49
C LYS B 67 -29.62 -18.58 19.88
N ILE B 68 -29.97 -19.74 19.33
CA ILE B 68 -29.27 -20.96 19.70
C ILE B 68 -27.76 -20.87 19.58
N THR B 69 -27.25 -20.55 18.40
CA THR B 69 -25.81 -20.49 18.27
C THR B 69 -25.21 -19.42 19.16
N ARG B 70 -25.70 -18.18 19.09
CA ARG B 70 -25.11 -17.18 19.95
C ARG B 70 -25.47 -17.43 21.37
N GLY B 71 -26.60 -18.09 21.56
CA GLY B 71 -27.05 -18.40 22.91
C GLY B 71 -26.03 -19.29 23.61
N ILE B 72 -25.70 -20.40 22.95
CA ILE B 72 -24.75 -21.35 23.48
C ILE B 72 -23.37 -20.72 23.62
N GLU B 73 -23.00 -19.87 22.66
CA GLU B 73 -21.69 -19.25 22.73
C GLU B 73 -21.57 -18.17 23.78
N ALA B 74 -22.67 -17.47 24.07
CA ALA B 74 -22.64 -16.42 25.07
C ALA B 74 -22.36 -16.98 26.48
N VAL B 75 -22.09 -18.28 26.52
CA VAL B 75 -21.83 -18.99 27.78
C VAL B 75 -20.55 -19.80 27.73
N GLY B 76 -19.92 -19.85 26.57
CA GLY B 76 -18.72 -20.65 26.46
C GLY B 76 -19.24 -22.05 26.32
N GLY B 77 -20.35 -22.15 25.60
CA GLY B 77 -20.98 -23.42 25.37
C GLY B 77 -20.32 -24.17 24.23
N LYS B 78 -20.86 -25.36 23.96
CA LYS B 78 -20.36 -26.25 22.92
C LYS B 78 -21.42 -27.25 22.58
N LEU B 79 -22.06 -27.10 21.44
CA LEU B 79 -23.07 -28.06 21.05
C LEU B 79 -22.47 -28.78 19.88
N SER B 80 -22.70 -30.07 19.81
CA SER B 80 -22.17 -30.86 18.70
C SER B 80 -22.94 -32.17 18.64
N VAL B 81 -22.87 -32.86 17.51
CA VAL B 81 -23.60 -34.10 17.39
C VAL B 81 -22.80 -35.25 16.78
N GLU B 82 -22.51 -36.27 17.59
CA GLU B 82 -21.79 -37.44 17.12
C GLU B 82 -22.79 -38.55 16.80
N SER B 83 -22.66 -39.16 15.64
CA SER B 83 -23.57 -40.21 15.23
C SER B 83 -22.85 -41.42 14.63
N THR B 84 -23.51 -42.57 14.66
CA THR B 84 -22.98 -43.81 14.11
C THR B 84 -24.14 -44.47 13.38
N ARG B 85 -23.82 -45.35 12.44
CA ARG B 85 -24.84 -46.05 11.67
C ARG B 85 -26.13 -46.32 12.45
N GLU B 86 -26.02 -46.59 13.75
CA GLU B 86 -27.21 -46.91 14.56
C GLU B 86 -27.41 -46.14 15.87
N ASN B 87 -26.95 -44.90 15.93
CA ASN B 87 -27.10 -44.10 17.15
C ASN B 87 -26.54 -42.69 17.03
N MET B 88 -27.35 -41.71 17.44
CA MET B 88 -26.97 -40.30 17.38
C MET B 88 -26.90 -39.73 18.79
N ALA B 89 -25.75 -39.19 19.16
CA ALA B 89 -25.58 -38.61 20.48
C ALA B 89 -25.47 -37.08 20.44
N TYR B 90 -26.48 -36.39 20.94
CA TYR B 90 -26.45 -34.93 20.97
C TYR B 90 -25.88 -34.41 22.28
N THR B 91 -24.59 -34.12 22.32
CA THR B 91 -23.99 -33.61 23.55
C THR B 91 -23.99 -32.09 23.60
N VAL B 92 -23.68 -31.60 24.79
CA VAL B 92 -23.64 -30.17 25.00
C VAL B 92 -22.80 -30.08 26.26
N GLU B 93 -21.99 -29.02 26.40
CA GLU B 93 -21.14 -28.90 27.59
C GLU B 93 -20.89 -27.46 28.00
N CYS B 94 -20.73 -27.24 29.31
CA CYS B 94 -20.47 -25.92 29.82
C CYS B 94 -19.98 -26.03 31.26
N LEU B 95 -20.53 -25.20 32.13
CA LEU B 95 -20.12 -25.21 33.51
C LEU B 95 -21.18 -24.57 34.40
N ARG B 96 -20.93 -24.59 35.71
CA ARG B 96 -21.82 -24.00 36.71
C ARG B 96 -23.28 -23.93 36.33
N ASP B 97 -23.88 -22.82 36.73
CA ASP B 97 -25.28 -22.51 36.51
C ASP B 97 -25.63 -22.51 35.00
N ASP B 98 -24.60 -22.24 34.20
CA ASP B 98 -24.79 -22.20 32.77
C ASP B 98 -25.27 -23.51 32.16
N VAL B 99 -25.26 -24.59 32.94
CA VAL B 99 -25.71 -25.89 32.44
C VAL B 99 -27.22 -25.78 32.21
N GLU B 100 -27.86 -25.15 33.17
CA GLU B 100 -29.30 -24.91 33.18
C GLU B 100 -29.72 -24.22 31.88
N ILE B 101 -29.02 -23.14 31.55
CA ILE B 101 -29.29 -22.35 30.34
C ILE B 101 -28.90 -23.10 29.07
N LEU B 102 -27.73 -23.74 29.11
CA LEU B 102 -27.21 -24.51 27.99
C LEU B 102 -28.22 -25.56 27.56
N MET B 103 -29.11 -25.90 28.48
CA MET B 103 -30.14 -26.90 28.23
C MET B 103 -31.22 -26.47 27.26
N GLU B 104 -31.85 -25.33 27.54
CA GLU B 104 -32.92 -24.84 26.70
C GLU B 104 -32.68 -25.12 25.25
N PHE B 105 -31.46 -24.91 24.81
CA PHE B 105 -31.13 -25.14 23.41
C PHE B 105 -31.03 -26.61 23.03
N LEU B 106 -30.45 -27.44 23.88
CA LEU B 106 -30.36 -28.86 23.59
C LEU B 106 -31.75 -29.46 23.56
N LEU B 107 -32.60 -29.01 24.48
CA LEU B 107 -33.99 -29.48 24.57
C LEU B 107 -34.68 -29.26 23.23
N ASN B 108 -34.58 -28.03 22.72
CA ASN B 108 -35.20 -27.64 21.46
C ASN B 108 -34.60 -28.26 20.22
N VAL B 109 -33.29 -28.41 20.20
CA VAL B 109 -32.64 -29.00 19.05
C VAL B 109 -33.08 -30.42 18.75
N THR B 110 -33.36 -31.19 19.81
CA THR B 110 -33.75 -32.60 19.67
C THR B 110 -35.23 -32.97 19.62
N THR B 111 -36.11 -32.06 20.03
CA THR B 111 -37.53 -32.36 20.04
C THR B 111 -38.40 -31.42 19.24
N ALA B 112 -38.02 -30.14 19.20
CA ALA B 112 -38.78 -29.12 18.48
C ALA B 112 -38.06 -28.59 17.23
N PRO B 113 -37.55 -29.49 16.39
CA PRO B 113 -36.85 -29.04 15.20
C PRO B 113 -37.88 -28.71 14.15
N GLU B 114 -38.06 -27.43 13.83
CA GLU B 114 -39.04 -27.13 12.79
C GLU B 114 -38.37 -26.92 11.44
N PHE B 115 -37.29 -27.68 11.24
CA PHE B 115 -36.53 -27.69 9.99
C PHE B 115 -37.25 -26.87 8.96
N ARG B 116 -36.92 -25.59 8.85
CA ARG B 116 -37.59 -24.76 7.87
C ARG B 116 -37.09 -25.13 6.47
N PRO B 117 -38.01 -25.24 5.50
CA PRO B 117 -37.72 -25.60 4.10
C PRO B 117 -36.62 -24.82 3.38
N TRP B 118 -36.31 -23.62 3.87
CA TRP B 118 -35.26 -22.82 3.27
C TRP B 118 -33.97 -23.16 3.96
N GLU B 119 -33.92 -22.97 5.26
CA GLU B 119 -32.70 -23.28 6.02
C GLU B 119 -32.09 -24.59 5.55
N VAL B 120 -32.90 -25.63 5.41
CA VAL B 120 -32.36 -26.91 4.96
C VAL B 120 -32.02 -26.81 3.48
N ALA B 121 -32.95 -26.26 2.69
CA ALA B 121 -32.77 -26.10 1.24
C ALA B 121 -31.59 -25.18 0.97
N ASP B 122 -31.02 -24.65 2.05
CA ASP B 122 -29.88 -23.73 1.99
C ASP B 122 -28.72 -24.31 2.79
N LEU B 123 -28.99 -25.44 3.44
CA LEU B 123 -28.01 -26.12 4.26
C LEU B 123 -27.50 -27.35 3.58
N GLN B 124 -28.30 -27.92 2.71
CA GLN B 124 -27.90 -29.15 2.05
C GLN B 124 -26.56 -29.11 1.34
N PRO B 125 -26.27 -28.02 0.63
CA PRO B 125 -24.97 -28.00 -0.07
C PRO B 125 -23.76 -28.20 0.87
N GLN B 126 -24.04 -28.39 2.16
CA GLN B 126 -22.98 -28.58 3.13
C GLN B 126 -22.51 -30.02 3.02
N LEU B 127 -23.45 -30.91 2.77
CA LEU B 127 -23.14 -32.32 2.67
C LEU B 127 -21.97 -32.51 1.73
N LYS B 128 -22.00 -31.82 0.61
CA LYS B 128 -20.92 -31.94 -0.37
C LYS B 128 -19.55 -31.85 0.27
N ILE B 129 -19.38 -30.89 1.18
CA ILE B 129 -18.08 -30.72 1.81
C ILE B 129 -17.88 -31.52 3.09
N ASP B 130 -18.81 -31.38 4.03
CA ASP B 130 -18.70 -32.10 5.29
C ASP B 130 -18.23 -33.50 4.96
N LYS B 131 -18.72 -34.00 3.85
CA LYS B 131 -18.35 -35.31 3.38
C LYS B 131 -16.96 -35.21 2.77
N ALA B 132 -16.78 -34.21 1.90
CA ALA B 132 -15.49 -34.02 1.23
C ALA B 132 -14.29 -33.97 2.17
N VAL B 133 -14.47 -33.41 3.37
CA VAL B 133 -13.38 -33.34 4.32
C VAL B 133 -13.14 -34.69 4.93
N ALA B 134 -14.22 -35.30 5.41
CA ALA B 134 -14.14 -36.60 6.03
C ALA B 134 -13.48 -37.58 5.08
N PHE B 135 -13.76 -37.46 3.79
CA PHE B 135 -13.16 -38.35 2.80
C PHE B 135 -11.72 -38.11 2.39
N GLN B 136 -11.01 -37.25 3.12
CA GLN B 136 -9.62 -37.00 2.82
C GLN B 136 -8.88 -38.15 3.48
N ASN B 137 -9.56 -38.77 4.45
CA ASN B 137 -9.06 -39.92 5.19
C ASN B 137 -9.41 -41.14 4.37
N PRO B 138 -8.41 -41.74 3.71
CA PRO B 138 -8.75 -42.91 2.90
C PRO B 138 -9.49 -43.94 3.72
N GLN B 139 -9.06 -44.13 4.96
CA GLN B 139 -9.68 -45.11 5.87
C GLN B 139 -11.22 -45.06 5.87
N THR B 140 -11.80 -43.88 6.04
CA THR B 140 -13.25 -43.75 6.06
C THR B 140 -13.88 -44.24 4.77
N HIS B 141 -13.17 -44.04 3.66
CA HIS B 141 -13.64 -44.45 2.35
C HIS B 141 -13.85 -45.97 2.32
N VAL B 142 -12.79 -46.72 2.56
CA VAL B 142 -12.84 -48.17 2.56
C VAL B 142 -13.93 -48.71 3.45
N ILE B 143 -14.03 -48.17 4.66
CA ILE B 143 -15.07 -48.60 5.59
C ILE B 143 -16.48 -48.37 5.07
N GLU B 144 -16.78 -47.15 4.64
CA GLU B 144 -18.10 -46.88 4.09
C GLU B 144 -18.47 -48.01 3.16
N ASN B 145 -17.54 -48.37 2.27
CA ASN B 145 -17.74 -49.44 1.30
C ASN B 145 -17.76 -50.82 1.95
N LEU B 146 -16.94 -51.02 2.97
CA LEU B 146 -16.90 -52.30 3.66
C LEU B 146 -18.36 -52.65 3.97
N HIS B 147 -18.96 -51.91 4.90
CA HIS B 147 -20.35 -52.13 5.29
C HIS B 147 -21.29 -52.35 4.12
N ALA B 148 -20.94 -51.78 2.98
CA ALA B 148 -21.78 -51.95 1.81
C ALA B 148 -21.57 -53.38 1.36
N ALA B 149 -20.30 -53.79 1.28
CA ALA B 149 -19.92 -55.14 0.86
C ALA B 149 -20.14 -56.18 1.95
N ALA B 150 -20.36 -55.73 3.17
CA ALA B 150 -20.58 -56.67 4.26
C ALA B 150 -22.06 -56.93 4.43
N TYR B 151 -22.89 -56.00 3.98
CA TYR B 151 -24.33 -56.15 4.12
C TYR B 151 -25.12 -55.97 2.84
N ARG B 152 -26.42 -55.87 3.02
CA ARG B 152 -27.38 -55.71 1.94
C ARG B 152 -28.70 -55.49 2.63
N ASN B 153 -29.02 -54.21 2.85
CA ASN B 153 -30.23 -53.75 3.52
C ASN B 153 -29.71 -52.87 4.65
N ALA B 154 -30.62 -52.37 5.48
CA ALA B 154 -30.24 -51.50 6.61
C ALA B 154 -28.83 -51.83 7.14
N LEU B 155 -28.19 -50.82 7.71
CA LEU B 155 -26.84 -50.97 8.25
C LEU B 155 -25.81 -50.84 7.13
N ALA B 156 -25.98 -51.60 6.07
CA ALA B 156 -25.05 -51.51 4.95
C ALA B 156 -25.18 -50.14 4.30
N ASP B 157 -26.12 -49.33 4.79
CA ASP B 157 -26.34 -47.99 4.26
C ASP B 157 -25.24 -47.06 4.71
N SER B 158 -24.83 -46.19 3.81
CA SER B 158 -23.75 -45.25 4.08
C SER B 158 -23.98 -44.36 5.29
N LEU B 159 -22.87 -43.86 5.83
CA LEU B 159 -22.89 -42.97 7.00
C LEU B 159 -22.88 -41.50 6.60
N TYR B 160 -22.38 -41.25 5.40
CA TYR B 160 -22.28 -39.92 4.82
C TYR B 160 -23.14 -39.91 3.55
N CYS B 161 -24.26 -39.20 3.62
CA CYS B 161 -25.19 -39.09 2.52
C CYS B 161 -24.55 -39.32 1.17
N PRO B 162 -25.10 -40.22 0.36
CA PRO B 162 -24.53 -40.47 -0.96
C PRO B 162 -24.60 -39.19 -1.79
N ASP B 163 -23.73 -39.08 -2.78
CA ASP B 163 -23.72 -37.90 -3.64
C ASP B 163 -25.07 -37.63 -4.29
N TYR B 164 -25.47 -38.52 -5.20
CA TYR B 164 -26.71 -38.37 -5.94
C TYR B 164 -27.88 -37.76 -5.15
N ARG B 165 -27.87 -37.91 -3.83
CA ARG B 165 -28.95 -37.36 -3.01
C ARG B 165 -28.58 -36.09 -2.28
N ILE B 166 -27.47 -35.45 -2.63
CA ILE B 166 -27.06 -34.26 -1.89
C ILE B 166 -28.10 -33.16 -1.67
N GLY B 167 -28.90 -32.86 -2.68
CA GLY B 167 -29.90 -31.81 -2.50
C GLY B 167 -31.33 -32.27 -2.74
N LYS B 168 -31.59 -33.55 -2.48
CA LYS B 168 -32.92 -34.10 -2.71
C LYS B 168 -33.64 -34.50 -1.42
N VAL B 169 -32.91 -34.45 -0.31
CA VAL B 169 -33.50 -34.77 0.99
C VAL B 169 -34.56 -33.70 1.21
N THR B 170 -35.76 -34.08 1.65
CA THR B 170 -36.79 -33.07 1.84
C THR B 170 -36.92 -32.66 3.29
N SER B 171 -37.39 -31.43 3.49
CA SER B 171 -37.59 -30.92 4.84
C SER B 171 -38.51 -31.89 5.55
N VAL B 172 -39.31 -32.59 4.76
CA VAL B 172 -40.24 -33.56 5.30
C VAL B 172 -39.44 -34.77 5.81
N GLU B 173 -38.73 -35.45 4.91
CA GLU B 173 -37.95 -36.63 5.28
C GLU B 173 -37.24 -36.41 6.60
N LEU B 174 -37.03 -35.16 6.96
CA LEU B 174 -36.38 -34.86 8.23
C LEU B 174 -37.39 -35.03 9.37
N HIS B 175 -38.53 -34.33 9.34
CA HIS B 175 -39.48 -34.53 10.42
C HIS B 175 -39.78 -36.03 10.50
N ASP B 176 -40.33 -36.56 9.40
CA ASP B 176 -40.68 -37.98 9.30
C ASP B 176 -39.62 -38.90 9.85
N PHE B 177 -38.34 -38.57 9.65
CA PHE B 177 -37.29 -39.41 10.17
C PHE B 177 -37.14 -39.22 11.68
N VAL B 178 -37.49 -38.04 12.17
CA VAL B 178 -37.41 -37.77 13.60
C VAL B 178 -38.63 -38.28 14.34
N GLN B 179 -39.80 -37.93 13.83
CA GLN B 179 -41.05 -38.37 14.44
C GLN B 179 -41.02 -39.88 14.68
N ASN B 180 -40.26 -40.60 13.84
CA ASN B 180 -40.15 -42.06 13.95
C ASN B 180 -38.97 -42.64 14.75
N HIS B 181 -37.99 -41.81 15.14
CA HIS B 181 -36.85 -42.36 15.87
C HIS B 181 -36.47 -41.60 17.10
N PHE B 182 -36.89 -40.35 17.17
CA PHE B 182 -36.60 -39.54 18.33
C PHE B 182 -37.83 -39.63 19.22
N THR B 183 -38.01 -40.79 19.84
CA THR B 183 -39.15 -41.08 20.73
C THR B 183 -38.69 -41.63 22.09
N SER B 184 -39.25 -41.06 23.15
CA SER B 184 -38.92 -41.42 24.54
C SER B 184 -38.30 -42.80 24.80
N ALA B 185 -38.93 -43.86 24.30
CA ALA B 185 -38.42 -45.21 24.52
C ALA B 185 -36.97 -45.39 24.07
N ARG B 186 -36.64 -44.78 22.94
CA ARG B 186 -35.30 -44.88 22.36
C ARG B 186 -34.41 -43.65 22.51
N MET B 187 -34.47 -43.03 23.68
CA MET B 187 -33.67 -41.85 24.01
C MET B 187 -33.13 -41.95 25.42
N ALA B 188 -32.14 -41.11 25.72
CA ALA B 188 -31.53 -41.11 27.04
C ALA B 188 -30.88 -39.77 27.36
N LEU B 189 -31.46 -39.06 28.33
CA LEU B 189 -30.97 -37.77 28.77
C LEU B 189 -29.79 -37.89 29.75
N VAL B 190 -28.73 -38.57 29.30
CA VAL B 190 -27.53 -38.79 30.11
C VAL B 190 -26.87 -37.48 30.53
N GLY B 191 -25.86 -37.56 31.41
CA GLY B 191 -25.19 -36.35 31.83
C GLY B 191 -24.16 -36.50 32.93
N LEU B 192 -23.29 -35.50 33.07
CA LEU B 192 -22.24 -35.47 34.09
C LEU B 192 -22.37 -34.19 34.90
N GLY B 193 -21.37 -33.92 35.74
CA GLY B 193 -21.39 -32.73 36.58
C GLY B 193 -22.78 -32.22 36.88
N VAL B 194 -23.68 -33.14 37.23
CA VAL B 194 -25.05 -32.76 37.56
C VAL B 194 -25.66 -33.55 38.70
N SER B 195 -26.59 -32.89 39.38
CA SER B 195 -27.32 -33.51 40.48
C SER B 195 -28.44 -34.20 39.69
N HIS B 196 -28.75 -35.44 40.02
CA HIS B 196 -29.78 -36.16 39.29
C HIS B 196 -31.19 -35.56 39.46
N PRO B 197 -31.52 -35.03 40.66
CA PRO B 197 -32.84 -34.43 40.88
C PRO B 197 -33.13 -33.31 39.89
N VAL B 198 -32.07 -32.65 39.45
CA VAL B 198 -32.19 -31.55 38.50
C VAL B 198 -32.27 -32.15 37.09
N LEU B 199 -31.37 -33.07 36.76
CA LEU B 199 -31.37 -33.67 35.42
C LEU B 199 -32.67 -34.42 35.15
N LYS B 200 -33.42 -34.67 36.22
CA LYS B 200 -34.69 -35.35 36.06
C LYS B 200 -35.78 -34.30 35.78
N ASN B 201 -35.82 -33.27 36.63
CA ASN B 201 -36.80 -32.18 36.51
C ASN B 201 -36.77 -31.50 35.14
N VAL B 202 -35.91 -32.00 34.26
CA VAL B 202 -35.79 -31.47 32.91
C VAL B 202 -36.48 -32.41 31.96
N ALA B 203 -36.40 -33.71 32.27
CA ALA B 203 -37.05 -34.72 31.44
C ALA B 203 -38.55 -34.45 31.38
N GLU B 204 -39.04 -33.58 32.27
CA GLU B 204 -40.46 -33.24 32.33
C GLU B 204 -40.89 -32.42 31.10
N GLN B 205 -40.02 -31.52 30.66
CA GLN B 205 -40.26 -30.68 29.49
C GLN B 205 -39.96 -31.55 28.25
N LEU B 206 -38.97 -32.41 28.41
CA LEU B 206 -38.54 -33.32 27.35
C LEU B 206 -39.58 -34.38 27.03
N LEU B 207 -40.69 -34.36 27.78
CA LEU B 207 -41.79 -35.30 27.55
C LEU B 207 -42.73 -34.69 26.51
N ASN B 208 -42.49 -35.03 25.24
CA ASN B 208 -43.29 -34.50 24.15
C ASN B 208 -43.58 -35.55 23.07
N ILE B 209 -43.04 -36.76 23.27
CA ILE B 209 -43.26 -37.90 22.34
C ILE B 209 -43.24 -39.22 23.11
N ARG B 210 -43.99 -40.22 22.63
CA ARG B 210 -44.06 -41.53 23.30
C ARG B 210 -43.72 -42.73 22.43
N GLY B 211 -44.39 -42.85 21.29
CA GLY B 211 -44.18 -43.96 20.37
C GLY B 211 -42.95 -44.86 20.51
N GLY B 212 -42.98 -45.76 21.50
CA GLY B 212 -41.88 -46.69 21.76
C GLY B 212 -40.81 -46.86 20.69
N LEU B 213 -41.12 -47.63 19.64
CA LEU B 213 -40.19 -47.84 18.52
C LEU B 213 -41.00 -47.48 17.29
N GLY B 214 -40.73 -46.31 16.72
CA GLY B 214 -41.49 -45.87 15.57
C GLY B 214 -41.26 -46.55 14.24
N LEU B 215 -40.02 -46.83 13.88
CA LEU B 215 -39.77 -47.43 12.58
C LEU B 215 -38.87 -48.66 12.58
N SER B 216 -38.31 -48.99 13.75
CA SER B 216 -37.42 -50.16 13.91
C SER B 216 -36.66 -50.60 12.63
N GLY B 217 -35.32 -50.46 12.67
CA GLY B 217 -34.49 -50.83 11.53
C GLY B 217 -34.43 -52.32 11.26
N ALA B 218 -34.72 -52.71 10.00
CA ALA B 218 -34.71 -54.11 9.60
C ALA B 218 -33.46 -54.87 10.06
N LYS B 219 -33.60 -56.18 10.28
CA LYS B 219 -32.49 -57.00 10.69
C LYS B 219 -31.43 -56.87 9.60
N ALA B 220 -30.18 -57.16 9.92
CA ALA B 220 -29.12 -57.02 8.91
C ALA B 220 -28.63 -58.31 8.24
N LYS B 221 -29.10 -58.57 7.03
CA LYS B 221 -28.67 -59.77 6.31
C LYS B 221 -27.22 -59.60 5.92
N TYR B 222 -26.42 -60.65 6.10
CA TYR B 222 -25.01 -60.60 5.77
C TYR B 222 -24.77 -60.93 4.29
N ARG B 223 -23.61 -60.52 3.79
CA ARG B 223 -23.22 -60.75 2.41
C ARG B 223 -21.71 -60.76 2.28
N GLY B 224 -21.22 -61.64 1.40
CA GLY B 224 -19.79 -61.73 1.18
C GLY B 224 -19.42 -60.83 0.02
N GLY B 225 -19.65 -59.53 0.22
CA GLY B 225 -19.35 -58.54 -0.80
C GLY B 225 -17.89 -58.22 -0.93
N GLU B 226 -17.54 -57.64 -2.06
CA GLU B 226 -16.18 -57.28 -2.35
C GLU B 226 -16.28 -56.12 -3.32
N ILE B 227 -15.76 -54.97 -2.93
CA ILE B 227 -15.83 -53.78 -3.78
C ILE B 227 -14.54 -52.98 -3.81
N ARG B 228 -13.82 -53.08 -4.92
CA ARG B 228 -12.54 -52.42 -5.07
C ARG B 228 -12.70 -51.06 -5.73
N GLU B 229 -11.91 -50.10 -5.25
CA GLU B 229 -11.95 -48.74 -5.78
C GLU B 229 -10.59 -48.34 -6.35
N GLN B 230 -10.35 -48.66 -7.62
CA GLN B 230 -9.10 -48.32 -8.29
C GLN B 230 -8.95 -46.80 -8.33
N ASN B 231 -7.90 -46.29 -7.69
CA ASN B 231 -7.67 -44.84 -7.65
C ASN B 231 -6.21 -44.42 -7.50
N GLY B 232 -5.31 -45.39 -7.60
CA GLY B 232 -3.89 -45.14 -7.48
C GLY B 232 -3.41 -44.07 -6.50
N ASP B 233 -3.35 -44.44 -5.22
CA ASP B 233 -2.88 -43.52 -4.18
C ASP B 233 -1.50 -43.87 -3.68
N SER B 234 -0.78 -44.64 -4.50
CA SER B 234 0.58 -45.08 -4.20
C SER B 234 0.58 -46.03 -2.99
N LEU B 235 -0.53 -46.07 -2.25
CA LEU B 235 -0.64 -46.97 -1.11
C LEU B 235 -2.08 -47.41 -0.88
N VAL B 236 -2.26 -48.73 -0.89
CA VAL B 236 -3.54 -49.41 -0.72
C VAL B 236 -4.07 -49.51 0.70
N HIS B 237 -5.38 -49.47 0.82
CA HIS B 237 -6.05 -49.63 2.09
C HIS B 237 -6.90 -50.82 1.82
N ALA B 238 -6.85 -51.79 2.71
CA ALA B 238 -7.66 -52.99 2.53
C ALA B 238 -8.22 -53.44 3.86
N ALA B 239 -9.41 -54.02 3.80
CA ALA B 239 -10.06 -54.53 4.99
C ALA B 239 -10.80 -55.80 4.61
N ILE B 240 -10.81 -56.76 5.53
CA ILE B 240 -11.47 -58.03 5.33
C ILE B 240 -12.24 -58.33 6.59
N VAL B 241 -13.40 -58.96 6.46
CA VAL B 241 -14.21 -59.24 7.62
C VAL B 241 -15.06 -60.50 7.49
N ALA B 242 -15.54 -60.96 8.63
CA ALA B 242 -16.42 -62.11 8.70
C ALA B 242 -17.45 -61.70 9.73
N GLU B 243 -18.68 -61.49 9.28
CA GLU B 243 -19.80 -61.11 10.16
C GLU B 243 -19.62 -61.78 11.51
N SER B 244 -20.04 -61.11 12.59
CA SER B 244 -19.92 -61.68 13.94
C SER B 244 -19.99 -60.69 15.09
N ALA B 245 -20.17 -61.24 16.29
CA ALA B 245 -20.21 -60.46 17.51
C ALA B 245 -21.26 -59.38 17.47
N ALA B 246 -21.99 -59.24 18.56
CA ALA B 246 -23.01 -58.23 18.66
C ALA B 246 -22.94 -57.66 20.05
N ILE B 247 -23.25 -56.39 20.19
CA ILE B 247 -23.21 -55.75 21.49
C ILE B 247 -24.20 -56.46 22.41
N GLY B 248 -23.70 -56.92 23.56
CA GLY B 248 -24.54 -57.65 24.49
C GLY B 248 -24.40 -59.14 24.23
N GLY B 249 -24.01 -59.47 23.00
CA GLY B 249 -23.82 -60.86 22.63
C GLY B 249 -22.63 -61.41 23.38
N ALA B 250 -22.89 -62.39 24.24
CA ALA B 250 -21.85 -63.02 25.03
C ALA B 250 -20.62 -63.35 24.17
N GLU B 251 -20.85 -63.64 22.90
CA GLU B 251 -19.76 -63.98 22.00
C GLU B 251 -18.85 -62.80 21.67
N ALA B 252 -19.20 -61.62 22.20
CA ALA B 252 -18.46 -60.38 21.97
C ALA B 252 -17.03 -60.37 22.53
N ASN B 253 -16.93 -60.11 23.83
CA ASN B 253 -15.66 -60.03 24.53
C ASN B 253 -14.58 -60.90 23.90
N ALA B 254 -14.96 -62.09 23.46
CA ALA B 254 -13.99 -63.00 22.85
C ALA B 254 -13.12 -62.30 21.79
N PHE B 255 -13.75 -61.78 20.74
CA PHE B 255 -12.97 -61.12 19.71
C PHE B 255 -12.12 -60.04 20.35
N SER B 256 -12.73 -59.20 21.19
CA SER B 256 -11.99 -58.13 21.83
C SER B 256 -10.63 -58.65 22.26
N VAL B 257 -10.61 -59.75 22.99
CA VAL B 257 -9.34 -60.31 23.43
C VAL B 257 -8.61 -60.89 22.23
N LEU B 258 -9.37 -61.29 21.20
CA LEU B 258 -8.75 -61.82 19.99
C LEU B 258 -8.26 -60.63 19.18
N GLN B 259 -8.91 -59.49 19.40
CA GLN B 259 -8.58 -58.24 18.74
C GLN B 259 -7.16 -57.93 19.18
N HIS B 260 -6.91 -58.10 20.48
CA HIS B 260 -5.59 -57.87 21.07
C HIS B 260 -4.70 -59.08 20.84
N VAL B 261 -5.24 -60.28 21.08
CA VAL B 261 -4.47 -61.50 20.86
C VAL B 261 -3.86 -61.33 19.48
N LEU B 262 -4.57 -60.60 18.63
CA LEU B 262 -4.12 -60.30 17.26
C LEU B 262 -3.58 -58.87 17.25
N GLY B 263 -2.66 -58.60 16.34
CA GLY B 263 -2.06 -57.29 16.27
C GLY B 263 -0.55 -57.47 16.28
N ALA B 264 0.03 -57.70 17.45
CA ALA B 264 1.47 -57.89 17.55
C ALA B 264 1.81 -59.04 16.60
N ASN B 265 0.85 -59.94 16.40
CA ASN B 265 1.05 -61.08 15.52
C ASN B 265 0.97 -60.66 14.05
N PRO B 266 -0.20 -60.19 13.56
CA PRO B 266 -0.25 -59.80 12.15
C PRO B 266 0.84 -58.81 11.73
N HIS B 267 1.05 -57.81 12.59
CA HIS B 267 2.05 -56.80 12.33
C HIS B 267 3.41 -57.48 12.28
N VAL B 268 3.88 -57.96 13.43
CA VAL B 268 5.18 -58.61 13.52
C VAL B 268 5.26 -59.83 12.57
N LYS B 269 4.16 -60.06 11.85
CA LYS B 269 4.14 -61.17 10.90
C LYS B 269 4.39 -60.68 9.49
N ARG B 270 4.30 -59.37 9.31
CA ARG B 270 4.48 -58.82 7.98
C ARG B 270 5.58 -57.78 7.90
N GLY B 271 6.82 -58.22 7.67
CA GLY B 271 7.96 -57.27 7.55
C GLY B 271 7.92 -56.32 6.30
N ASN B 273 8.47 -55.09 6.46
CA ASN B 273 8.57 -54.00 5.43
C ASN B 273 7.87 -52.69 5.91
N PRO B 289 7.82 -51.63 5.06
CA PRO B 289 7.17 -50.35 5.42
C PRO B 289 5.62 -50.41 5.24
N PHE B 290 4.89 -50.61 6.34
CA PHE B 290 3.42 -50.73 6.29
C PHE B 290 2.71 -50.37 7.61
N ASP B 291 1.55 -51.00 7.79
CA ASP B 291 0.71 -50.89 8.99
C ASP B 291 -0.44 -51.88 8.78
N VAL B 292 -0.89 -52.52 9.87
CA VAL B 292 -1.99 -53.50 9.83
C VAL B 292 -2.54 -53.72 11.24
N SER B 293 -3.84 -53.94 11.35
CA SER B 293 -4.44 -54.13 12.68
C SER B 293 -5.64 -55.05 12.66
N ALA B 294 -6.10 -55.42 13.84
CA ALA B 294 -7.27 -56.29 13.95
C ALA B 294 -8.54 -55.44 13.96
N PHE B 295 -9.42 -55.66 12.99
CA PHE B 295 -10.66 -54.88 12.92
C PHE B 295 -11.82 -55.49 13.67
N ASN B 296 -12.49 -54.68 14.49
CA ASN B 296 -13.66 -55.12 15.24
C ASN B 296 -14.73 -54.07 15.47
N ALA B 297 -15.93 -54.38 14.99
CA ALA B 297 -17.12 -53.53 15.14
C ALA B 297 -18.29 -54.36 15.67
N SER B 298 -18.85 -53.93 16.79
CA SER B 298 -19.97 -54.64 17.38
C SER B 298 -21.23 -53.75 17.22
N TYR B 299 -22.18 -54.22 16.42
CA TYR B 299 -23.47 -53.51 16.17
C TYR B 299 -24.62 -54.17 16.93
N SER B 300 -25.78 -53.53 16.95
CA SER B 300 -26.94 -54.06 17.69
C SER B 300 -27.29 -55.51 17.38
N ASP B 301 -27.55 -55.82 16.12
CA ASP B 301 -27.90 -57.18 15.74
C ASP B 301 -26.90 -57.75 14.77
N SER B 302 -25.63 -57.45 14.99
CA SER B 302 -24.60 -57.95 14.11
C SER B 302 -23.31 -57.30 14.52
N GLY B 303 -22.29 -57.44 13.68
CA GLY B 303 -20.99 -56.84 13.96
C GLY B 303 -20.07 -57.17 12.82
N LEU B 304 -18.77 -57.13 13.08
CA LEU B 304 -17.78 -57.44 12.06
C LEU B 304 -16.46 -57.74 12.74
N PHE B 305 -15.54 -58.37 12.02
CA PHE B 305 -14.25 -58.69 12.59
C PHE B 305 -13.30 -58.99 11.45
N GLY B 306 -12.13 -58.37 11.51
CA GLY B 306 -11.16 -58.61 10.47
C GLY B 306 -9.88 -57.85 10.68
N PHE B 307 -9.41 -57.18 9.64
CA PHE B 307 -8.18 -56.47 9.77
C PHE B 307 -7.95 -55.50 8.60
N TYR B 308 -7.60 -54.23 8.86
CA TYR B 308 -7.31 -53.35 7.73
C TYR B 308 -5.81 -53.20 7.59
N THR B 309 -5.36 -53.19 6.35
CA THR B 309 -3.94 -53.12 6.07
C THR B 309 -3.48 -52.05 5.10
N ILE B 310 -3.10 -50.92 5.66
CA ILE B 310 -2.60 -49.81 4.88
C ILE B 310 -1.25 -50.31 4.44
N SER B 311 -1.03 -50.43 3.14
CA SER B 311 0.27 -50.92 2.68
C SER B 311 0.65 -50.35 1.34
N GLN B 312 1.95 -50.28 1.09
CA GLN B 312 2.44 -49.73 -0.17
C GLN B 312 1.80 -50.52 -1.30
N ALA B 313 1.76 -49.92 -2.48
CA ALA B 313 1.15 -50.54 -3.65
C ALA B 313 1.60 -51.97 -3.86
N ALA B 314 2.59 -52.15 -4.73
CA ALA B 314 3.13 -53.47 -5.07
C ALA B 314 3.27 -54.45 -3.91
N TYR B 315 3.45 -53.91 -2.70
CA TYR B 315 3.61 -54.76 -1.53
C TYR B 315 2.28 -54.92 -0.83
N ALA B 316 1.19 -54.72 -1.57
CA ALA B 316 -0.15 -54.85 -1.02
C ALA B 316 -0.58 -56.31 -1.03
N GLY B 317 -0.26 -57.01 -2.12
CA GLY B 317 -0.60 -58.40 -2.20
C GLY B 317 -0.05 -59.08 -0.97
N GLN B 318 1.27 -59.16 -0.93
CA GLN B 318 1.97 -59.79 0.18
C GLN B 318 1.35 -59.41 1.54
N VAL B 319 1.33 -58.12 1.87
CA VAL B 319 0.81 -57.66 3.17
C VAL B 319 -0.48 -58.27 3.66
N ILE B 320 -1.56 -58.12 2.90
CA ILE B 320 -2.83 -58.70 3.34
C ILE B 320 -2.70 -60.20 3.52
N LYS B 321 -2.11 -60.88 2.53
CA LYS B 321 -1.91 -62.33 2.58
C LYS B 321 -1.33 -62.73 3.92
N ALA B 322 -0.12 -62.26 4.21
CA ALA B 322 0.54 -62.57 5.47
C ALA B 322 -0.34 -62.22 6.68
N ALA B 323 -0.99 -61.06 6.64
CA ALA B 323 -1.86 -60.62 7.73
C ALA B 323 -2.93 -61.65 7.97
N TYR B 324 -3.44 -62.20 6.87
CA TYR B 324 -4.48 -63.22 6.88
C TYR B 324 -3.95 -64.55 7.46
N ASN B 325 -2.90 -65.11 6.84
CA ASN B 325 -2.31 -66.37 7.31
C ASN B 325 -2.27 -66.36 8.83
N GLN B 326 -1.92 -65.21 9.38
CA GLN B 326 -1.82 -65.05 10.81
C GLN B 326 -3.14 -65.18 11.52
N VAL B 327 -4.20 -64.59 10.96
CA VAL B 327 -5.50 -64.73 11.60
C VAL B 327 -5.88 -66.19 11.43
N LYS B 328 -5.29 -66.81 10.41
CA LYS B 328 -5.53 -68.21 10.10
C LYS B 328 -4.84 -69.04 11.18
N THR B 329 -3.53 -69.20 11.06
CA THR B 329 -2.76 -70.00 12.01
C THR B 329 -3.03 -69.59 13.48
N ILE B 330 -3.88 -68.59 13.67
CA ILE B 330 -4.23 -68.14 15.02
C ILE B 330 -5.37 -69.02 15.51
N ALA B 331 -6.15 -69.53 14.56
CA ALA B 331 -7.27 -70.41 14.84
C ALA B 331 -6.76 -71.85 14.97
N GLN B 332 -5.71 -72.16 14.21
CA GLN B 332 -5.11 -73.50 14.24
C GLN B 332 -4.06 -73.61 15.35
N GLY B 333 -4.42 -73.15 16.55
CA GLY B 333 -3.54 -73.26 17.71
C GLY B 333 -2.16 -72.62 17.77
N ASN B 334 -2.14 -71.28 17.80
CA ASN B 334 -0.89 -70.50 17.91
C ASN B 334 -1.26 -69.34 18.85
N VAL B 335 -1.69 -69.69 20.05
CA VAL B 335 -2.12 -68.71 21.04
C VAL B 335 -1.85 -69.16 22.49
N SER B 336 -0.67 -68.85 23.02
CA SER B 336 -0.36 -69.26 24.39
C SER B 336 -1.37 -68.62 25.35
N ASN B 337 -1.71 -69.31 26.43
CA ASN B 337 -2.67 -68.79 27.42
C ASN B 337 -2.10 -67.52 28.09
N GLU B 338 -0.90 -67.18 27.66
CA GLU B 338 -0.17 -66.00 28.14
C GLU B 338 -0.64 -64.83 27.27
N ASN B 339 -0.54 -65.03 25.94
CA ASN B 339 -0.96 -64.03 24.95
C ASN B 339 -2.30 -63.50 25.40
N VAL B 340 -3.10 -64.40 25.95
CA VAL B 340 -4.43 -64.06 26.42
C VAL B 340 -4.35 -63.23 27.68
N GLN B 341 -3.50 -63.61 28.62
CA GLN B 341 -3.38 -62.83 29.86
C GLN B 341 -3.00 -61.39 29.50
N ALA B 342 -1.97 -61.23 28.68
CA ALA B 342 -1.47 -59.91 28.24
C ALA B 342 -2.60 -59.10 27.60
N ALA B 343 -3.16 -59.66 26.52
CA ALA B 343 -4.25 -59.03 25.81
C ALA B 343 -5.48 -58.77 26.70
N LYS B 344 -5.79 -59.72 27.59
CA LYS B 344 -6.92 -59.56 28.51
C LYS B 344 -6.70 -58.28 29.32
N ASN B 345 -5.44 -57.98 29.59
CA ASN B 345 -5.10 -56.80 30.37
C ASN B 345 -5.15 -55.50 29.59
N LYS B 346 -4.69 -55.54 28.34
CA LYS B 346 -4.70 -54.34 27.51
C LYS B 346 -6.11 -53.77 27.41
N LEU B 347 -7.10 -54.65 27.27
CA LEU B 347 -8.50 -54.19 27.20
C LEU B 347 -8.87 -53.55 28.53
N LYS B 348 -8.44 -54.17 29.63
CA LYS B 348 -8.73 -53.62 30.94
C LYS B 348 -8.25 -52.18 30.87
N ALA B 349 -7.09 -52.01 30.25
CA ALA B 349 -6.47 -50.71 30.07
C ALA B 349 -7.32 -49.85 29.14
N LYS B 350 -7.17 -50.08 27.83
CA LYS B 350 -7.92 -49.32 26.85
C LYS B 350 -9.32 -49.02 27.30
N TYR B 351 -9.94 -49.94 28.02
CA TYR B 351 -11.28 -49.66 28.51
C TYR B 351 -11.14 -48.46 29.45
N LEU B 352 -10.63 -48.72 30.66
CA LEU B 352 -10.44 -47.72 31.71
C LEU B 352 -9.85 -46.41 31.27
N MET B 353 -8.78 -46.48 30.48
CA MET B 353 -8.12 -45.28 29.97
C MET B 353 -9.10 -44.40 29.21
N SER B 354 -9.64 -44.95 28.13
CA SER B 354 -10.61 -44.25 27.29
C SER B 354 -11.92 -44.00 28.04
N VAL B 355 -11.80 -43.57 29.29
CA VAL B 355 -12.95 -43.29 30.14
C VAL B 355 -12.54 -42.11 31.01
N GLU B 356 -11.27 -41.76 30.92
CA GLU B 356 -10.70 -40.63 31.66
C GLU B 356 -11.40 -39.34 31.18
N SER B 357 -11.37 -39.15 29.86
CA SER B 357 -11.95 -37.99 29.19
C SER B 357 -13.47 -38.02 29.24
N SER B 358 -14.01 -37.24 30.15
CA SER B 358 -15.46 -37.16 30.35
C SER B 358 -16.33 -37.30 29.10
N GLU B 359 -15.75 -37.13 27.91
CA GLU B 359 -16.57 -37.27 26.71
C GLU B 359 -16.51 -38.71 26.20
N GLY B 360 -15.37 -39.36 26.39
CA GLY B 360 -15.25 -40.75 25.99
C GLY B 360 -15.85 -41.59 27.12
N PHE B 361 -16.05 -40.93 28.25
CA PHE B 361 -16.63 -41.53 29.44
C PHE B 361 -18.16 -41.38 29.41
N LEU B 362 -18.64 -40.15 29.28
CA LEU B 362 -20.07 -39.91 29.23
C LEU B 362 -20.61 -40.74 28.07
N GLU B 363 -19.69 -41.22 27.23
CA GLU B 363 -20.08 -42.06 26.12
C GLU B 363 -20.37 -43.46 26.63
N GLU B 364 -19.77 -43.83 27.75
CA GLU B 364 -20.02 -45.16 28.32
C GLU B 364 -21.27 -45.22 29.19
N VAL B 365 -21.45 -44.25 30.07
CA VAL B 365 -22.65 -44.25 30.91
C VAL B 365 -23.86 -44.08 30.02
N GLY B 366 -23.63 -43.63 28.79
CA GLY B 366 -24.74 -43.45 27.87
C GLY B 366 -25.07 -44.73 27.12
N SER B 367 -24.13 -45.19 26.30
CA SER B 367 -24.32 -46.40 25.50
C SER B 367 -25.12 -47.46 26.20
N GLN B 368 -24.79 -47.65 27.47
CA GLN B 368 -25.44 -48.64 28.29
C GLN B 368 -26.81 -48.18 28.75
N ALA B 369 -26.88 -46.95 29.27
CA ALA B 369 -28.14 -46.39 29.73
C ALA B 369 -29.12 -46.31 28.56
N LEU B 370 -28.69 -46.81 27.42
CA LEU B 370 -29.53 -46.80 26.24
C LEU B 370 -29.89 -48.23 25.82
N ALA B 371 -28.87 -49.02 25.48
CA ALA B 371 -29.05 -50.42 25.05
C ALA B 371 -29.61 -51.35 26.15
N ALA B 372 -29.19 -51.15 27.40
CA ALA B 372 -29.67 -51.97 28.51
C ALA B 372 -30.62 -51.14 29.38
N GLY B 373 -30.05 -50.31 30.24
CA GLY B 373 -30.83 -49.48 31.13
C GLY B 373 -30.14 -49.59 32.47
N SER B 374 -29.05 -50.36 32.43
CA SER B 374 -28.22 -50.67 33.57
C SER B 374 -26.90 -49.92 33.52
N TYR B 375 -25.94 -50.39 34.32
CA TYR B 375 -24.60 -49.84 34.38
C TYR B 375 -23.65 -50.86 34.98
N ASN B 376 -22.94 -51.58 34.11
CA ASN B 376 -21.99 -52.59 34.56
C ASN B 376 -20.79 -51.91 35.21
N PRO B 377 -20.63 -52.06 36.54
CA PRO B 377 -19.49 -51.42 37.19
C PRO B 377 -18.17 -51.88 36.60
N PRO B 378 -17.13 -51.05 36.75
CA PRO B 378 -15.79 -51.38 36.23
C PRO B 378 -15.29 -52.73 36.78
N SER B 379 -15.87 -53.15 37.90
CA SER B 379 -15.51 -54.40 38.58
C SER B 379 -15.89 -55.61 37.74
N THR B 380 -17.20 -55.77 37.50
CA THR B 380 -17.72 -56.90 36.74
C THR B 380 -17.42 -56.79 35.26
N VAL B 381 -17.34 -55.57 34.73
CA VAL B 381 -17.05 -55.43 33.32
C VAL B 381 -15.73 -56.13 33.07
N LEU B 382 -14.94 -56.22 34.14
CA LEU B 382 -13.66 -56.88 34.11
C LEU B 382 -13.94 -58.36 34.32
N GLN B 383 -14.63 -58.67 35.41
CA GLN B 383 -14.99 -60.04 35.77
C GLN B 383 -15.60 -60.77 34.54
N GLN B 384 -16.14 -60.00 33.59
CA GLN B 384 -16.75 -60.57 32.39
C GLN B 384 -15.70 -60.80 31.31
N ILE B 385 -14.80 -59.84 31.17
CA ILE B 385 -13.72 -59.96 30.19
C ILE B 385 -12.75 -60.97 30.80
N ASP B 386 -12.49 -60.85 32.11
CA ASP B 386 -11.62 -61.78 32.83
C ASP B 386 -12.24 -63.15 32.60
N ALA B 387 -13.57 -63.19 32.75
CA ALA B 387 -14.41 -64.39 32.62
C ALA B 387 -14.04 -65.39 31.54
N VAL B 388 -13.71 -64.93 30.33
CA VAL B 388 -13.35 -65.88 29.29
C VAL B 388 -11.95 -65.66 28.80
N ALA B 389 -11.41 -66.66 28.11
CA ALA B 389 -10.07 -66.57 27.58
C ALA B 389 -9.78 -67.80 26.74
N ASP B 390 -8.76 -68.55 27.15
CA ASP B 390 -8.31 -69.77 26.46
C ASP B 390 -9.58 -70.32 25.82
N ALA B 391 -10.60 -70.46 26.68
CA ALA B 391 -11.95 -70.98 26.40
C ALA B 391 -12.54 -70.62 25.02
N ASP B 392 -12.22 -69.42 24.53
CA ASP B 392 -12.72 -68.96 23.26
C ASP B 392 -11.53 -68.63 22.37
N VAL B 393 -11.37 -67.35 22.09
CA VAL B 393 -10.27 -66.84 21.28
C VAL B 393 -9.84 -67.77 20.14
N ILE B 394 -8.97 -68.73 20.44
CA ILE B 394 -8.45 -69.68 19.46
C ILE B 394 -9.57 -70.02 18.49
N LYS B 395 -10.76 -70.16 19.08
CA LYS B 395 -12.00 -70.50 18.40
C LYS B 395 -12.64 -69.28 17.71
N ALA B 396 -12.70 -68.14 18.40
CA ALA B 396 -13.26 -66.92 17.82
C ALA B 396 -12.56 -66.71 16.47
N ALA B 397 -11.26 -66.98 16.45
CA ALA B 397 -10.45 -66.85 15.23
C ALA B 397 -10.98 -67.82 14.19
N LYS B 398 -11.09 -69.08 14.58
CA LYS B 398 -11.60 -70.10 13.68
C LYS B 398 -12.84 -69.59 12.97
N LYS B 399 -13.77 -69.01 13.73
CA LYS B 399 -15.00 -68.49 13.14
C LYS B 399 -14.72 -67.63 11.91
N PHE B 400 -13.66 -66.84 12.00
CA PHE B 400 -13.25 -65.96 10.92
C PHE B 400 -12.89 -66.77 9.67
N VAL B 401 -11.89 -67.64 9.81
CA VAL B 401 -11.38 -68.45 8.70
C VAL B 401 -12.41 -69.30 7.94
N SER B 402 -13.47 -69.73 8.63
CA SER B 402 -14.51 -70.56 8.00
C SER B 402 -15.64 -69.78 7.29
N ARG B 403 -16.37 -68.98 8.07
CA ARG B 403 -17.49 -68.19 7.55
C ARG B 403 -17.21 -67.47 6.24
N GLN B 404 -18.16 -66.67 5.75
CA GLN B 404 -17.93 -65.96 4.49
C GLN B 404 -17.25 -64.60 4.72
N LYS B 405 -16.34 -64.26 3.81
CA LYS B 405 -15.54 -63.05 3.90
C LYS B 405 -15.91 -61.98 2.89
N SER B 406 -15.88 -60.74 3.37
CA SER B 406 -16.20 -59.57 2.56
C SER B 406 -15.08 -58.53 2.64
N MET B 407 -14.44 -58.26 1.51
CA MET B 407 -13.33 -57.32 1.43
C MET B 407 -13.70 -55.94 0.85
N ALA B 408 -12.93 -54.94 1.24
CA ALA B 408 -13.10 -53.57 0.76
C ALA B 408 -11.69 -53.07 0.40
N ALA B 409 -11.56 -52.20 -0.60
CA ALA B 409 -10.22 -51.73 -0.97
C ALA B 409 -10.14 -50.44 -1.78
N SER B 410 -9.13 -49.63 -1.46
CA SER B 410 -8.89 -48.35 -2.12
C SER B 410 -7.39 -48.27 -2.37
N GLY B 411 -6.96 -47.90 -3.57
CA GLY B 411 -5.55 -47.81 -3.88
C GLY B 411 -5.20 -48.31 -5.27
N ASN B 412 -3.92 -48.25 -5.66
CA ASN B 412 -3.54 -48.71 -6.99
C ASN B 412 -4.12 -50.09 -7.24
N LEU B 413 -4.13 -50.92 -6.20
CA LEU B 413 -4.72 -52.26 -6.25
C LEU B 413 -4.23 -53.26 -7.29
N GLY B 414 -3.77 -52.78 -8.44
CA GLY B 414 -3.31 -53.66 -9.49
C GLY B 414 -2.45 -54.82 -9.01
N HIS B 415 -1.97 -54.73 -7.78
CA HIS B 415 -1.13 -55.75 -7.20
C HIS B 415 -1.83 -56.46 -6.03
N THR B 416 -2.98 -55.90 -5.62
CA THR B 416 -3.82 -56.44 -4.53
C THR B 416 -4.75 -57.55 -5.02
N PRO B 417 -4.81 -58.67 -4.30
CA PRO B 417 -5.67 -59.81 -4.63
C PRO B 417 -7.14 -59.66 -4.19
N PHE B 418 -7.96 -60.62 -4.63
CA PHE B 418 -9.39 -60.67 -4.35
C PHE B 418 -9.68 -61.80 -3.36
N VAL B 419 -10.83 -61.76 -2.68
CA VAL B 419 -11.19 -62.81 -1.72
C VAL B 419 -11.14 -64.21 -2.33
N ASP B 420 -11.50 -64.33 -3.61
CA ASP B 420 -11.48 -65.64 -4.26
C ASP B 420 -10.05 -66.16 -4.36
N GLU B 421 -9.08 -65.31 -4.01
CA GLU B 421 -7.65 -65.68 -4.00
C GLU B 421 -7.20 -65.71 -2.53
N LEU B 422 -8.17 -65.77 -1.62
CA LEU B 422 -7.92 -65.77 -0.18
C LEU B 422 -6.87 -64.75 0.18
N ALA C 2 -19.27 -7.26 -0.14
CA ALA C 2 -17.88 -6.80 0.14
C ALA C 2 -17.82 -5.95 1.42
N PRO C 3 -16.94 -6.33 2.37
CA PRO C 3 -16.78 -5.61 3.64
C PRO C 3 -15.78 -4.50 3.33
N ASN C 4 -15.13 -4.69 2.19
CA ASN C 4 -14.10 -3.83 1.64
C ASN C 4 -14.47 -2.36 1.52
N ILE C 5 -15.49 -2.06 0.73
CA ILE C 5 -15.94 -0.67 0.53
C ILE C 5 -15.01 0.03 -0.45
N ARG C 6 -13.72 -0.12 -0.23
CA ARG C 6 -12.75 0.48 -1.10
C ARG C 6 -12.92 -0.20 -2.47
N LYS C 7 -13.78 -1.21 -2.53
CA LYS C 7 -14.02 -1.92 -3.76
C LYS C 7 -15.51 -2.11 -4.03
N SER C 8 -16.33 -1.87 -3.00
CA SER C 8 -17.76 -2.02 -3.15
C SER C 8 -18.49 -0.71 -3.52
N HIS C 9 -17.75 0.38 -3.70
CA HIS C 9 -18.37 1.66 -4.04
C HIS C 9 -18.03 2.15 -5.44
N PRO C 10 -19.02 2.18 -6.32
CA PRO C 10 -18.88 2.59 -7.71
C PRO C 10 -17.84 3.68 -7.94
N LEU C 11 -17.91 4.75 -7.17
CA LEU C 11 -16.91 5.79 -7.32
C LEU C 11 -15.66 5.31 -6.64
N LEU C 12 -15.75 5.26 -5.32
CA LEU C 12 -14.64 4.88 -4.48
C LEU C 12 -13.77 3.75 -5.02
N LYS C 13 -14.35 2.85 -5.79
CA LYS C 13 -13.54 1.77 -6.34
C LYS C 13 -12.51 2.36 -7.26
N MET C 14 -12.97 3.06 -8.30
CA MET C 14 -12.08 3.68 -9.25
C MET C 14 -10.77 4.10 -8.56
N ILE C 15 -10.88 4.93 -7.55
CA ILE C 15 -9.69 5.38 -6.84
C ILE C 15 -8.88 4.16 -6.37
N ASN C 16 -9.44 3.37 -5.46
CA ASN C 16 -8.76 2.18 -4.90
C ASN C 16 -8.65 1.16 -6.03
N ASN C 17 -8.31 1.66 -7.22
CA ASN C 17 -8.19 0.79 -8.38
C ASN C 17 -7.32 1.48 -9.42
N SER C 18 -6.84 2.68 -9.09
CA SER C 18 -5.99 3.47 -9.99
C SER C 18 -4.94 4.21 -9.19
N LEU C 19 -5.04 4.13 -7.87
CA LEU C 19 -4.09 4.79 -6.97
C LEU C 19 -3.73 3.86 -5.83
N ILE C 20 -4.61 2.91 -5.56
CA ILE C 20 -4.37 1.92 -4.51
C ILE C 20 -4.71 0.60 -5.19
N ASP C 21 -4.01 -0.48 -4.86
CA ASP C 21 -4.34 -1.76 -5.50
C ASP C 21 -3.99 -1.90 -6.96
N LEU C 22 -3.55 -0.82 -7.60
CA LEU C 22 -3.20 -0.96 -9.00
C LEU C 22 -1.88 -1.67 -9.08
N PRO C 23 -1.80 -2.74 -9.87
CA PRO C 23 -0.57 -3.49 -10.03
C PRO C 23 0.34 -2.73 -10.97
N ALA C 24 1.53 -2.41 -10.47
CA ALA C 24 2.53 -1.68 -11.24
C ALA C 24 3.81 -2.47 -11.15
N PRO C 25 4.66 -2.42 -12.19
CA PRO C 25 5.92 -3.15 -12.18
C PRO C 25 6.77 -2.62 -11.02
N SER C 26 7.52 -3.51 -10.38
CA SER C 26 8.36 -3.17 -9.24
C SER C 26 9.48 -2.25 -9.64
N ASN C 27 10.10 -2.61 -10.74
CA ASN C 27 11.21 -1.89 -11.27
C ASN C 27 10.75 -0.80 -12.21
N ILE C 28 10.80 0.44 -11.74
CA ILE C 28 10.39 1.55 -12.56
C ILE C 28 11.17 2.84 -12.26
N SER C 29 11.82 3.34 -13.30
CA SER C 29 12.62 4.52 -13.18
C SER C 29 11.80 5.77 -13.18
N ALA C 30 12.45 6.88 -12.83
CA ALA C 30 11.81 8.19 -12.78
C ALA C 30 11.04 8.46 -14.06
N TRP C 31 11.59 7.96 -15.16
CA TRP C 31 10.99 8.15 -16.45
C TRP C 31 9.57 7.63 -16.46
N TRP C 32 9.12 7.15 -15.32
CA TRP C 32 7.78 6.70 -15.24
C TRP C 32 6.96 7.71 -14.48
N ASN C 33 7.62 8.62 -13.80
CA ASN C 33 6.87 9.64 -13.09
C ASN C 33 6.28 10.55 -14.14
N PHE C 34 7.10 10.94 -15.11
CA PHE C 34 6.61 11.79 -16.19
C PHE C 34 5.30 11.20 -16.65
N GLY C 35 4.23 11.94 -16.36
CA GLY C 35 2.90 11.48 -16.68
C GLY C 35 2.08 11.85 -15.46
N SER C 36 2.52 11.36 -14.31
CA SER C 36 1.85 11.72 -13.09
C SER C 36 2.15 13.22 -13.00
N LEU C 37 3.34 13.61 -13.45
CA LEU C 37 3.74 15.01 -13.44
C LEU C 37 2.87 15.70 -14.46
N LEU C 38 2.89 15.19 -15.67
CA LEU C 38 2.09 15.75 -16.74
C LEU C 38 0.72 16.10 -16.23
N ALA C 39 0.23 15.28 -15.31
CA ALA C 39 -1.09 15.54 -14.74
C ALA C 39 -0.99 16.86 -13.99
N VAL C 40 -0.17 16.87 -12.95
CA VAL C 40 0.07 18.03 -12.12
C VAL C 40 0.22 19.29 -12.94
N CYS C 41 0.68 19.14 -14.17
CA CYS C 41 0.78 20.30 -15.01
C CYS C 41 -0.65 20.57 -15.44
N LEU C 42 -1.26 19.59 -16.08
CA LEU C 42 -2.61 19.78 -16.51
C LEU C 42 -3.36 20.50 -15.44
N MET C 43 -3.11 20.16 -14.18
CA MET C 43 -3.79 20.81 -13.06
C MET C 43 -3.29 22.22 -12.90
N THR C 44 -2.04 22.34 -12.50
CA THR C 44 -1.43 23.64 -12.32
C THR C 44 -1.84 24.58 -13.45
N GLN C 45 -1.96 24.06 -14.66
CA GLN C 45 -2.38 24.90 -15.78
C GLN C 45 -3.83 25.27 -15.63
N ILE C 46 -4.67 24.25 -15.52
CA ILE C 46 -6.10 24.49 -15.37
C ILE C 46 -6.42 25.29 -14.14
N LEU C 47 -5.77 25.00 -13.04
CA LEU C 47 -6.07 25.77 -11.87
C LEU C 47 -5.65 27.23 -12.10
N THR C 48 -4.35 27.48 -12.32
CA THR C 48 -3.86 28.84 -12.52
C THR C 48 -4.60 29.56 -13.64
N GLY C 49 -4.64 28.97 -14.82
CA GLY C 49 -5.32 29.63 -15.92
C GLY C 49 -6.79 29.96 -15.71
N LEU C 50 -7.48 29.09 -15.00
CA LEU C 50 -8.89 29.27 -14.72
C LEU C 50 -9.00 30.53 -13.90
N LEU C 51 -8.01 30.69 -13.06
CA LEU C 51 -7.88 31.78 -12.11
C LEU C 51 -7.38 33.05 -12.78
N LEU C 52 -6.61 32.87 -13.83
CA LEU C 52 -6.03 33.99 -14.54
C LEU C 52 -7.12 34.51 -15.47
N ALA C 53 -8.03 33.63 -15.83
CA ALA C 53 -9.12 34.01 -16.72
C ALA C 53 -10.09 34.82 -15.91
N MET C 54 -9.94 34.73 -14.60
CA MET C 54 -10.80 35.51 -13.76
C MET C 54 -10.50 36.99 -13.94
N HIS C 55 -9.39 37.30 -14.59
CA HIS C 55 -9.04 38.69 -14.78
C HIS C 55 -8.76 39.09 -16.23
N TYR C 56 -8.63 38.09 -17.10
CA TYR C 56 -8.36 38.39 -18.49
C TYR C 56 -9.55 39.15 -19.10
N THR C 57 -9.33 39.88 -20.18
CA THR C 57 -10.39 40.61 -20.85
C THR C 57 -10.11 40.45 -22.33
N ALA C 58 -10.62 39.38 -22.92
CA ALA C 58 -10.39 39.11 -24.34
C ALA C 58 -10.91 40.10 -25.34
N ASP C 59 -10.09 41.09 -25.65
CA ASP C 59 -10.52 42.08 -26.61
C ASP C 59 -9.36 42.99 -26.89
N THR C 60 -8.87 42.94 -28.13
CA THR C 60 -7.76 43.76 -28.58
C THR C 60 -7.40 44.91 -27.64
N SER C 61 -8.14 45.99 -27.73
CA SER C 61 -7.93 47.18 -26.91
C SER C 61 -7.71 47.00 -25.39
N LEU C 62 -8.21 45.89 -24.84
CA LEU C 62 -8.07 45.60 -23.42
C LEU C 62 -7.24 44.36 -23.14
N ALA C 63 -7.19 43.47 -24.11
CA ALA C 63 -6.44 42.22 -23.94
C ALA C 63 -5.05 42.38 -23.34
N PHE C 64 -4.13 43.05 -24.03
CA PHE C 64 -2.81 43.19 -23.46
C PHE C 64 -2.88 43.67 -22.03
N SER C 65 -3.19 44.96 -21.86
CA SER C 65 -3.29 45.56 -20.55
C SER C 65 -3.87 44.65 -19.51
N SER C 66 -5.07 44.14 -19.78
CA SER C 66 -5.76 43.25 -18.84
C SER C 66 -4.80 42.38 -18.08
N VAL C 67 -4.00 41.61 -18.80
CA VAL C 67 -3.03 40.75 -18.18
C VAL C 67 -2.16 41.59 -17.23
N ALA C 68 -1.52 42.63 -17.77
CA ALA C 68 -0.66 43.49 -16.97
C ALA C 68 -1.41 43.82 -15.68
N HIS C 69 -2.64 44.26 -15.84
CA HIS C 69 -3.45 44.57 -14.67
C HIS C 69 -3.46 43.30 -13.82
N THR C 70 -3.93 42.20 -14.39
CA THR C 70 -3.98 40.95 -13.65
C THR C 70 -2.73 40.69 -12.84
N CYS C 71 -1.61 41.27 -13.25
CA CYS C 71 -0.38 41.07 -12.52
C CYS C 71 -0.22 42.14 -11.49
N ARG C 72 0.06 43.35 -11.94
CA ARG C 72 0.25 44.50 -11.06
C ARG C 72 -0.86 44.77 -10.04
N ASN C 73 -2.11 44.60 -10.46
CA ASN C 73 -3.27 44.87 -9.61
C ASN C 73 -3.80 43.76 -8.71
N VAL C 74 -3.92 42.54 -9.24
CA VAL C 74 -4.46 41.46 -8.46
C VAL C 74 -3.45 40.83 -7.53
N GLN C 75 -3.81 40.72 -6.26
CA GLN C 75 -2.90 40.13 -5.32
C GLN C 75 -2.43 38.79 -5.82
N TYR C 76 -1.11 38.62 -5.87
CA TYR C 76 -0.48 37.40 -6.35
C TYR C 76 -0.86 37.06 -7.76
N GLY C 77 -1.61 37.96 -8.38
CA GLY C 77 -1.99 37.74 -9.74
C GLY C 77 -0.69 37.56 -10.50
N TRP C 78 0.34 38.31 -10.13
CA TRP C 78 1.62 38.19 -10.82
C TRP C 78 2.15 36.79 -10.68
N LEU C 79 2.06 36.25 -9.47
CA LEU C 79 2.53 34.90 -9.21
C LEU C 79 1.78 33.91 -10.06
N ILE C 80 0.48 34.12 -10.13
CA ILE C 80 -0.34 33.23 -10.93
C ILE C 80 0.22 33.21 -12.34
N ARG C 81 0.26 34.36 -12.99
CA ARG C 81 0.78 34.40 -14.33
C ARG C 81 2.09 33.64 -14.40
N ASN C 82 3.13 34.17 -13.75
CA ASN C 82 4.44 33.53 -13.74
C ASN C 82 4.30 32.01 -13.75
N LEU C 83 3.66 31.48 -12.72
CA LEU C 83 3.43 30.05 -12.62
C LEU C 83 2.85 29.45 -13.88
N HIS C 84 1.83 30.12 -14.42
CA HIS C 84 1.14 29.65 -15.62
C HIS C 84 2.07 29.52 -16.80
N ALA C 85 2.63 30.64 -17.23
CA ALA C 85 3.52 30.62 -18.38
C ALA C 85 4.61 29.58 -18.26
N ASN C 86 5.02 29.33 -17.04
CA ASN C 86 6.06 28.34 -16.81
C ASN C 86 5.53 26.94 -16.74
N GLY C 87 4.33 26.79 -16.20
CA GLY C 87 3.75 25.47 -16.16
C GLY C 87 3.78 25.02 -17.61
N ALA C 88 3.47 25.97 -18.48
CA ALA C 88 3.45 25.68 -19.90
C ALA C 88 4.67 24.85 -20.24
N SER C 89 5.84 25.37 -19.84
CA SER C 89 7.10 24.71 -20.10
C SER C 89 7.24 23.41 -19.31
N PHE C 90 7.23 23.45 -17.97
CA PHE C 90 7.35 22.23 -17.16
C PHE C 90 6.41 21.22 -17.85
N PHE C 91 5.29 21.73 -18.36
CA PHE C 91 4.34 20.86 -19.05
C PHE C 91 5.02 20.28 -20.28
N PHE C 92 5.50 21.12 -21.20
CA PHE C 92 6.19 20.60 -22.39
C PHE C 92 7.42 19.81 -22.05
N ILE C 93 8.14 20.20 -21.02
CA ILE C 93 9.31 19.43 -20.63
C ILE C 93 8.88 18.01 -20.30
N CYS C 94 8.09 17.87 -19.26
CA CYS C 94 7.62 16.55 -18.91
C CYS C 94 7.09 15.81 -20.13
N ILE C 95 6.26 16.46 -20.93
CA ILE C 95 5.70 15.79 -22.10
C ILE C 95 6.85 15.31 -22.97
N PHE C 96 7.78 16.21 -23.27
CA PHE C 96 8.93 15.86 -24.10
C PHE C 96 9.75 14.71 -23.53
N LEU C 97 9.85 14.63 -22.21
CA LEU C 97 10.58 13.54 -21.59
C LEU C 97 9.72 12.30 -21.65
N HIS C 98 8.48 12.43 -21.17
CA HIS C 98 7.49 11.35 -21.17
C HIS C 98 7.50 10.62 -22.53
N ILE C 99 7.55 11.40 -23.61
CA ILE C 99 7.58 10.81 -24.94
C ILE C 99 8.89 10.10 -25.11
N GLY C 100 9.94 10.67 -24.53
CA GLY C 100 11.25 10.06 -24.64
C GLY C 100 11.11 8.67 -24.11
N ARG C 101 10.99 8.60 -22.79
CA ARG C 101 10.83 7.35 -22.07
C ARG C 101 10.04 6.41 -22.92
N GLY C 102 8.78 6.73 -23.16
CA GLY C 102 7.94 5.86 -23.98
C GLY C 102 8.59 5.36 -25.26
N LEU C 103 9.32 6.23 -25.96
CA LEU C 103 9.99 5.86 -27.18
C LEU C 103 11.04 4.84 -26.88
N TYR C 104 11.88 5.08 -25.88
CA TYR C 104 12.92 4.11 -25.59
C TYR C 104 12.70 3.04 -24.56
N TYR C 105 11.55 2.40 -24.68
CA TYR C 105 11.11 1.29 -23.84
C TYR C 105 9.92 0.81 -24.61
N GLY C 106 9.90 1.23 -25.86
CA GLY C 106 8.81 0.84 -26.71
C GLY C 106 7.48 0.86 -26.02
N SER C 107 7.27 1.81 -25.12
CA SER C 107 5.97 1.85 -24.51
C SER C 107 4.96 2.11 -25.64
N TYR C 108 5.48 2.57 -26.77
CA TYR C 108 4.67 2.83 -27.93
C TYR C 108 4.11 1.51 -28.43
N LEU C 109 4.37 0.44 -27.71
CA LEU C 109 3.83 -0.83 -28.12
C LEU C 109 2.43 -0.92 -27.52
N TYR C 110 2.15 -0.16 -26.47
CA TYR C 110 0.81 -0.18 -25.93
C TYR C 110 -0.05 0.66 -26.86
N LYS C 111 0.36 0.72 -28.12
CA LYS C 111 -0.34 1.46 -29.15
C LYS C 111 -1.40 2.44 -28.69
N GLU C 112 -2.63 1.98 -28.52
CA GLU C 112 -3.69 2.90 -28.10
C GLU C 112 -3.23 3.89 -27.00
N THR C 113 -2.74 3.36 -25.89
CA THR C 113 -2.31 4.24 -24.83
C THR C 113 -1.33 5.24 -25.44
N TRP C 114 -0.58 4.80 -26.45
CA TRP C 114 0.39 5.68 -27.11
C TRP C 114 -0.28 6.62 -28.08
N ASN C 115 -1.09 6.09 -28.99
CA ASN C 115 -1.78 6.95 -29.92
C ASN C 115 -2.52 8.07 -29.20
N THR C 116 -3.27 7.73 -28.16
CA THR C 116 -3.98 8.75 -27.42
C THR C 116 -2.92 9.74 -27.01
N GLY C 117 -1.84 9.23 -26.43
CA GLY C 117 -0.78 10.11 -26.03
C GLY C 117 -0.51 11.19 -27.06
N VAL C 118 -0.21 10.77 -28.29
CA VAL C 118 0.05 11.75 -29.35
C VAL C 118 -1.00 12.83 -29.26
N ILE C 119 -2.25 12.44 -29.51
CA ILE C 119 -3.37 13.38 -29.44
C ILE C 119 -3.09 14.40 -28.35
N LEU C 120 -2.90 13.93 -27.11
CA LEU C 120 -2.59 14.83 -25.99
C LEU C 120 -1.50 15.83 -26.41
N LEU C 121 -0.34 15.31 -26.82
CA LEU C 121 0.72 16.19 -27.25
C LEU C 121 0.10 17.22 -28.16
N LEU C 122 -0.29 16.78 -29.36
CA LEU C 122 -0.91 17.66 -30.32
C LEU C 122 -1.77 18.72 -29.68
N THR C 123 -2.76 18.29 -28.91
CA THR C 123 -3.64 19.22 -28.23
C THR C 123 -2.83 20.14 -27.31
N LEU C 124 -2.00 19.56 -26.45
CA LEU C 124 -1.21 20.42 -25.60
C LEU C 124 -0.45 21.44 -26.45
N MET C 125 0.00 21.05 -27.64
CA MET C 125 0.69 21.99 -28.51
C MET C 125 -0.33 23.00 -28.98
N ALA C 126 -1.49 22.49 -29.37
CA ALA C 126 -2.57 23.35 -29.86
C ALA C 126 -3.02 24.36 -28.82
N THR C 127 -3.40 23.87 -27.65
CA THR C 127 -3.89 24.78 -26.62
C THR C 127 -2.84 25.81 -26.26
N ALA C 128 -1.58 25.40 -26.15
CA ALA C 128 -0.50 26.32 -25.80
C ALA C 128 -0.28 27.37 -26.88
N PHE C 129 -0.68 27.08 -28.11
CA PHE C 129 -0.54 28.02 -29.20
C PHE C 129 -1.46 29.13 -28.87
N VAL C 130 -2.71 28.78 -28.63
CA VAL C 130 -3.66 29.80 -28.24
C VAL C 130 -3.17 30.19 -26.86
N GLY C 131 -3.91 31.00 -26.14
CA GLY C 131 -3.41 31.36 -24.81
C GLY C 131 -2.18 32.24 -24.92
N TYR C 132 -1.19 31.82 -25.69
CA TYR C 132 -0.04 32.66 -25.84
C TYR C 132 -0.50 33.78 -26.73
N VAL C 133 -1.52 33.56 -27.53
CA VAL C 133 -1.98 34.66 -28.35
C VAL C 133 -2.62 35.67 -27.41
N LEU C 134 -3.47 35.19 -26.52
CA LEU C 134 -4.18 35.98 -25.53
C LEU C 134 -3.58 37.26 -24.97
N PRO C 135 -2.39 37.20 -24.40
CA PRO C 135 -1.75 38.41 -23.84
C PRO C 135 -1.56 39.46 -24.92
N TRP C 136 -1.81 39.03 -26.14
CA TRP C 136 -1.68 39.88 -27.30
C TRP C 136 -0.47 40.77 -27.32
N GLY C 137 0.70 40.14 -27.38
CA GLY C 137 1.95 40.86 -27.43
C GLY C 137 2.41 40.81 -28.87
N GLN C 138 3.59 41.34 -29.16
CA GLN C 138 4.06 41.32 -30.53
C GLN C 138 4.11 39.89 -30.95
N MET C 139 4.60 39.04 -30.06
CA MET C 139 4.67 37.63 -30.40
C MET C 139 3.27 37.11 -30.57
N SER C 140 2.49 37.13 -29.50
CA SER C 140 1.11 36.67 -29.52
C SER C 140 0.46 36.87 -30.87
N PHE C 141 0.56 38.11 -31.36
CA PHE C 141 -0.02 38.47 -32.62
C PHE C 141 0.59 37.73 -33.79
N TRP C 142 1.86 37.99 -34.01
CA TRP C 142 2.52 37.36 -35.12
C TRP C 142 2.55 35.83 -35.09
N GLY C 143 2.41 35.24 -33.90
CA GLY C 143 2.36 33.80 -33.86
C GLY C 143 1.00 33.42 -34.41
N ALA C 144 -0.01 34.12 -33.89
CA ALA C 144 -1.36 33.91 -34.35
C ALA C 144 -1.31 33.92 -35.89
N THR C 145 -0.80 35.00 -36.48
CA THR C 145 -0.74 35.13 -37.94
C THR C 145 -0.02 34.07 -38.75
N VAL C 146 1.02 33.43 -38.24
CA VAL C 146 1.67 32.39 -39.02
C VAL C 146 0.97 31.10 -38.76
N ILE C 147 1.20 30.56 -37.57
CA ILE C 147 0.58 29.31 -37.16
C ILE C 147 -0.77 29.12 -37.78
N THR C 148 -1.63 30.12 -37.65
CA THR C 148 -2.94 30.03 -38.24
C THR C 148 -2.71 29.88 -39.73
N ASN C 149 -2.24 30.97 -40.35
CA ASN C 149 -1.98 31.10 -41.80
C ASN C 149 -1.27 29.86 -42.33
N LEU C 150 -0.71 29.12 -41.40
CA LEU C 150 0.03 27.91 -41.63
C LEU C 150 -0.87 26.89 -42.30
N PHE C 151 -2.18 27.07 -42.16
CA PHE C 151 -3.14 26.16 -42.78
C PHE C 151 -3.47 26.64 -44.17
N SER C 152 -2.70 27.65 -44.59
CA SER C 152 -2.86 28.24 -45.89
C SER C 152 -2.56 27.14 -46.87
N ALA C 153 -1.49 26.42 -46.59
CA ALA C 153 -1.02 25.31 -47.41
C ALA C 153 -2.08 24.37 -47.92
N ILE C 154 -2.93 23.86 -47.05
CA ILE C 154 -3.98 22.93 -47.45
C ILE C 154 -4.75 23.61 -48.57
N PRO C 155 -4.65 23.07 -49.79
CA PRO C 155 -5.34 23.63 -50.95
C PRO C 155 -6.87 23.59 -50.88
N TYR C 156 -7.50 24.47 -51.66
CA TYR C 156 -8.95 24.55 -51.75
C TYR C 156 -9.60 24.99 -50.45
N ILE C 157 -9.58 24.09 -49.48
CA ILE C 157 -10.17 24.33 -48.17
C ILE C 157 -9.30 25.20 -47.25
N GLY C 158 -8.11 25.56 -47.71
CA GLY C 158 -7.21 26.34 -46.86
C GLY C 158 -7.48 27.81 -46.63
N HIS C 159 -7.13 28.64 -47.62
CA HIS C 159 -7.32 30.07 -47.52
C HIS C 159 -8.62 30.32 -46.82
N THR C 160 -9.61 29.50 -47.14
CA THR C 160 -10.92 29.63 -46.52
C THR C 160 -10.87 29.20 -45.06
N LEU C 161 -10.43 27.97 -44.80
CA LEU C 161 -10.37 27.49 -43.43
C LEU C 161 -9.72 28.49 -42.49
N VAL C 162 -8.74 29.24 -42.98
CA VAL C 162 -8.10 30.21 -42.11
C VAL C 162 -9.02 31.39 -41.87
N GLU C 163 -9.49 32.02 -42.95
CA GLU C 163 -10.40 33.17 -42.86
C GLU C 163 -11.65 32.58 -42.27
N TRP C 164 -11.49 32.05 -41.06
CA TRP C 164 -12.52 31.35 -40.35
C TRP C 164 -11.77 30.88 -39.13
N ALA C 165 -10.64 30.25 -39.37
CA ALA C 165 -9.80 29.79 -38.29
C ALA C 165 -9.88 30.92 -37.30
N TRP C 166 -9.31 32.04 -37.71
CA TRP C 166 -9.34 33.23 -36.90
C TRP C 166 -10.53 34.01 -37.41
N GLY C 167 -10.93 35.03 -36.65
CA GLY C 167 -12.06 35.85 -36.99
C GLY C 167 -12.41 36.01 -38.46
N GLY C 168 -12.28 37.25 -38.94
CA GLY C 168 -12.60 37.54 -40.32
C GLY C 168 -11.52 37.25 -41.34
N PHE C 169 -10.85 38.30 -41.81
CA PHE C 169 -9.83 38.17 -42.83
C PHE C 169 -8.42 38.51 -42.44
N SER C 170 -8.21 38.80 -41.17
CA SER C 170 -6.89 39.12 -40.65
C SER C 170 -6.95 38.98 -39.15
N VAL C 171 -5.88 38.45 -38.55
CA VAL C 171 -5.91 38.31 -37.11
C VAL C 171 -6.36 39.59 -36.48
N ASP C 172 -7.58 39.62 -35.97
CA ASP C 172 -8.09 40.81 -35.32
C ASP C 172 -8.99 40.41 -34.19
N ASN C 173 -9.39 41.36 -33.36
CA ASN C 173 -10.22 41.07 -32.19
C ASN C 173 -10.95 39.72 -32.18
N PRO C 174 -11.84 39.49 -33.15
CA PRO C 174 -12.56 38.21 -33.18
C PRO C 174 -11.61 37.05 -32.93
N THR C 175 -10.69 36.85 -33.86
CA THR C 175 -9.75 35.76 -33.68
C THR C 175 -9.39 35.71 -32.19
N LEU C 176 -9.08 36.85 -31.55
CA LEU C 176 -8.72 36.80 -30.15
C LEU C 176 -9.78 36.20 -29.28
N THR C 177 -10.97 36.79 -29.26
CA THR C 177 -12.02 36.23 -28.41
C THR C 177 -12.21 34.75 -28.68
N ARG C 178 -12.30 34.39 -29.96
CA ARG C 178 -12.51 33.00 -30.27
C ARG C 178 -11.34 32.12 -29.91
N PHE C 179 -10.22 32.72 -29.58
CA PHE C 179 -9.08 31.90 -29.18
C PHE C 179 -9.19 31.66 -27.69
N PHE C 180 -9.40 32.74 -26.96
CA PHE C 180 -9.57 32.63 -25.53
C PHE C 180 -10.47 31.43 -25.29
N ALA C 181 -11.64 31.44 -25.96
CA ALA C 181 -12.64 30.37 -25.83
C ALA C 181 -12.01 29.02 -26.01
N LEU C 182 -11.34 28.81 -27.15
CA LEU C 182 -10.66 27.55 -27.39
C LEU C 182 -9.71 27.19 -26.25
N HIS C 183 -8.90 28.16 -25.85
CA HIS C 183 -7.95 27.95 -24.79
C HIS C 183 -8.75 27.59 -23.55
N PHE C 184 -9.66 28.44 -23.11
CA PHE C 184 -10.43 28.11 -21.91
C PHE C 184 -11.00 26.69 -21.99
N LEU C 185 -11.48 26.32 -23.18
CA LEU C 185 -12.08 25.02 -23.41
C LEU C 185 -11.11 23.84 -23.47
N LEU C 186 -10.22 23.86 -24.47
CA LEU C 186 -9.23 22.81 -24.71
C LEU C 186 -8.63 22.06 -23.57
N PRO C 187 -8.06 22.76 -22.62
CA PRO C 187 -7.44 22.04 -21.53
C PRO C 187 -8.36 20.96 -20.99
N PHE C 188 -9.63 21.30 -20.84
CA PHE C 188 -10.59 20.33 -20.36
C PHE C 188 -10.69 19.13 -21.29
N ALA C 189 -10.26 19.29 -22.53
CA ALA C 189 -10.31 18.18 -23.47
C ALA C 189 -9.10 17.32 -23.15
N ILE C 190 -7.97 17.98 -22.94
CA ILE C 190 -6.76 17.27 -22.60
C ILE C 190 -7.06 16.38 -21.41
N ALA C 191 -7.71 16.97 -20.41
CA ALA C 191 -8.08 16.24 -19.21
C ALA C 191 -8.90 14.99 -19.57
N GLY C 192 -9.91 15.19 -20.40
CA GLY C 192 -10.75 14.07 -20.79
C GLY C 192 -9.93 12.99 -21.46
N ILE C 193 -9.28 13.34 -22.55
CA ILE C 193 -8.47 12.40 -23.28
C ILE C 193 -7.48 11.70 -22.35
N THR C 194 -6.83 12.47 -21.49
CA THR C 194 -5.93 11.88 -20.53
C THR C 194 -6.64 10.73 -19.82
N ILE C 195 -7.92 10.91 -19.52
CA ILE C 195 -8.66 9.82 -18.86
C ILE C 195 -8.65 8.66 -19.84
N ILE C 196 -9.06 8.95 -21.06
CA ILE C 196 -9.09 7.91 -22.08
C ILE C 196 -7.72 7.27 -22.22
N HIS C 197 -6.67 8.08 -22.08
CA HIS C 197 -5.28 7.63 -22.18
C HIS C 197 -5.03 6.59 -21.11
N LEU C 198 -5.23 6.96 -19.85
CA LEU C 198 -5.03 6.00 -18.76
C LEU C 198 -5.94 4.80 -18.89
N THR C 199 -7.17 5.00 -19.32
CA THR C 199 -8.01 3.85 -19.48
C THR C 199 -7.26 2.85 -20.35
N PHE C 200 -7.00 3.21 -21.59
CA PHE C 200 -6.28 2.29 -22.44
C PHE C 200 -5.10 1.67 -21.76
N LEU C 201 -4.38 2.48 -21.01
CA LEU C 201 -3.22 1.95 -20.32
C LEU C 201 -3.69 0.78 -19.45
N HIS C 202 -4.27 1.07 -18.28
CA HIS C 202 -4.77 0.04 -17.38
C HIS C 202 -5.20 -1.27 -18.04
N GLU C 203 -5.68 -1.19 -19.28
CA GLU C 203 -6.10 -2.37 -20.02
C GLU C 203 -4.90 -3.28 -20.08
N SER C 204 -3.75 -2.65 -20.25
CA SER C 204 -2.45 -3.29 -20.35
C SER C 204 -1.65 -2.67 -19.23
N GLY C 205 -1.19 -3.47 -18.27
CA GLY C 205 -0.45 -2.88 -17.17
C GLY C 205 0.53 -1.82 -17.62
N SER C 206 1.21 -1.18 -16.67
CA SER C 206 2.20 -0.16 -17.02
C SER C 206 3.39 -0.93 -17.63
N ASN C 207 4.22 -0.27 -18.41
CA ASN C 207 5.28 -1.03 -19.03
C ASN C 207 6.26 -1.66 -18.09
N ASN C 208 7.42 -1.03 -17.95
CA ASN C 208 8.54 -1.48 -17.11
C ASN C 208 9.83 -1.45 -17.96
N PRO C 209 10.94 -0.92 -17.41
CA PRO C 209 12.22 -0.79 -18.08
C PRO C 209 12.89 -1.98 -18.72
N LEU C 210 12.56 -3.20 -18.33
CA LEU C 210 13.25 -4.32 -18.94
C LEU C 210 12.58 -4.76 -20.19
N GLY C 211 11.29 -4.50 -20.29
CA GLY C 211 10.55 -4.90 -21.48
C GLY C 211 10.30 -6.38 -21.53
N ILE C 212 10.01 -6.96 -20.37
CA ILE C 212 9.69 -8.37 -20.28
C ILE C 212 8.61 -8.45 -19.20
N SER C 213 7.73 -9.43 -19.31
CA SER C 213 6.62 -9.55 -18.36
C SER C 213 7.01 -9.18 -16.96
N SER C 214 6.09 -8.59 -16.22
CA SER C 214 6.38 -8.21 -14.86
C SER C 214 5.42 -8.84 -13.90
N ASP C 215 4.47 -9.61 -14.40
CA ASP C 215 3.51 -10.27 -13.53
C ASP C 215 4.27 -11.00 -12.41
N SER C 216 5.49 -11.37 -12.77
CA SER C 216 6.38 -12.10 -11.88
C SER C 216 6.62 -11.33 -10.60
N ASP C 217 6.46 -10.00 -10.67
CA ASP C 217 6.70 -9.16 -9.52
C ASP C 217 5.52 -8.27 -9.12
N LYS C 218 5.34 -7.17 -9.84
CA LYS C 218 4.27 -6.20 -9.61
C LYS C 218 3.80 -5.91 -8.20
N ILE C 219 4.08 -4.67 -7.79
CA ILE C 219 3.76 -4.16 -6.47
C ILE C 219 2.54 -3.26 -6.51
N PRO C 220 1.81 -3.19 -5.40
CA PRO C 220 0.61 -2.40 -5.23
C PRO C 220 0.90 -0.92 -5.43
N PHE C 221 0.34 -0.34 -6.48
CA PHE C 221 0.58 1.05 -6.77
C PHE C 221 0.68 1.94 -5.55
N HIS C 222 -0.33 1.87 -4.68
CA HIS C 222 -0.33 2.76 -3.52
C HIS C 222 0.89 2.90 -2.63
N PRO C 223 1.09 1.96 -1.71
CA PRO C 223 2.24 2.06 -0.80
C PRO C 223 3.43 2.66 -1.50
N TYR C 224 3.81 2.04 -2.61
CA TYR C 224 4.96 2.50 -3.36
C TYR C 224 4.77 3.77 -4.16
N TYR C 225 4.51 3.59 -5.45
CA TYR C 225 4.39 4.68 -6.39
C TYR C 225 3.65 5.92 -6.01
N SER C 226 2.69 5.81 -5.10
CA SER C 226 2.00 7.01 -4.66
C SER C 226 3.09 7.93 -4.11
N PHE C 227 3.85 7.43 -3.14
CA PHE C 227 4.93 8.21 -2.56
C PHE C 227 5.83 8.69 -3.64
N LYS C 228 6.33 7.73 -4.41
CA LYS C 228 7.24 8.04 -5.49
C LYS C 228 6.72 9.20 -6.32
N ASP C 229 5.42 9.29 -6.53
CA ASP C 229 4.93 10.43 -7.29
C ASP C 229 5.04 11.67 -6.45
N ILE C 230 4.52 11.64 -5.23
CA ILE C 230 4.58 12.81 -4.37
C ILE C 230 5.98 13.36 -4.33
N LEU C 231 6.98 12.46 -4.37
CA LEU C 231 8.38 12.86 -4.36
C LEU C 231 8.71 13.58 -5.66
N GLY C 232 8.56 12.87 -6.77
CA GLY C 232 8.83 13.44 -8.08
C GLY C 232 8.05 14.73 -8.23
N LEU C 233 6.94 14.83 -7.52
CA LEU C 233 6.14 16.02 -7.57
C LEU C 233 7.08 17.13 -7.12
N THR C 234 7.51 17.08 -5.86
CA THR C 234 8.41 18.09 -5.32
C THR C 234 9.70 18.28 -6.08
N LEU C 235 10.27 17.21 -6.61
CA LEU C 235 11.51 17.32 -7.37
C LEU C 235 11.32 18.25 -8.56
N MET C 236 10.70 17.75 -9.63
CA MET C 236 10.45 18.60 -10.78
C MET C 236 9.32 19.58 -10.50
N LEU C 237 9.36 20.17 -9.31
CA LEU C 237 8.38 21.19 -8.92
C LEU C 237 9.30 22.34 -8.53
N THR C 238 10.38 21.96 -7.89
CA THR C 238 11.35 22.92 -7.43
C THR C 238 11.93 23.79 -8.55
N PRO C 239 12.28 23.18 -9.68
CA PRO C 239 12.83 23.97 -10.76
C PRO C 239 11.76 24.92 -11.22
N PHE C 240 10.69 24.36 -11.76
CA PHE C 240 9.57 25.13 -12.22
C PHE C 240 9.31 26.29 -11.24
N LEU C 241 9.18 26.03 -9.95
CA LEU C 241 8.98 27.13 -9.03
C LEU C 241 10.14 28.10 -9.00
N THR C 242 11.36 27.56 -8.90
CA THR C 242 12.58 28.36 -8.89
C THR C 242 12.49 29.40 -9.99
N LEU C 243 12.19 28.94 -11.20
CA LEU C 243 12.04 29.84 -12.35
C LEU C 243 11.07 30.93 -12.04
N ALA C 244 9.85 30.50 -11.72
CA ALA C 244 8.74 31.39 -11.43
C ALA C 244 8.97 32.35 -10.29
N LEU C 245 9.97 32.13 -9.49
CA LEU C 245 10.17 33.06 -8.42
C LEU C 245 11.47 33.79 -8.55
N PHE C 246 12.39 33.25 -9.34
CA PHE C 246 13.68 33.90 -9.48
C PHE C 246 14.00 34.50 -10.82
N SER C 247 13.69 33.78 -11.89
CA SER C 247 13.92 34.29 -13.24
C SER C 247 12.81 33.80 -14.14
N PRO C 248 11.60 34.28 -13.88
CA PRO C 248 10.37 33.95 -14.60
C PRO C 248 10.50 33.98 -16.10
N ASN C 249 10.88 35.14 -16.62
CA ASN C 249 10.96 35.26 -18.06
C ASN C 249 12.17 34.61 -18.64
N LEU C 250 12.91 33.90 -17.79
CA LEU C 250 14.09 33.21 -18.25
C LEU C 250 13.74 32.51 -19.57
N LEU C 251 12.64 31.74 -19.61
CA LEU C 251 12.25 31.06 -20.85
C LEU C 251 11.38 31.92 -21.75
N GLY C 252 10.73 32.91 -21.15
CA GLY C 252 9.85 33.78 -21.90
C GLY C 252 10.50 34.91 -22.67
N ASP C 253 10.34 34.85 -23.99
CA ASP C 253 10.84 35.86 -24.92
C ASP C 253 10.32 37.18 -24.42
N PRO C 254 11.18 38.20 -24.36
CA PRO C 254 10.77 39.52 -23.87
C PRO C 254 10.07 40.29 -24.98
N GLU C 255 10.45 39.98 -26.21
CA GLU C 255 9.87 40.66 -27.35
C GLU C 255 8.35 40.74 -27.24
N ASN C 256 7.76 39.80 -26.52
CA ASN C 256 6.31 39.72 -26.37
C ASN C 256 5.82 40.68 -25.33
N PHE C 257 6.73 41.42 -24.71
CA PHE C 257 6.33 42.41 -23.71
C PHE C 257 5.94 43.71 -24.37
N THR C 258 6.03 43.74 -25.67
CA THR C 258 5.64 44.93 -26.39
C THR C 258 4.32 44.61 -27.10
N PRO C 259 3.24 45.28 -26.67
CA PRO C 259 1.90 45.09 -27.22
C PRO C 259 1.95 44.92 -28.71
N ALA C 260 1.02 44.14 -29.21
CA ALA C 260 0.95 43.84 -30.62
C ALA C 260 0.82 45.05 -31.53
N ASN C 261 1.45 44.95 -32.69
CA ASN C 261 1.41 45.95 -33.73
C ASN C 261 1.19 45.13 -34.99
N PRO C 262 0.00 45.25 -35.59
CA PRO C 262 -0.41 44.53 -36.80
C PRO C 262 0.43 44.93 -37.97
N LEU C 263 1.17 46.01 -37.80
CA LEU C 263 1.99 46.56 -38.89
C LEU C 263 3.43 46.17 -38.91
N VAL C 264 3.99 45.78 -37.77
CA VAL C 264 5.41 45.43 -37.78
C VAL C 264 5.74 44.14 -37.06
N THR C 265 6.16 43.13 -37.81
CA THR C 265 6.51 41.89 -37.16
C THR C 265 7.97 42.12 -36.77
N PRO C 266 8.31 41.85 -35.51
CA PRO C 266 9.66 42.04 -34.98
C PRO C 266 10.79 41.38 -35.73
N PRO C 267 11.82 42.14 -36.03
CA PRO C 267 12.94 41.54 -36.75
C PRO C 267 13.38 40.64 -35.63
N HIS C 268 13.61 39.38 -35.89
CA HIS C 268 13.99 38.42 -34.85
C HIS C 268 12.75 37.83 -34.18
N ILE C 269 11.98 37.07 -34.94
CA ILE C 269 10.81 36.43 -34.40
C ILE C 269 11.20 35.00 -34.06
N LYS C 270 11.55 34.76 -32.80
CA LYS C 270 11.92 33.43 -32.36
C LYS C 270 10.73 32.81 -31.65
N PRO C 271 10.13 31.76 -32.23
CA PRO C 271 8.98 31.09 -31.61
C PRO C 271 9.31 30.53 -30.23
N GLU C 272 8.29 30.09 -29.50
CA GLU C 272 8.54 29.55 -28.17
C GLU C 272 9.45 28.32 -28.22
N TRP C 273 10.39 28.24 -27.29
CA TRP C 273 11.35 27.14 -27.25
C TRP C 273 10.77 25.77 -27.44
N TYR C 274 9.76 25.43 -26.67
CA TYR C 274 9.13 24.13 -26.77
C TYR C 274 8.50 23.87 -28.15
N PHE C 275 8.80 24.73 -29.12
CA PHE C 275 8.27 24.63 -30.47
C PHE C 275 9.34 24.66 -31.54
N LEU C 276 10.48 25.24 -31.19
CA LEU C 276 11.59 25.40 -32.11
C LEU C 276 11.92 24.23 -33.05
N PHE C 277 12.09 23.03 -32.52
CA PHE C 277 12.44 21.92 -33.38
C PHE C 277 11.59 21.91 -34.63
N ALA C 278 10.33 21.57 -34.50
CA ALA C 278 9.46 21.54 -35.64
C ALA C 278 9.60 22.84 -36.41
N TYR C 279 9.76 23.95 -35.69
CA TYR C 279 9.92 25.26 -36.32
C TYR C 279 11.03 25.19 -37.34
N ALA C 280 12.20 24.75 -36.89
CA ALA C 280 13.35 24.62 -37.75
C ALA C 280 12.96 23.82 -38.97
N ILE C 281 12.57 22.58 -38.75
CA ILE C 281 12.16 21.71 -39.82
C ILE C 281 11.37 22.51 -40.85
N LEU C 282 10.38 23.28 -40.41
CA LEU C 282 9.52 24.09 -41.30
C LEU C 282 10.31 25.01 -42.20
N ARG C 283 11.26 25.73 -41.63
CA ARG C 283 12.08 26.62 -42.43
C ARG C 283 13.42 25.97 -42.64
N SER C 284 13.53 25.26 -43.75
CA SER C 284 14.74 24.55 -44.12
C SER C 284 14.22 23.62 -45.19
N ILE C 285 12.98 23.88 -45.54
CA ILE C 285 12.26 23.17 -46.58
C ILE C 285 11.49 24.27 -47.33
N PRO C 286 12.22 25.11 -48.07
CA PRO C 286 11.73 26.23 -48.88
C PRO C 286 10.66 25.87 -49.91
N ASN C 287 9.40 26.01 -49.48
CA ASN C 287 8.20 25.75 -50.26
C ASN C 287 7.10 25.87 -49.22
N LYS C 288 6.11 26.73 -49.45
CA LYS C 288 5.05 26.87 -48.47
C LYS C 288 4.68 25.47 -48.06
N LEU C 289 4.03 24.75 -48.96
CA LEU C 289 3.57 23.38 -48.72
C LEU C 289 4.63 22.47 -48.11
N GLY C 290 5.77 22.37 -48.75
CA GLY C 290 6.82 21.53 -48.21
C GLY C 290 7.06 21.93 -46.78
N GLY C 291 7.35 23.22 -46.60
CA GLY C 291 7.59 23.77 -45.28
C GLY C 291 6.59 23.18 -44.31
N VAL C 292 5.31 23.43 -44.55
CA VAL C 292 4.26 22.93 -43.71
C VAL C 292 4.29 21.41 -43.61
N LEU C 293 4.23 20.73 -44.75
CA LEU C 293 4.25 19.28 -44.76
C LEU C 293 5.31 18.74 -43.82
N ALA C 294 6.56 19.15 -44.06
CA ALA C 294 7.68 18.72 -43.22
C ALA C 294 7.18 18.76 -41.81
N LEU C 295 6.86 19.97 -41.36
CA LEU C 295 6.31 20.22 -40.05
C LEU C 295 5.22 19.21 -39.70
N ALA C 296 4.18 19.17 -40.52
CA ALA C 296 3.11 18.23 -40.30
C ALA C 296 3.70 16.95 -39.76
N ALA C 297 4.47 16.25 -40.57
CA ALA C 297 5.07 15.01 -40.14
C ALA C 297 6.10 15.17 -39.02
N SER C 298 6.66 16.36 -38.88
CA SER C 298 7.67 16.55 -37.86
C SER C 298 7.15 16.05 -36.56
N VAL C 299 5.85 16.24 -36.30
CA VAL C 299 5.27 15.77 -35.05
C VAL C 299 4.33 14.64 -35.28
N LEU C 300 3.60 14.73 -36.37
CA LEU C 300 2.65 13.72 -36.74
C LEU C 300 3.37 12.44 -37.17
N ILE C 301 4.61 12.27 -36.75
CA ILE C 301 5.35 11.07 -37.10
C ILE C 301 5.26 10.07 -35.96
N LEU C 302 5.11 10.60 -34.75
CA LEU C 302 5.00 9.78 -33.56
C LEU C 302 4.04 8.65 -33.76
N PHE C 303 3.02 8.90 -34.58
CA PHE C 303 2.00 7.91 -34.88
C PHE C 303 2.57 6.67 -35.54
N LEU C 304 3.67 6.83 -36.26
CA LEU C 304 4.31 5.71 -36.94
C LEU C 304 5.34 4.96 -36.13
N ILE C 305 5.90 5.57 -35.09
CA ILE C 305 6.89 4.84 -34.32
C ILE C 305 6.47 3.41 -34.01
N PRO C 306 5.22 3.17 -33.59
CA PRO C 306 4.83 1.79 -33.30
C PRO C 306 5.02 0.85 -34.47
N PHE C 307 4.89 1.35 -35.69
CA PHE C 307 5.05 0.48 -36.85
C PHE C 307 6.49 0.41 -37.25
N LEU C 308 7.29 1.34 -36.76
CA LEU C 308 8.72 1.33 -37.06
C LEU C 308 9.47 0.72 -35.89
N HIS C 309 8.94 -0.40 -35.42
CA HIS C 309 9.54 -1.16 -34.33
C HIS C 309 9.82 -2.53 -34.89
N LYS C 310 11.07 -2.96 -34.82
CA LYS C 310 11.47 -4.23 -35.34
C LYS C 310 12.16 -5.12 -34.32
N SER C 311 12.72 -4.53 -33.27
CA SER C 311 13.43 -5.32 -32.27
C SER C 311 12.64 -6.47 -31.65
N LYS C 312 13.23 -7.66 -31.62
CA LYS C 312 12.57 -8.83 -31.04
C LYS C 312 12.31 -8.61 -29.56
N GLN C 313 13.01 -7.62 -29.00
CA GLN C 313 12.88 -7.22 -27.58
C GLN C 313 12.09 -5.92 -27.55
N ARG C 314 11.40 -5.63 -26.46
CA ARG C 314 10.59 -4.40 -26.41
C ARG C 314 11.42 -3.13 -26.27
N THR C 315 11.84 -2.86 -25.04
CA THR C 315 12.66 -1.70 -24.74
C THR C 315 13.95 -1.92 -25.46
N MET C 316 14.85 -0.98 -25.30
CA MET C 316 16.11 -1.11 -25.94
C MET C 316 17.16 -0.78 -24.91
N THR C 317 17.30 -1.68 -23.93
CA THR C 317 18.28 -1.51 -22.87
C THR C 317 19.33 -2.56 -23.17
N PHE C 318 18.96 -3.46 -24.07
CA PHE C 318 19.80 -4.55 -24.46
C PHE C 318 20.09 -4.38 -25.96
N ARG C 319 19.92 -3.15 -26.43
CA ARG C 319 20.10 -2.81 -27.84
C ARG C 319 21.06 -1.62 -27.95
N PRO C 320 22.25 -1.76 -27.38
CA PRO C 320 23.29 -0.74 -27.37
C PRO C 320 23.44 -0.04 -28.69
N LEU C 321 23.17 -0.75 -29.77
CA LEU C 321 23.27 -0.14 -31.09
C LEU C 321 22.21 0.92 -31.31
N SER C 322 20.97 0.50 -31.41
CA SER C 322 19.91 1.47 -31.63
C SER C 322 19.98 2.46 -30.48
N GLN C 323 20.38 1.98 -29.33
CA GLN C 323 20.52 2.80 -28.13
C GLN C 323 21.23 4.13 -28.39
N THR C 324 22.42 4.08 -28.95
CA THR C 324 23.11 5.31 -29.24
C THR C 324 22.41 5.97 -30.42
N LEU C 325 21.83 5.18 -31.31
CA LEU C 325 21.16 5.81 -32.43
C LEU C 325 20.12 6.70 -31.75
N PHE C 326 19.48 6.18 -30.70
CA PHE C 326 18.48 6.92 -29.95
C PHE C 326 19.02 8.29 -29.55
N TRP C 327 20.07 8.32 -28.76
CA TRP C 327 20.60 9.61 -28.36
C TRP C 327 21.06 10.43 -29.53
N LEU C 328 21.38 9.75 -30.61
CA LEU C 328 21.79 10.49 -31.76
C LEU C 328 20.52 11.28 -32.06
N LEU C 329 19.35 10.66 -31.86
CA LEU C 329 18.09 11.33 -32.11
C LEU C 329 17.82 12.43 -31.09
N VAL C 330 17.82 12.08 -29.82
CA VAL C 330 17.55 13.07 -28.80
C VAL C 330 18.44 14.29 -28.98
N ALA C 331 19.68 14.07 -29.36
CA ALA C 331 20.56 15.20 -29.58
C ALA C 331 20.22 15.87 -30.89
N ASN C 332 19.93 15.07 -31.90
CA ASN C 332 19.58 15.59 -33.21
C ASN C 332 18.37 16.50 -33.04
N LEU C 333 17.73 16.39 -31.90
CA LEU C 333 16.55 17.19 -31.60
C LEU C 333 17.01 18.45 -30.91
N LEU C 334 17.81 18.26 -29.88
CA LEU C 334 18.36 19.38 -29.15
C LEU C 334 19.07 20.28 -30.16
N ILE C 335 19.50 19.69 -31.27
CA ILE C 335 20.18 20.47 -32.28
C ILE C 335 19.13 21.28 -32.98
N LEU C 336 18.28 20.62 -33.75
CA LEU C 336 17.22 21.32 -34.49
C LEU C 336 16.77 22.51 -33.69
N THR C 337 16.65 22.32 -32.39
CA THR C 337 16.22 23.38 -31.50
C THR C 337 17.17 24.58 -31.59
N TRP C 338 18.44 24.37 -31.27
CA TRP C 338 19.40 25.44 -31.37
C TRP C 338 19.26 26.07 -32.75
N ILE C 339 19.37 25.26 -33.79
CA ILE C 339 19.25 25.76 -35.15
C ILE C 339 17.95 26.48 -35.40
N GLY C 340 17.02 26.34 -34.47
CA GLY C 340 15.75 27.02 -34.61
C GLY C 340 15.83 28.40 -33.99
N SER C 341 16.55 28.50 -32.89
CA SER C 341 16.70 29.77 -32.21
C SER C 341 17.80 30.53 -32.91
N GLN C 342 18.12 30.11 -34.13
CA GLN C 342 19.19 30.76 -34.89
C GLN C 342 18.75 31.30 -36.23
N PRO C 343 19.05 32.58 -36.53
CA PRO C 343 18.69 33.24 -37.78
C PRO C 343 19.13 32.42 -38.98
N VAL C 344 18.60 32.71 -40.17
CA VAL C 344 18.98 31.92 -41.33
C VAL C 344 20.21 32.32 -42.17
N GLU C 345 21.38 31.77 -41.85
CA GLU C 345 22.62 32.02 -42.60
C GLU C 345 23.39 30.72 -42.77
N HIS C 346 24.24 30.64 -43.80
CA HIS C 346 25.03 29.42 -44.10
C HIS C 346 25.58 28.66 -42.89
N PRO C 347 26.16 29.37 -41.93
CA PRO C 347 26.68 28.68 -40.75
C PRO C 347 25.64 27.72 -40.22
N PHE C 348 24.38 28.16 -40.28
CA PHE C 348 23.23 27.38 -39.84
C PHE C 348 22.59 26.74 -41.05
N ILE C 349 21.37 27.19 -41.33
CA ILE C 349 20.54 26.75 -42.45
C ILE C 349 20.80 25.33 -42.87
N ILE C 350 21.97 25.10 -43.46
CA ILE C 350 22.35 23.77 -43.91
C ILE C 350 22.34 22.85 -42.71
N ILE C 351 23.12 23.20 -41.68
CA ILE C 351 23.11 22.38 -40.48
C ILE C 351 21.65 22.00 -40.30
N GLY C 352 20.81 23.03 -40.35
CA GLY C 352 19.38 22.84 -40.20
C GLY C 352 18.86 21.71 -41.06
N GLN C 353 18.48 22.02 -42.28
CA GLN C 353 17.96 21.00 -43.14
C GLN C 353 18.69 19.68 -43.00
N MET C 354 19.94 19.69 -42.55
CA MET C 354 20.62 18.42 -42.38
C MET C 354 19.95 17.68 -41.22
N ALA C 355 20.14 18.15 -40.00
CA ALA C 355 19.55 17.51 -38.81
C ALA C 355 18.09 17.25 -39.09
N SER C 356 17.51 18.21 -39.79
CA SER C 356 16.13 18.17 -40.19
C SER C 356 16.04 17.14 -41.33
N LEU C 357 16.91 16.15 -41.28
CA LEU C 357 16.91 15.11 -42.28
C LEU C 357 17.29 13.86 -41.56
N SER C 358 18.26 14.00 -40.66
CA SER C 358 18.70 12.90 -39.82
C SER C 358 17.49 12.54 -38.97
N TYR C 359 16.78 13.58 -38.54
CA TYR C 359 15.58 13.42 -37.74
C TYR C 359 14.75 12.33 -38.34
N PHE C 360 14.16 12.63 -39.49
CA PHE C 360 13.34 11.68 -40.20
C PHE C 360 14.00 10.34 -40.35
N THR C 361 15.08 10.31 -41.12
CA THR C 361 15.81 9.08 -41.35
C THR C 361 16.03 8.29 -40.06
N ILE C 362 16.65 8.90 -39.06
CA ILE C 362 16.88 8.20 -37.81
C ILE C 362 15.60 7.47 -37.41
N LEU C 363 14.46 8.10 -37.62
CA LEU C 363 13.20 7.48 -37.30
C LEU C 363 12.74 6.55 -38.40
N LEU C 364 12.26 7.11 -39.51
CA LEU C 364 11.77 6.31 -40.61
C LEU C 364 12.65 5.15 -41.06
N ILE C 365 13.96 5.37 -41.08
CA ILE C 365 14.86 4.33 -41.55
C ILE C 365 15.89 3.72 -40.60
N LEU C 366 16.84 4.52 -40.09
CA LEU C 366 17.85 4.00 -39.19
C LEU C 366 17.33 3.02 -38.16
N PHE C 367 16.51 3.50 -37.25
CA PHE C 367 15.98 2.65 -36.21
C PHE C 367 15.57 1.25 -36.63
N PRO C 368 14.59 1.13 -37.51
CA PRO C 368 14.12 -0.18 -37.97
C PRO C 368 15.23 -0.99 -38.62
N THR C 369 16.21 -0.32 -39.20
CA THR C 369 17.27 -1.06 -39.78
C THR C 369 18.15 -1.55 -38.66
N ILE C 370 18.73 -0.64 -37.88
CA ILE C 370 19.58 -1.07 -36.76
C ILE C 370 18.78 -2.06 -35.93
N GLY C 371 17.47 -2.00 -36.09
CA GLY C 371 16.58 -2.90 -35.38
C GLY C 371 16.75 -4.34 -35.78
N THR C 372 16.28 -4.70 -36.99
CA THR C 372 16.40 -6.06 -37.47
C THR C 372 17.84 -6.50 -37.35
N LEU C 373 18.75 -5.59 -37.70
CA LEU C 373 20.15 -5.94 -37.62
C LEU C 373 20.52 -6.55 -36.26
N GLU C 374 20.23 -5.84 -35.18
CA GLU C 374 20.57 -6.36 -33.86
C GLU C 374 19.91 -7.72 -33.57
N ASN C 375 18.77 -7.98 -34.17
CA ASN C 375 18.10 -9.24 -33.93
C ASN C 375 18.96 -10.33 -34.54
N LYS C 376 19.51 -10.06 -35.73
CA LYS C 376 20.34 -11.03 -36.41
C LYS C 376 21.66 -11.24 -35.68
N MET C 377 22.06 -10.23 -34.91
CA MET C 377 23.28 -10.37 -34.13
C MET C 377 22.88 -11.18 -32.90
N LEU C 378 21.88 -12.01 -33.04
CA LEU C 378 21.42 -12.83 -31.95
C LEU C 378 20.80 -14.07 -32.56
N ASN C 379 20.88 -14.17 -33.88
CA ASN C 379 20.32 -15.30 -34.62
C ASN C 379 18.81 -15.24 -34.76
N TYR C 380 18.27 -14.04 -34.63
CA TYR C 380 16.84 -13.86 -34.74
C TYR C 380 16.52 -13.15 -36.06
N SER D 1 24.38 45.08 -43.07
CA SER D 1 25.11 44.25 -42.07
C SER D 1 24.37 44.12 -40.73
N ASP D 2 23.98 42.89 -40.41
CA ASP D 2 23.28 42.58 -39.16
C ASP D 2 24.32 42.56 -38.03
N LEU D 3 25.23 43.53 -38.06
CA LEU D 3 26.32 43.64 -37.09
C LEU D 3 25.96 44.51 -35.88
N GLU D 4 26.02 43.93 -34.68
CA GLU D 4 25.64 44.65 -33.45
C GLU D 4 26.58 44.47 -32.26
N LEU D 5 26.48 45.37 -31.31
CA LEU D 5 27.31 45.35 -30.10
C LEU D 5 26.52 44.98 -28.86
N HIS D 6 26.93 43.91 -28.18
CA HIS D 6 26.22 43.45 -27.00
C HIS D 6 26.69 44.03 -25.67
N PRO D 7 25.78 44.70 -24.95
CA PRO D 7 25.95 45.37 -23.65
C PRO D 7 26.54 44.54 -22.54
N PRO D 8 27.60 45.06 -21.90
CA PRO D 8 28.35 44.48 -20.78
C PRO D 8 27.48 44.43 -19.55
N SER D 9 27.74 43.45 -18.69
CA SER D 9 26.98 43.28 -17.47
C SER D 9 27.43 44.08 -16.26
N TYR D 10 26.50 44.82 -15.65
CA TYR D 10 26.83 45.62 -14.47
C TYR D 10 26.30 44.92 -13.26
N PRO D 11 27.09 44.83 -12.21
CA PRO D 11 26.65 44.18 -10.99
C PRO D 11 25.58 45.01 -10.30
N TRP D 12 24.35 44.91 -10.75
CA TRP D 12 23.29 45.71 -10.15
C TRP D 12 23.07 45.27 -8.73
N SER D 13 22.68 46.22 -7.89
CA SER D 13 22.42 45.96 -6.48
C SER D 13 21.31 44.93 -6.25
N HIS D 14 20.54 44.64 -7.29
CA HIS D 14 19.42 43.72 -7.16
C HIS D 14 19.51 42.48 -8.04
N ARG D 15 20.69 42.19 -8.57
CA ARG D 15 20.87 41.03 -9.45
C ARG D 15 20.68 39.68 -8.75
N GLY D 16 21.18 39.60 -7.52
CA GLY D 16 21.12 38.38 -6.74
C GLY D 16 19.76 37.74 -6.50
N PRO D 17 19.63 36.45 -6.82
CA PRO D 17 18.38 35.75 -6.63
C PRO D 17 17.84 36.02 -5.24
N LEU D 18 18.69 36.52 -4.35
CA LEU D 18 18.22 36.82 -3.02
C LEU D 18 18.38 38.28 -2.64
N SER D 19 18.72 39.12 -3.61
CA SER D 19 18.90 40.54 -3.32
C SER D 19 17.78 41.42 -3.86
N SER D 20 17.12 42.13 -2.96
CA SER D 20 16.03 43.01 -3.36
C SER D 20 16.54 44.17 -4.16
N LEU D 21 15.68 45.15 -4.39
CA LEU D 21 16.06 46.34 -5.14
C LEU D 21 16.47 47.40 -4.13
N ASP D 22 17.44 48.25 -4.46
CA ASP D 22 17.81 49.31 -3.52
C ASP D 22 16.68 50.35 -3.58
N HIS D 23 15.69 50.21 -2.73
CA HIS D 23 14.60 51.16 -2.79
C HIS D 23 15.03 52.60 -2.78
N THR D 24 16.15 52.91 -2.15
CA THR D 24 16.56 54.30 -2.15
C THR D 24 16.77 54.67 -3.60
N SER D 25 17.58 53.86 -4.29
CA SER D 25 17.92 54.11 -5.68
C SER D 25 16.72 54.28 -6.58
N ILE D 26 15.67 53.51 -6.33
CA ILE D 26 14.49 53.63 -7.15
C ILE D 26 13.87 55.01 -6.97
N ARG D 27 13.80 55.44 -5.71
CA ARG D 27 13.27 56.75 -5.40
C ARG D 27 13.90 57.74 -6.36
N ARG D 28 15.22 57.73 -6.43
CA ARG D 28 15.89 58.64 -7.36
C ARG D 28 15.49 58.22 -8.77
N GLY D 29 15.50 56.93 -9.02
CA GLY D 29 15.13 56.45 -10.34
C GLY D 29 13.82 57.05 -10.76
N PHE D 30 12.92 57.16 -9.80
CA PHE D 30 11.61 57.73 -10.06
C PHE D 30 11.76 59.17 -10.50
N GLN D 31 12.37 59.94 -9.62
CA GLN D 31 12.58 61.35 -9.87
C GLN D 31 13.19 61.62 -11.24
N VAL D 32 14.20 60.84 -11.61
CA VAL D 32 14.80 61.05 -12.90
C VAL D 32 13.79 60.76 -13.99
N TYR D 33 12.91 59.80 -13.76
CA TYR D 33 11.89 59.51 -14.76
C TYR D 33 10.92 60.69 -14.83
N LYS D 34 10.40 61.06 -13.67
CA LYS D 34 9.45 62.15 -13.55
C LYS D 34 9.98 63.44 -14.10
N GLN D 35 11.17 63.81 -13.68
CA GLN D 35 11.75 65.06 -14.10
C GLN D 35 12.37 65.10 -15.49
N VAL D 36 12.66 63.97 -16.09
CA VAL D 36 13.25 64.03 -17.42
C VAL D 36 12.70 63.09 -18.47
N CYS D 37 12.17 61.94 -18.09
CA CYS D 37 11.67 61.01 -19.09
C CYS D 37 10.17 61.16 -19.27
N SER D 38 9.50 61.54 -18.18
CA SER D 38 8.06 61.69 -18.23
C SER D 38 7.63 62.92 -19.00
N SER D 39 8.34 63.21 -20.09
CA SER D 39 8.01 64.36 -20.91
C SER D 39 8.10 63.89 -22.35
N CYS D 40 8.38 62.60 -22.49
CA CYS D 40 8.46 61.96 -23.77
C CYS D 40 8.03 60.51 -23.57
N HIS D 41 8.41 59.94 -22.44
CA HIS D 41 8.08 58.54 -22.14
C HIS D 41 6.90 58.27 -21.24
N SER D 42 5.84 57.77 -21.85
CA SER D 42 4.62 57.42 -21.16
C SER D 42 4.93 56.19 -20.34
N MET D 43 4.16 55.95 -19.28
CA MET D 43 4.40 54.78 -18.43
C MET D 43 3.09 54.35 -17.83
N ASP D 44 2.16 54.08 -18.72
CA ASP D 44 0.80 53.69 -18.37
C ASP D 44 0.47 52.63 -17.32
N TYR D 45 1.38 51.71 -16.98
CA TYR D 45 0.98 50.69 -16.01
C TYR D 45 1.32 50.90 -14.56
N VAL D 46 1.80 52.08 -14.24
CA VAL D 46 2.10 52.33 -12.85
C VAL D 46 1.26 53.49 -12.37
N ALA D 47 1.36 53.80 -11.10
CA ALA D 47 0.58 54.90 -10.58
C ALA D 47 1.07 55.21 -9.19
N TYR D 48 1.09 56.50 -8.90
CA TYR D 48 1.53 57.00 -7.63
C TYR D 48 1.14 56.02 -6.55
N ARG D 49 -0.05 55.47 -6.67
CA ARG D 49 -0.53 54.50 -5.70
C ARG D 49 0.61 53.60 -5.26
N HIS D 50 1.32 53.03 -6.23
CA HIS D 50 2.41 52.11 -5.93
C HIS D 50 3.50 52.71 -5.04
N LEU D 51 4.11 53.78 -5.53
CA LEU D 51 5.17 54.46 -4.80
C LEU D 51 4.96 54.41 -3.28
N VAL D 52 3.72 54.53 -2.82
CA VAL D 52 3.42 54.51 -1.39
C VAL D 52 3.89 53.22 -0.74
N GLY D 53 4.78 53.34 0.23
CA GLY D 53 5.29 52.16 0.91
C GLY D 53 6.46 51.46 0.22
N VAL D 54 6.82 51.91 -0.97
CA VAL D 54 7.92 51.30 -1.70
C VAL D 54 9.09 52.24 -1.91
N CYS D 55 8.82 53.54 -1.96
CA CYS D 55 9.88 54.54 -2.11
C CYS D 55 9.35 55.93 -1.77
N TYR D 56 8.05 56.03 -1.49
CA TYR D 56 7.44 57.28 -1.13
C TYR D 56 6.49 57.09 0.02
N THR D 57 6.00 58.20 0.58
CA THR D 57 5.05 58.13 1.67
C THR D 57 3.69 58.56 1.17
N GLU D 58 2.65 58.00 1.78
CA GLU D 58 1.28 58.29 1.41
C GLU D 58 1.13 59.78 1.09
N ASP D 59 1.31 60.61 2.11
CA ASP D 59 1.20 62.06 1.96
C ASP D 59 2.17 62.54 0.90
N GLU D 60 3.31 61.87 0.83
CA GLU D 60 4.34 62.23 -0.12
C GLU D 60 3.85 62.03 -1.55
N ALA D 61 3.33 60.85 -1.82
CA ALA D 61 2.84 60.52 -3.16
C ALA D 61 1.59 61.30 -3.48
N LYS D 62 0.72 61.47 -2.50
CA LYS D 62 -0.51 62.21 -2.76
C LYS D 62 -0.17 63.59 -3.30
N ALA D 63 0.61 64.36 -2.54
CA ALA D 63 1.00 65.69 -2.98
C ALA D 63 1.84 65.53 -4.24
N LEU D 64 2.43 64.36 -4.38
CA LEU D 64 3.24 64.09 -5.54
C LEU D 64 2.35 64.01 -6.76
N ALA D 65 1.16 63.42 -6.61
CA ALA D 65 0.25 63.28 -7.74
C ALA D 65 -0.56 64.54 -7.99
N GLU D 66 -0.64 65.39 -6.97
CA GLU D 66 -1.37 66.65 -7.10
C GLU D 66 -0.65 67.38 -8.22
N GLU D 67 0.68 67.28 -8.21
CA GLU D 67 1.54 67.93 -9.19
C GLU D 67 1.10 67.88 -10.64
N VAL D 68 0.01 67.18 -10.92
CA VAL D 68 -0.48 67.11 -12.30
C VAL D 68 -1.98 67.16 -12.37
N GLU D 69 -2.49 67.83 -13.39
CA GLU D 69 -3.93 67.90 -13.59
C GLU D 69 -4.30 66.84 -14.62
N VAL D 70 -5.46 66.22 -14.43
CA VAL D 70 -5.91 65.19 -15.36
C VAL D 70 -7.32 65.45 -15.89
N GLN D 71 -7.53 65.11 -17.16
CA GLN D 71 -8.83 65.28 -17.81
C GLN D 71 -9.72 64.25 -17.12
N ASP D 72 -10.92 64.63 -16.72
CA ASP D 72 -11.76 63.66 -16.03
C ASP D 72 -13.22 63.76 -16.44
N GLY D 73 -13.93 62.66 -16.25
CA GLY D 73 -15.35 62.49 -16.58
C GLY D 73 -16.23 63.65 -17.00
N PRO D 74 -17.40 63.37 -17.56
CA PRO D 74 -18.38 64.34 -18.04
C PRO D 74 -19.03 65.25 -16.96
N ASN D 75 -19.35 66.48 -17.34
CA ASN D 75 -19.99 67.44 -16.43
C ASN D 75 -21.36 66.90 -16.12
N GLU D 76 -22.26 67.84 -15.84
CA GLU D 76 -23.66 67.54 -15.63
C GLU D 76 -24.07 67.96 -17.04
N ASP D 77 -23.34 68.95 -17.55
CA ASP D 77 -23.53 69.49 -18.90
C ASP D 77 -22.63 68.66 -19.80
N GLY D 78 -22.01 67.66 -19.19
CA GLY D 78 -21.14 66.76 -19.93
C GLY D 78 -20.04 67.37 -20.76
N GLU D 79 -18.89 67.58 -20.15
CA GLU D 79 -17.73 68.09 -20.86
C GLU D 79 -16.48 67.72 -20.11
N MET D 80 -15.50 67.16 -20.81
CA MET D 80 -14.28 66.82 -20.12
C MET D 80 -13.84 68.08 -19.39
N PHE D 81 -13.21 67.92 -18.23
CA PHE D 81 -12.73 69.06 -17.47
C PHE D 81 -11.51 68.55 -16.73
N MET D 82 -10.57 69.44 -16.43
CA MET D 82 -9.39 69.03 -15.71
C MET D 82 -9.64 69.16 -14.24
N ARG D 83 -8.82 68.48 -13.45
CA ARG D 83 -8.90 68.54 -12.00
C ARG D 83 -7.67 67.88 -11.42
N PRO D 84 -7.30 68.30 -10.21
CA PRO D 84 -6.12 67.78 -9.50
C PRO D 84 -6.00 66.28 -9.53
N GLY D 85 -4.83 65.81 -9.95
CA GLY D 85 -4.55 64.39 -10.01
C GLY D 85 -4.59 63.78 -8.63
N LYS D 86 -5.45 62.78 -8.46
CA LYS D 86 -5.61 62.12 -7.19
C LYS D 86 -4.47 61.13 -7.06
N LEU D 87 -4.59 60.26 -6.07
CA LEU D 87 -3.61 59.23 -5.78
C LEU D 87 -3.68 58.05 -6.73
N SER D 88 -4.90 57.70 -7.12
CA SER D 88 -5.17 56.58 -8.01
C SER D 88 -4.93 56.77 -9.51
N ASP D 89 -4.52 57.96 -9.92
CA ASP D 89 -4.28 58.20 -11.34
C ASP D 89 -3.01 57.46 -11.77
N TYR D 90 -2.91 57.21 -13.07
CA TYR D 90 -1.73 56.55 -13.63
C TYR D 90 -0.78 57.63 -14.12
N PHE D 91 0.51 57.34 -14.13
CA PHE D 91 1.48 58.34 -14.58
C PHE D 91 1.05 58.96 -15.90
N PRO D 92 1.03 60.29 -15.92
CA PRO D 92 0.63 61.09 -17.07
C PRO D 92 1.23 60.69 -18.40
N LYS D 93 0.40 60.74 -19.45
CA LYS D 93 0.87 60.47 -20.79
C LYS D 93 1.32 61.85 -21.30
N PRO D 94 2.46 61.92 -21.98
CA PRO D 94 2.99 63.18 -22.51
C PRO D 94 2.27 63.56 -23.80
N TYR D 95 1.83 62.55 -24.54
CA TYR D 95 1.13 62.81 -25.80
C TYR D 95 -0.25 62.16 -25.87
N PRO D 96 -1.23 62.88 -26.40
CA PRO D 96 -2.61 62.42 -26.54
C PRO D 96 -2.68 61.08 -27.25
N ASN D 97 -1.70 60.82 -28.10
CA ASN D 97 -1.66 59.59 -28.87
C ASN D 97 -0.28 59.46 -29.52
N PRO D 98 0.10 58.25 -29.94
CA PRO D 98 1.41 58.01 -30.58
C PRO D 98 1.75 58.95 -31.72
N GLU D 99 1.02 58.85 -32.84
CA GLU D 99 1.31 59.71 -33.97
C GLU D 99 1.47 61.16 -33.54
N ALA D 100 0.97 61.52 -32.37
CA ALA D 100 1.11 62.89 -31.88
C ALA D 100 2.53 63.02 -31.39
N ALA D 101 2.98 61.99 -30.67
CA ALA D 101 4.32 61.96 -30.12
C ALA D 101 5.31 61.88 -31.24
N ARG D 102 5.02 61.04 -32.22
CA ARG D 102 5.90 60.89 -33.36
C ARG D 102 6.11 62.23 -34.05
N ALA D 103 5.10 63.08 -34.01
CA ALA D 103 5.21 64.39 -34.63
C ALA D 103 5.91 65.36 -33.67
N ALA D 104 6.29 64.88 -32.50
CA ALA D 104 6.96 65.75 -31.56
C ALA D 104 8.40 65.32 -31.45
N ASN D 105 8.66 64.05 -31.73
CA ASN D 105 10.02 63.51 -31.67
C ASN D 105 10.53 63.14 -33.05
N ASN D 106 10.95 64.15 -33.79
CA ASN D 106 11.50 63.98 -35.15
C ASN D 106 11.06 62.75 -35.94
N GLY D 107 9.78 62.41 -35.84
CA GLY D 107 9.26 61.28 -36.59
C GLY D 107 9.42 59.92 -35.93
N ALA D 108 9.88 59.92 -34.68
CA ALA D 108 10.10 58.69 -33.93
C ALA D 108 9.07 58.49 -32.83
N LEU D 109 8.97 57.26 -32.34
CA LEU D 109 8.00 56.94 -31.29
C LEU D 109 8.58 56.50 -29.98
N PRO D 110 8.90 57.45 -29.10
CA PRO D 110 9.44 57.11 -27.79
C PRO D 110 8.55 56.08 -27.12
N PRO D 111 9.00 54.81 -27.08
CA PRO D 111 8.29 53.67 -26.49
C PRO D 111 7.97 53.86 -25.03
N ASP D 112 6.81 53.37 -24.59
CA ASP D 112 6.41 53.51 -23.19
C ASP D 112 7.34 52.64 -22.32
N LEU D 113 7.87 53.24 -21.26
CA LEU D 113 8.79 52.55 -20.36
C LEU D 113 8.19 51.84 -19.17
N SER D 114 7.09 51.14 -19.37
CA SER D 114 6.49 50.42 -18.26
C SER D 114 7.28 49.13 -18.16
N TYR D 115 7.26 48.39 -19.26
CA TYR D 115 7.94 47.11 -19.33
C TYR D 115 9.19 47.18 -20.19
N ILE D 116 9.76 48.36 -20.33
CA ILE D 116 10.94 48.53 -21.17
C ILE D 116 12.06 47.59 -20.77
N VAL D 117 12.39 47.61 -19.50
CA VAL D 117 13.45 46.78 -19.00
C VAL D 117 13.35 45.35 -19.44
N ARG D 118 12.13 44.82 -19.59
CA ARG D 118 12.00 43.43 -20.02
C ARG D 118 11.44 43.28 -21.40
N ALA D 119 11.48 44.36 -22.17
CA ALA D 119 10.97 44.32 -23.52
C ALA D 119 12.13 44.30 -24.49
N ARG D 120 13.31 44.64 -23.97
CA ARG D 120 14.57 44.70 -24.73
C ARG D 120 15.56 43.73 -24.08
N HIS D 121 16.12 42.79 -24.82
CA HIS D 121 17.05 41.86 -24.19
C HIS D 121 18.07 42.71 -23.48
N GLY D 122 18.50 42.28 -22.30
CA GLY D 122 19.50 43.04 -21.57
C GLY D 122 18.96 43.90 -20.44
N GLY D 123 17.70 44.24 -20.51
CA GLY D 123 17.13 45.06 -19.46
C GLY D 123 18.10 46.14 -19.03
N GLU D 124 18.02 46.55 -17.78
CA GLU D 124 18.89 47.60 -17.27
C GLU D 124 20.24 47.64 -17.96
N ASP D 125 20.96 46.52 -17.97
CA ASP D 125 22.26 46.45 -18.64
C ASP D 125 22.18 47.08 -20.03
N TYR D 126 21.12 46.79 -20.76
CA TYR D 126 20.99 47.37 -22.07
C TYR D 126 20.72 48.82 -21.87
N VAL D 127 19.54 49.11 -21.33
CA VAL D 127 19.11 50.48 -21.08
C VAL D 127 20.22 51.35 -20.54
N PHE D 128 20.82 50.95 -19.44
CA PHE D 128 21.90 51.75 -18.90
C PHE D 128 22.87 52.06 -20.02
N SER D 129 23.52 51.02 -20.54
CA SER D 129 24.45 51.20 -21.62
C SER D 129 23.90 52.23 -22.61
N LEU D 130 22.77 51.92 -23.23
CA LEU D 130 22.18 52.83 -24.20
C LEU D 130 22.31 54.28 -23.81
N LEU D 131 21.82 54.65 -22.62
CA LEU D 131 21.90 56.04 -22.15
C LEU D 131 23.35 56.51 -22.09
N THR D 132 24.08 55.96 -21.14
CA THR D 132 25.49 56.30 -20.97
C THR D 132 26.24 55.58 -22.07
N GLY D 133 26.27 56.15 -23.26
CA GLY D 133 26.99 55.46 -24.31
C GLY D 133 26.87 55.98 -25.71
N TYR D 134 26.61 57.27 -25.89
CA TYR D 134 26.53 57.82 -27.23
C TYR D 134 27.93 58.19 -27.69
N CYS D 135 28.09 58.49 -28.98
CA CYS D 135 29.40 58.86 -29.50
C CYS D 135 29.40 59.01 -31.02
N GLU D 136 30.43 59.68 -31.52
CA GLU D 136 30.61 59.90 -32.96
C GLU D 136 30.68 58.59 -33.74
N PRO D 137 29.90 58.48 -34.81
CA PRO D 137 29.90 57.27 -35.61
C PRO D 137 31.29 57.05 -36.16
N PRO D 138 31.76 55.80 -36.16
CA PRO D 138 33.10 55.62 -36.70
C PRO D 138 33.00 56.04 -38.16
N THR D 139 34.11 56.03 -38.84
CA THR D 139 34.13 56.45 -40.23
C THR D 139 33.36 55.57 -41.21
N GLY D 140 33.05 56.14 -42.38
CA GLY D 140 32.33 55.40 -43.40
C GLY D 140 30.86 55.26 -43.03
N VAL D 141 30.57 55.48 -41.76
CA VAL D 141 29.22 55.40 -41.23
C VAL D 141 28.62 56.76 -40.96
N SER D 142 27.48 57.03 -41.60
CA SER D 142 26.81 58.31 -41.47
C SER D 142 25.33 58.31 -41.08
N VAL D 143 25.04 58.80 -39.87
CA VAL D 143 23.68 58.91 -39.35
C VAL D 143 22.95 60.07 -40.01
N ARG D 144 21.70 59.87 -40.40
CA ARG D 144 20.99 60.93 -41.08
C ARG D 144 20.40 61.99 -40.17
N GLU D 145 19.94 63.06 -40.82
CA GLU D 145 19.35 64.23 -40.19
C GLU D 145 18.31 63.87 -39.14
N GLY D 146 18.54 64.31 -37.90
CA GLY D 146 17.59 64.05 -36.83
C GLY D 146 17.87 62.89 -35.91
N LEU D 147 18.64 61.91 -36.36
CA LEU D 147 18.96 60.75 -35.54
C LEU D 147 20.25 61.04 -34.79
N TYR D 148 20.63 60.13 -33.89
CA TYR D 148 21.86 60.28 -33.11
C TYR D 148 22.51 58.92 -32.93
N PHE D 149 23.78 58.80 -33.31
CA PHE D 149 24.52 57.53 -33.21
C PHE D 149 24.59 57.08 -31.76
N ASN D 150 24.44 55.78 -31.59
CA ASN D 150 24.53 55.10 -30.32
C ASN D 150 24.75 53.66 -30.78
N PRO D 151 25.98 53.19 -30.62
CA PRO D 151 26.45 51.86 -31.00
C PRO D 151 25.58 50.73 -30.48
N TYR D 152 25.17 50.82 -29.22
CA TYR D 152 24.35 49.81 -28.60
C TYR D 152 22.96 49.62 -29.15
N PHE D 153 22.45 50.61 -29.86
CA PHE D 153 21.12 50.51 -30.45
C PHE D 153 21.15 49.94 -31.86
N PRO D 154 20.30 48.96 -32.15
CA PRO D 154 20.28 48.39 -33.49
C PRO D 154 19.98 49.44 -34.55
N GLY D 155 20.93 49.62 -35.46
CA GLY D 155 20.78 50.59 -36.53
C GLY D 155 21.77 51.67 -36.19
N GLN D 156 22.14 51.65 -34.91
CA GLN D 156 23.08 52.60 -34.32
C GLN D 156 22.61 54.05 -34.44
N ALA D 157 21.48 54.22 -35.10
CA ALA D 157 20.88 55.54 -35.27
C ALA D 157 19.58 55.52 -34.50
N ILE D 158 19.52 56.31 -33.41
CA ILE D 158 18.34 56.43 -32.56
C ILE D 158 17.59 57.72 -32.79
N GLY D 159 16.31 57.75 -32.45
CA GLY D 159 15.56 58.97 -32.63
C GLY D 159 15.52 59.75 -31.33
N MET D 160 16.21 59.24 -30.33
CA MET D 160 16.29 59.87 -29.01
C MET D 160 17.63 60.51 -28.80
N ALA D 161 17.64 61.81 -28.59
CA ALA D 161 18.89 62.50 -28.34
C ALA D 161 19.29 62.19 -26.92
N PRO D 162 20.59 62.09 -26.66
CA PRO D 162 21.14 61.78 -25.34
C PRO D 162 20.37 62.64 -24.39
N PRO D 163 19.44 62.03 -23.66
CA PRO D 163 18.55 62.64 -22.68
C PRO D 163 19.12 62.68 -21.28
N ILE D 164 20.41 62.46 -21.12
CA ILE D 164 20.93 62.50 -19.79
C ILE D 164 22.42 62.89 -19.74
N TYR D 165 22.68 63.99 -19.04
CA TYR D 165 24.03 64.53 -18.83
C TYR D 165 24.17 64.91 -17.34
N ASN D 166 25.37 65.28 -16.91
CA ASN D 166 25.58 65.63 -15.51
C ASN D 166 24.67 66.73 -15.03
N ASP D 167 24.26 66.65 -13.78
CA ASP D 167 23.42 67.68 -13.19
C ASP D 167 22.00 67.89 -13.70
N VAL D 168 21.62 67.30 -14.84
CA VAL D 168 20.27 67.50 -15.40
C VAL D 168 19.18 67.74 -14.37
N LEU D 169 19.45 67.33 -13.13
CA LEU D 169 18.53 67.52 -12.02
C LEU D 169 19.35 67.64 -10.75
N GLU D 170 18.77 67.28 -9.61
CA GLU D 170 19.49 67.37 -8.34
C GLU D 170 18.81 66.53 -7.26
N PHE D 171 19.13 65.24 -7.23
CA PHE D 171 18.57 64.30 -6.26
C PHE D 171 18.57 64.98 -4.88
N ASP D 172 17.38 65.35 -4.41
CA ASP D 172 17.23 66.03 -3.12
C ASP D 172 17.83 65.34 -1.91
N ASP D 173 18.46 64.19 -2.11
CA ASP D 173 19.05 63.47 -1.00
C ASP D 173 20.53 63.82 -0.85
N GLY D 174 21.08 64.52 -1.84
CA GLY D 174 22.48 64.90 -1.79
C GLY D 174 23.34 63.84 -2.45
N THR D 175 22.99 63.52 -3.69
CA THR D 175 23.72 62.52 -4.44
C THR D 175 24.38 63.08 -5.68
N PRO D 176 25.68 62.85 -5.81
CA PRO D 176 26.37 63.37 -6.98
C PRO D 176 25.56 62.96 -8.19
N ALA D 177 24.80 63.92 -8.71
CA ALA D 177 23.94 63.72 -9.86
C ALA D 177 24.71 63.60 -11.18
N THR D 178 25.70 62.73 -11.22
CA THR D 178 26.52 62.54 -12.40
C THR D 178 25.72 61.71 -13.38
N MET D 179 26.09 61.75 -14.66
CA MET D 179 25.33 60.99 -15.67
C MET D 179 25.26 59.52 -15.28
N SER D 180 26.43 58.92 -15.23
CA SER D 180 26.55 57.54 -14.85
C SER D 180 25.62 57.26 -13.69
N GLN D 181 25.73 58.08 -12.66
CA GLN D 181 24.94 57.94 -11.44
C GLN D 181 23.46 58.01 -11.70
N VAL D 182 22.97 59.15 -12.21
CA VAL D 182 21.54 59.26 -12.49
C VAL D 182 21.12 58.09 -13.39
N ALA D 183 21.76 57.96 -14.54
CA ALA D 183 21.44 56.85 -15.46
C ALA D 183 21.33 55.52 -14.73
N LYS D 184 22.09 55.32 -13.66
CA LYS D 184 21.97 54.09 -12.91
C LYS D 184 20.59 54.10 -12.31
N ASP D 185 20.36 55.08 -11.43
CA ASP D 185 19.09 55.22 -10.73
C ASP D 185 17.85 55.08 -11.63
N VAL D 186 17.92 55.54 -12.88
CA VAL D 186 16.76 55.45 -13.78
C VAL D 186 16.47 54.00 -14.09
N CYS D 187 17.55 53.25 -14.30
CA CYS D 187 17.43 51.85 -14.62
C CYS D 187 16.91 51.05 -13.45
N THR D 188 17.45 51.23 -12.26
CA THR D 188 16.93 50.45 -11.14
C THR D 188 15.43 50.70 -11.04
N PHE D 189 15.00 51.92 -11.37
CA PHE D 189 13.56 52.24 -11.33
C PHE D 189 12.90 51.43 -12.44
N LEU D 190 13.25 51.72 -13.68
CA LEU D 190 12.68 50.99 -14.80
C LEU D 190 12.47 49.50 -14.47
N ARG D 191 13.30 48.97 -13.58
CA ARG D 191 13.12 47.57 -13.21
C ARG D 191 11.90 47.46 -12.34
N TRP D 192 11.97 47.95 -11.11
CA TRP D 192 10.80 47.88 -10.24
C TRP D 192 9.62 48.18 -11.11
N ALA D 193 9.66 49.28 -11.84
CA ALA D 193 8.55 49.66 -12.69
C ALA D 193 8.03 48.49 -13.48
N ALA D 194 8.95 47.76 -14.08
CA ALA D 194 8.58 46.62 -14.88
C ALA D 194 8.07 45.43 -14.08
N GLU D 195 8.45 45.35 -12.80
CA GLU D 195 7.99 44.24 -12.01
C GLU D 195 8.09 44.46 -10.52
N PRO D 196 7.20 45.31 -9.99
CA PRO D 196 7.13 45.68 -8.58
C PRO D 196 7.28 44.51 -7.63
N GLU D 197 6.83 43.34 -8.07
CA GLU D 197 6.90 42.15 -7.25
C GLU D 197 8.33 41.79 -6.85
N HIS D 198 9.27 42.15 -7.71
CA HIS D 198 10.69 41.85 -7.50
C HIS D 198 11.01 41.25 -6.13
N ASP D 199 11.20 42.11 -5.15
CA ASP D 199 11.52 41.69 -3.78
C ASP D 199 10.58 40.59 -3.26
N HIS D 200 9.31 40.96 -3.13
CA HIS D 200 8.29 40.05 -2.64
C HIS D 200 8.48 38.72 -3.36
N ARG D 201 8.82 38.81 -4.64
CA ARG D 201 8.98 37.63 -5.47
C ARG D 201 10.21 36.81 -5.17
N LYS D 202 11.27 37.47 -4.74
CA LYS D 202 12.50 36.76 -4.43
C LYS D 202 12.42 36.21 -3.03
N ARG D 203 11.93 37.02 -2.10
CA ARG D 203 11.80 36.60 -0.71
C ARG D 203 11.07 35.28 -0.78
N MET D 204 9.99 35.32 -1.53
CA MET D 204 9.16 34.17 -1.72
C MET D 204 10.12 33.08 -2.18
N GLY D 205 10.73 33.31 -3.33
CA GLY D 205 11.69 32.34 -3.84
C GLY D 205 12.57 31.78 -2.73
N LEU D 206 13.00 32.65 -1.81
CA LEU D 206 13.84 32.18 -0.73
C LEU D 206 13.10 31.04 -0.06
N LYS D 207 12.04 31.38 0.67
CA LYS D 207 11.25 30.38 1.38
C LYS D 207 11.00 29.13 0.54
N MET D 208 10.54 29.32 -0.68
CA MET D 208 10.26 28.23 -1.60
C MET D 208 11.44 27.30 -1.68
N LEU D 209 12.62 27.87 -1.62
CA LEU D 209 13.82 27.09 -1.70
C LEU D 209 14.08 26.38 -0.38
N LEU D 210 13.72 27.00 0.74
CA LEU D 210 13.93 26.32 2.02
C LEU D 210 12.94 25.19 2.26
N MET D 211 11.81 25.23 1.57
CA MET D 211 10.84 24.17 1.70
C MET D 211 11.32 23.02 0.88
N MET D 212 11.68 23.25 -0.39
CA MET D 212 12.21 22.15 -1.20
C MET D 212 13.27 21.49 -0.34
N GLY D 213 14.26 22.28 0.05
CA GLY D 213 15.35 21.78 0.85
C GLY D 213 14.88 20.85 1.94
N LEU D 214 13.88 21.30 2.70
CA LEU D 214 13.30 20.53 3.81
C LEU D 214 12.34 19.43 3.40
N LEU D 215 11.38 19.75 2.54
CA LEU D 215 10.40 18.78 2.12
C LEU D 215 10.96 17.62 1.31
N VAL D 216 11.58 17.89 0.16
CA VAL D 216 12.08 16.79 -0.65
C VAL D 216 12.87 15.75 0.14
N PRO D 217 13.86 16.15 0.96
CA PRO D 217 14.49 15.02 1.65
C PRO D 217 13.44 14.23 2.42
N LEU D 218 12.72 14.90 3.32
CA LEU D 218 11.70 14.21 4.09
C LEU D 218 10.99 13.16 3.27
N VAL D 219 10.34 13.57 2.18
CA VAL D 219 9.64 12.59 1.38
C VAL D 219 10.60 11.58 0.72
N TYR D 220 11.85 11.95 0.56
CA TYR D 220 12.80 11.02 0.00
C TYR D 220 12.94 9.87 1.01
N TYR D 221 13.20 10.21 2.27
CA TYR D 221 13.31 9.19 3.31
C TYR D 221 12.07 8.33 3.11
N MET D 222 10.92 8.96 3.31
CA MET D 222 9.66 8.28 3.19
C MET D 222 9.61 7.38 1.97
N LYS D 223 10.10 7.86 0.83
CA LYS D 223 10.08 7.02 -0.36
C LYS D 223 10.98 5.80 -0.17
N ARG D 224 12.15 6.02 0.42
CA ARG D 224 13.08 4.92 0.66
C ARG D 224 12.57 4.07 1.78
N HIS D 225 12.12 4.72 2.83
CA HIS D 225 11.61 4.00 3.99
C HIS D 225 10.67 2.95 3.45
N LYS D 226 9.71 3.40 2.67
CA LYS D 226 8.73 2.52 2.09
C LYS D 226 9.27 1.49 1.13
N TRP D 227 10.20 1.85 0.28
CA TRP D 227 10.71 0.86 -0.65
C TRP D 227 11.65 -0.20 -0.07
N SER D 228 12.35 0.16 1.00
CA SER D 228 13.27 -0.77 1.63
C SER D 228 12.68 -2.17 1.65
N VAL D 229 11.37 -2.25 1.79
CA VAL D 229 10.73 -3.53 1.82
C VAL D 229 11.18 -4.28 0.60
N LEU D 230 11.33 -3.57 -0.49
CA LEU D 230 11.78 -4.20 -1.72
C LEU D 230 13.30 -4.14 -1.89
N LYS D 231 13.88 -2.96 -1.72
CA LYS D 231 15.32 -2.83 -1.85
C LYS D 231 16.01 -3.93 -1.08
N SER D 232 15.59 -4.12 0.16
CA SER D 232 16.14 -5.14 1.03
C SER D 232 15.94 -6.56 0.49
N ARG D 233 14.67 -6.93 0.35
CA ARG D 233 14.19 -8.22 -0.16
C ARG D 233 15.20 -9.22 -0.75
N LYS D 234 14.85 -10.51 -0.75
CA LYS D 234 15.72 -11.54 -1.30
C LYS D 234 14.97 -12.72 -1.91
N LEU D 235 15.39 -13.14 -3.10
CA LEU D 235 14.72 -14.25 -3.79
C LEU D 235 15.37 -15.59 -3.48
N ALA D 236 14.96 -16.64 -4.20
CA ALA D 236 15.46 -17.99 -4.03
C ALA D 236 14.49 -18.94 -4.75
N TYR D 237 15.02 -19.86 -5.54
CA TYR D 237 14.18 -20.81 -6.26
C TYR D 237 14.38 -22.18 -5.64
N ARG D 238 13.36 -22.70 -4.96
CA ARG D 238 13.46 -24.02 -4.33
C ARG D 238 12.54 -25.14 -4.85
N PRO D 239 12.75 -25.65 -6.08
CA PRO D 239 11.87 -26.71 -6.55
C PRO D 239 12.20 -27.93 -5.72
N PRO D 240 11.42 -29.01 -5.81
CA PRO D 240 11.67 -30.24 -5.03
C PRO D 240 12.88 -31.11 -5.51
N LYS D 241 13.22 -30.89 -6.77
CA LYS D 241 14.26 -31.62 -7.52
C LYS D 241 13.72 -32.04 -8.93
N SER E 1 14.05 -29.77 1.38
CA SER E 1 12.68 -29.82 1.98
C SER E 1 12.14 -28.43 2.33
N HIS E 2 11.94 -28.16 3.62
CA HIS E 2 11.41 -26.86 4.03
C HIS E 2 12.04 -26.50 5.34
N THR E 3 12.69 -27.47 5.93
CA THR E 3 13.33 -27.27 7.20
C THR E 3 14.69 -26.71 6.82
N ASP E 4 15.09 -26.99 5.59
CA ASP E 4 16.37 -26.57 5.05
C ASP E 4 16.33 -25.09 4.69
N ILE E 5 15.23 -24.43 4.99
CA ILE E 5 15.11 -23.02 4.62
C ILE E 5 15.36 -22.01 5.71
N LYS E 6 15.99 -20.88 5.36
CA LYS E 6 16.39 -19.82 6.30
C LYS E 6 16.19 -18.47 5.74
N VAL E 7 16.04 -17.58 6.68
CA VAL E 7 15.96 -16.19 6.36
C VAL E 7 17.46 -15.83 6.36
N PRO E 8 17.98 -15.39 5.21
CA PRO E 8 19.39 -15.01 5.05
C PRO E 8 19.79 -13.89 6.00
N ASN E 9 21.06 -13.50 5.95
CA ASN E 9 21.57 -12.46 6.83
C ASN E 9 21.27 -11.06 6.28
N PHE E 10 20.45 -10.30 7.01
CA PHE E 10 20.11 -8.94 6.63
C PHE E 10 20.80 -8.05 7.60
N SER E 11 21.52 -8.64 8.54
CA SER E 11 22.19 -7.88 9.57
C SER E 11 22.75 -6.51 9.06
N ASP E 12 24.06 -6.34 9.05
CA ASP E 12 24.63 -5.08 8.61
C ASP E 12 24.09 -4.74 7.25
N TYR E 13 23.98 -5.75 6.39
CA TYR E 13 23.47 -5.55 5.06
C TYR E 13 22.40 -4.46 5.04
N ARG E 14 21.51 -4.46 6.03
CA ARG E 14 20.46 -3.45 6.14
C ARG E 14 20.47 -3.24 7.63
N ARG E 15 19.34 -3.49 8.29
CA ARG E 15 19.25 -3.38 9.75
C ARG E 15 19.93 -2.24 10.50
N PRO E 16 19.16 -1.53 11.32
CA PRO E 16 19.72 -0.44 12.10
C PRO E 16 20.51 -1.07 13.27
N PRO E 17 21.67 -0.50 13.63
CA PRO E 17 22.50 -1.00 14.72
C PRO E 17 21.82 -1.14 16.08
N ASP E 18 20.51 -1.39 16.09
CA ASP E 18 19.79 -1.59 17.33
C ASP E 18 19.19 -2.97 17.21
N ASP E 19 19.54 -3.60 16.09
CA ASP E 19 19.02 -4.90 15.80
C ASP E 19 19.97 -5.95 15.39
N TYR E 20 20.65 -6.57 16.34
CA TYR E 20 21.55 -7.66 15.98
C TYR E 20 21.56 -8.78 17.00
N SER E 21 20.37 -9.36 17.15
CA SER E 21 20.07 -10.47 18.06
C SER E 21 20.53 -10.22 19.48
N THR E 22 20.20 -11.18 20.35
CA THR E 22 20.57 -11.17 21.76
C THR E 22 19.84 -10.09 22.59
N LYS E 23 18.97 -9.31 21.95
CA LYS E 23 18.25 -8.29 22.68
C LYS E 23 16.96 -7.92 21.97
N SER E 24 15.89 -7.82 22.76
CA SER E 24 14.55 -7.51 22.28
C SER E 24 14.56 -6.52 21.13
N SER E 25 13.88 -6.84 20.02
CA SER E 25 13.81 -5.92 18.89
C SER E 25 12.82 -4.87 19.37
N ARG E 26 11.93 -5.29 20.24
CA ARG E 26 10.93 -4.42 20.85
C ARG E 26 11.71 -3.43 21.72
N GLU E 27 11.01 -2.60 22.50
CA GLU E 27 11.62 -1.56 23.36
C GLU E 27 12.58 -0.65 22.55
N SER E 28 13.31 -1.28 21.62
CA SER E 28 14.25 -0.61 20.74
C SER E 28 13.47 0.15 19.68
N ASP E 29 12.98 -0.55 18.66
CA ASP E 29 12.24 0.11 17.59
C ASP E 29 11.09 0.98 18.05
N PRO E 30 10.34 0.59 19.08
CA PRO E 30 9.26 1.50 19.51
C PRO E 30 9.82 2.92 19.79
N SER E 31 11.05 3.14 19.30
CA SER E 31 11.80 4.38 19.38
C SER E 31 12.09 4.68 17.91
N ARG E 32 12.60 3.68 17.19
CA ARG E 32 12.91 3.85 15.78
C ARG E 32 11.70 4.43 15.02
N LYS E 33 10.54 3.77 15.11
CA LYS E 33 9.32 4.25 14.44
C LYS E 33 9.12 5.73 14.68
N GLY E 34 9.34 6.15 15.92
CA GLY E 34 9.20 7.56 16.22
C GLY E 34 9.92 8.32 15.14
N PHE E 35 11.21 8.07 14.97
CA PHE E 35 11.99 8.77 13.96
C PHE E 35 11.39 8.73 12.57
N SER E 36 11.39 7.58 11.92
CA SER E 36 10.82 7.49 10.57
C SER E 36 9.50 8.24 10.58
N TYR E 37 8.69 8.04 11.61
CA TYR E 37 7.44 8.77 11.69
C TYR E 37 7.69 10.25 11.88
N LEU E 38 8.66 10.55 12.73
CA LEU E 38 9.02 11.93 13.03
C LEU E 38 9.12 12.68 11.74
N VAL E 39 9.89 12.12 10.80
CA VAL E 39 10.07 12.72 9.50
C VAL E 39 8.70 13.05 8.88
N THR E 40 7.94 11.99 8.61
CA THR E 40 6.61 12.11 8.07
C THR E 40 5.84 13.18 8.83
N ALA E 41 5.75 13.02 10.15
CA ALA E 41 5.07 13.99 10.96
C ALA E 41 5.51 15.36 10.48
N VAL E 42 6.82 15.51 10.26
CA VAL E 42 7.39 16.78 9.80
C VAL E 42 6.97 17.13 8.38
N THR E 43 7.21 16.22 7.45
CA THR E 43 6.84 16.46 6.08
C THR E 43 5.40 16.94 6.05
N THR E 44 4.51 16.22 6.73
CA THR E 44 3.11 16.61 6.78
C THR E 44 3.12 18.08 7.18
N LEU E 45 3.81 18.35 8.28
CA LEU E 45 3.96 19.69 8.81
C LEU E 45 4.40 20.65 7.69
N GLY E 46 5.62 20.44 7.21
CA GLY E 46 6.19 21.26 6.15
C GLY E 46 5.17 21.49 5.05
N VAL E 47 4.49 20.42 4.67
CA VAL E 47 3.46 20.50 3.63
C VAL E 47 2.37 21.50 4.01
N ALA E 48 1.78 21.31 5.19
CA ALA E 48 0.73 22.20 5.67
C ALA E 48 1.17 23.59 5.33
N TYR E 49 2.28 24.01 5.92
CA TYR E 49 2.82 25.34 5.67
C TYR E 49 2.70 25.70 4.20
N ALA E 50 3.45 25.00 3.37
CA ALA E 50 3.42 25.25 1.93
C ALA E 50 2.00 25.55 1.46
N ALA E 51 1.12 24.56 1.63
CA ALA E 51 -0.27 24.70 1.20
C ALA E 51 -0.98 25.89 1.83
N LYS E 52 -0.98 25.94 3.15
CA LYS E 52 -1.62 27.03 3.87
C LYS E 52 -1.46 28.31 3.08
N ASN E 53 -0.21 28.67 2.80
CA ASN E 53 0.07 29.88 2.04
C ASN E 53 -0.50 29.85 0.64
N VAL E 54 -0.09 28.89 -0.19
CA VAL E 54 -0.60 28.81 -1.55
C VAL E 54 -2.08 29.04 -1.58
N VAL E 55 -2.77 28.54 -0.56
CA VAL E 55 -4.21 28.73 -0.46
C VAL E 55 -4.46 30.21 -0.20
N THR E 56 -4.12 30.67 0.99
CA THR E 56 -4.28 32.06 1.32
C THR E 56 -4.06 32.88 0.05
N GLN E 57 -2.88 32.70 -0.55
CA GLN E 57 -2.50 33.39 -1.78
C GLN E 57 -3.62 33.33 -2.84
N PHE E 58 -3.84 32.14 -3.38
CA PHE E 58 -4.86 31.95 -4.41
C PHE E 58 -6.26 32.03 -3.83
N VAL E 59 -6.46 32.96 -2.91
CA VAL E 59 -7.75 33.18 -2.28
C VAL E 59 -7.89 34.67 -2.17
N SER E 60 -6.75 35.36 -2.12
CA SER E 60 -6.77 36.81 -2.07
C SER E 60 -6.55 37.24 -3.50
N SER E 61 -6.32 36.25 -4.36
CA SER E 61 -6.13 36.49 -5.77
C SER E 61 -7.50 36.86 -6.34
N MET E 62 -8.29 37.50 -5.50
CA MET E 62 -9.64 37.86 -5.87
C MET E 62 -10.21 38.91 -4.93
N SER E 63 -10.35 38.56 -3.65
CA SER E 63 -10.88 39.50 -2.66
C SER E 63 -10.25 40.87 -2.97
N ALA E 64 -10.95 41.96 -2.74
CA ALA E 64 -10.35 43.26 -3.06
C ALA E 64 -9.80 43.21 -4.49
N SER E 65 -8.84 44.08 -4.79
CA SER E 65 -8.21 44.14 -6.13
C SER E 65 -7.05 45.13 -6.16
N ALA E 66 -6.68 45.64 -4.99
CA ALA E 66 -5.59 46.60 -4.88
C ALA E 66 -5.95 47.93 -5.58
N ASP E 67 -7.21 48.05 -6.01
CA ASP E 67 -7.72 49.28 -6.64
C ASP E 67 -8.85 49.87 -5.81
N VAL E 68 -8.48 50.83 -4.99
CA VAL E 68 -9.45 51.50 -4.12
C VAL E 68 -9.33 53.02 -4.29
N LEU E 69 -10.51 53.65 -4.29
CA LEU E 69 -10.72 55.08 -4.49
C LEU E 69 -11.01 55.72 -3.13
N ALA E 70 -11.53 56.96 -3.14
CA ALA E 70 -11.90 57.69 -1.91
C ALA E 70 -12.56 59.04 -2.21
N MET E 71 -13.51 59.01 -3.14
CA MET E 71 -14.29 60.17 -3.59
C MET E 71 -15.16 60.65 -2.45
N SER E 72 -14.86 60.15 -1.25
CA SER E 72 -15.61 60.46 -0.03
C SER E 72 -16.05 61.92 0.09
N LYS E 73 -15.59 62.78 -0.82
CA LYS E 73 -15.94 64.20 -0.80
C LYS E 73 -16.75 64.63 -2.03
N ILE E 74 -17.96 65.13 -1.77
CA ILE E 74 -18.88 65.61 -2.79
C ILE E 74 -19.56 66.93 -2.39
N GLU E 75 -19.72 67.83 -3.37
CA GLU E 75 -20.34 69.13 -3.14
C GLU E 75 -21.73 69.16 -3.75
N ILE E 76 -22.71 69.54 -2.93
CA ILE E 76 -24.10 69.61 -3.37
C ILE E 76 -24.77 70.96 -3.12
N LYS E 77 -25.46 71.45 -4.15
CA LYS E 77 -26.22 72.70 -4.11
C LYS E 77 -27.57 72.31 -3.51
N LEU E 78 -27.75 72.57 -2.21
CA LEU E 78 -28.98 72.20 -1.52
C LEU E 78 -30.23 72.78 -2.15
N SER E 79 -30.07 73.86 -2.91
CA SER E 79 -31.20 74.48 -3.60
C SER E 79 -31.71 73.64 -4.80
N ASP E 80 -30.94 72.62 -5.18
CA ASP E 80 -31.31 71.75 -6.30
C ASP E 80 -32.41 70.81 -5.83
N ILE E 81 -32.58 70.71 -4.52
CA ILE E 81 -33.55 69.83 -3.91
C ILE E 81 -34.62 70.59 -3.12
N PRO E 82 -35.69 71.03 -3.81
CA PRO E 82 -36.79 71.78 -3.16
C PRO E 82 -37.47 70.91 -2.08
N GLU E 83 -38.34 71.55 -1.30
CA GLU E 83 -39.07 70.84 -0.23
C GLU E 83 -40.06 69.78 -0.75
N GLY E 84 -39.99 68.58 -0.16
CA GLY E 84 -40.87 67.48 -0.53
C GLY E 84 -40.33 66.40 -1.45
N LYS E 85 -39.24 66.70 -2.16
CA LYS E 85 -38.63 65.74 -3.08
C LYS E 85 -37.21 65.28 -2.67
N ASN E 86 -36.77 64.16 -3.25
CA ASN E 86 -35.46 63.56 -3.01
C ASN E 86 -34.58 63.38 -4.28
N MET E 87 -33.39 63.99 -4.27
CA MET E 87 -32.46 63.89 -5.40
C MET E 87 -31.43 62.80 -5.14
N ALA E 88 -31.09 62.05 -6.19
CA ALA E 88 -30.12 60.96 -6.10
C ALA E 88 -28.81 61.35 -6.76
N PHE E 89 -27.69 61.02 -6.12
CA PHE E 89 -26.40 61.36 -6.70
C PHE E 89 -25.50 60.17 -6.92
N LYS E 90 -24.60 60.31 -7.90
CA LYS E 90 -23.63 59.27 -8.25
C LYS E 90 -22.51 59.49 -7.26
N TRP E 91 -22.39 58.59 -6.30
CA TRP E 91 -21.36 58.73 -5.29
C TRP E 91 -20.76 57.44 -4.75
N ARG E 92 -19.44 57.33 -4.90
CA ARG E 92 -18.72 56.18 -4.37
C ARG E 92 -19.28 54.78 -4.66
N GLY E 93 -19.37 54.44 -5.94
CA GLY E 93 -19.85 53.12 -6.33
C GLY E 93 -21.30 52.76 -6.07
N LYS E 94 -21.98 53.53 -5.23
CA LYS E 94 -23.38 53.26 -4.94
C LYS E 94 -24.11 54.60 -4.83
N PRO E 95 -25.42 54.63 -5.05
CA PRO E 95 -26.20 55.87 -4.98
C PRO E 95 -26.16 56.61 -3.63
N LEU E 96 -26.49 57.90 -3.69
CA LEU E 96 -26.54 58.76 -2.50
C LEU E 96 -27.81 59.59 -2.51
N PHE E 97 -28.55 59.51 -1.41
CA PHE E 97 -29.81 60.22 -1.28
C PHE E 97 -29.71 61.48 -0.42
N VAL E 98 -30.19 62.60 -0.96
CA VAL E 98 -30.18 63.86 -0.25
C VAL E 98 -31.60 64.41 -0.38
N ARG E 99 -32.28 64.58 0.74
CA ARG E 99 -33.67 65.02 0.70
C ARG E 99 -34.10 66.24 1.52
N HIS E 100 -34.97 67.04 0.91
CA HIS E 100 -35.52 68.23 1.56
C HIS E 100 -36.85 67.77 2.16
N ARG E 101 -36.89 67.68 3.49
CA ARG E 101 -38.10 67.25 4.17
C ARG E 101 -39.03 68.39 4.56
N THR E 102 -40.33 68.12 4.51
CA THR E 102 -41.34 69.10 4.84
C THR E 102 -41.56 69.19 6.35
N LYS E 103 -42.35 70.18 6.74
CA LYS E 103 -42.70 70.40 8.14
C LYS E 103 -43.32 69.07 8.62
N LYS E 104 -44.34 68.61 7.90
CA LYS E 104 -45.04 67.35 8.18
C LYS E 104 -44.11 66.15 8.14
N GLU E 105 -43.31 66.09 7.08
CA GLU E 105 -42.35 65.00 6.92
C GLU E 105 -41.53 64.93 8.21
N ILE E 106 -40.85 66.03 8.54
CA ILE E 106 -40.02 66.12 9.74
C ILE E 106 -40.80 65.82 11.03
N ASP E 107 -42.06 66.24 11.05
CA ASP E 107 -42.94 66.05 12.20
C ASP E 107 -43.31 64.57 12.44
N GLN E 108 -43.68 63.84 11.39
CA GLN E 108 -44.04 62.44 11.56
C GLN E 108 -42.82 61.57 11.85
N GLU E 109 -41.67 61.96 11.29
CA GLU E 109 -40.42 61.21 11.48
C GLU E 109 -39.94 61.28 12.94
N ALA E 110 -40.49 62.25 13.67
CA ALA E 110 -40.17 62.41 15.08
C ALA E 110 -41.23 61.64 15.92
N ALA E 111 -42.48 61.67 15.43
CA ALA E 111 -43.60 61.01 16.10
C ALA E 111 -43.49 59.51 15.94
N VAL E 112 -42.37 59.05 15.39
CA VAL E 112 -42.13 57.62 15.19
C VAL E 112 -41.86 56.89 16.51
N GLU E 113 -42.50 55.73 16.64
CA GLU E 113 -42.39 54.91 17.83
C GLU E 113 -41.04 54.21 17.81
N VAL E 114 -40.02 54.94 18.24
CA VAL E 114 -38.63 54.44 18.26
C VAL E 114 -38.40 53.13 19.01
N SER E 115 -39.13 52.88 20.09
CA SER E 115 -38.96 51.66 20.87
C SER E 115 -39.45 50.42 20.12
N GLN E 116 -40.40 50.62 19.20
CA GLN E 116 -40.98 49.53 18.40
C GLN E 116 -40.25 49.33 17.06
N LEU E 117 -39.13 50.01 16.90
CA LEU E 117 -38.33 49.93 15.68
C LEU E 117 -37.39 48.73 15.58
N ARG E 118 -37.21 48.27 14.34
CA ARG E 118 -36.32 47.15 14.04
C ARG E 118 -34.93 47.68 14.36
N ASP E 119 -34.64 48.85 13.81
CA ASP E 119 -33.38 49.51 14.06
C ASP E 119 -33.75 50.81 14.76
N PRO E 120 -33.98 50.73 16.08
CA PRO E 120 -34.33 51.89 16.89
C PRO E 120 -33.31 53.01 16.75
N GLN E 121 -33.80 54.15 16.27
CA GLN E 121 -33.00 55.36 16.08
C GLN E 121 -34.01 56.47 15.80
N HIS E 122 -33.99 57.53 16.62
CA HIS E 122 -34.91 58.62 16.38
C HIS E 122 -34.37 59.39 15.18
N ASP E 123 -35.26 60.01 14.43
CA ASP E 123 -34.86 60.77 13.27
C ASP E 123 -33.80 61.82 13.57
N LEU E 124 -33.91 62.46 14.73
CA LEU E 124 -32.99 63.53 15.13
C LEU E 124 -31.56 63.12 15.47
N GLU E 125 -31.32 61.81 15.61
CA GLU E 125 -29.96 61.35 15.92
C GLU E 125 -29.32 60.80 14.64
N ARG E 126 -30.05 60.90 13.53
CA ARG E 126 -29.58 60.43 12.22
C ARG E 126 -29.41 61.57 11.24
N VAL E 127 -29.91 62.75 11.58
CA VAL E 127 -29.78 63.93 10.73
C VAL E 127 -29.50 65.21 11.55
N LYS E 128 -28.72 66.11 10.96
CA LYS E 128 -28.36 67.37 11.63
C LYS E 128 -29.45 68.41 11.38
N LYS E 129 -29.66 68.79 10.13
CA LYS E 129 -30.74 69.74 9.86
C LYS E 129 -31.90 68.85 9.48
N PRO E 130 -32.94 68.81 10.33
CA PRO E 130 -34.13 67.99 10.09
C PRO E 130 -34.77 68.21 8.73
N GLU E 131 -34.57 69.40 8.16
CA GLU E 131 -35.11 69.71 6.85
C GLU E 131 -34.24 69.01 5.79
N TRP E 132 -33.13 68.43 6.25
CA TRP E 132 -32.16 67.74 5.39
C TRP E 132 -31.75 66.34 5.87
N VAL E 133 -32.13 65.32 5.10
CA VAL E 133 -31.80 63.92 5.42
C VAL E 133 -30.94 63.34 4.28
N ILE E 134 -29.85 62.69 4.64
CA ILE E 134 -28.97 62.09 3.63
C ILE E 134 -28.73 60.59 3.89
N LEU E 135 -28.86 59.78 2.84
CA LEU E 135 -28.69 58.34 2.97
C LEU E 135 -28.02 57.67 1.77
N ILE E 136 -27.43 56.51 2.04
CA ILE E 136 -26.79 55.69 1.01
C ILE E 136 -27.93 54.91 0.37
N GLY E 137 -28.29 55.26 -0.86
CA GLY E 137 -29.38 54.59 -1.53
C GLY E 137 -29.18 53.10 -1.78
N VAL E 138 -28.72 52.40 -0.75
CA VAL E 138 -28.49 50.97 -0.87
C VAL E 138 -29.29 50.24 0.19
N CYS E 139 -30.26 49.46 -0.25
CA CYS E 139 -31.06 48.70 0.68
C CYS E 139 -30.14 47.83 1.48
N THR E 140 -30.52 47.53 2.70
CA THR E 140 -29.70 46.67 3.55
C THR E 140 -29.97 45.18 3.37
N HIS E 141 -31.14 44.84 2.83
CA HIS E 141 -31.49 43.44 2.65
C HIS E 141 -30.46 42.71 1.79
N LEU E 142 -30.58 42.91 0.48
CA LEU E 142 -29.69 42.27 -0.45
C LEU E 142 -29.04 43.21 -1.43
N GLY E 143 -29.07 44.50 -1.13
CA GLY E 143 -28.40 45.46 -1.99
C GLY E 143 -29.09 46.22 -3.12
N CYS E 144 -30.42 46.30 -3.13
CA CYS E 144 -31.06 47.05 -4.19
C CYS E 144 -31.21 48.52 -3.86
N VAL E 145 -31.59 49.31 -4.86
CA VAL E 145 -31.77 50.75 -4.70
C VAL E 145 -33.19 51.05 -4.27
N PRO E 146 -33.37 51.57 -3.05
CA PRO E 146 -34.74 51.84 -2.62
C PRO E 146 -35.31 52.88 -3.55
N ILE E 147 -36.60 52.79 -3.83
CA ILE E 147 -37.25 53.76 -4.71
C ILE E 147 -37.90 54.87 -3.88
N ALA E 148 -37.38 56.08 -4.04
CA ALA E 148 -37.89 57.24 -3.31
C ALA E 148 -39.27 57.66 -3.79
N ASN E 149 -40.04 58.20 -2.85
CA ASN E 149 -41.40 58.66 -3.14
C ASN E 149 -42.35 57.53 -3.52
N ALA E 150 -42.19 56.39 -2.85
CA ALA E 150 -43.04 55.24 -3.06
C ALA E 150 -42.99 54.43 -1.76
N GLY E 151 -44.02 53.63 -1.52
CA GLY E 151 -44.08 52.84 -0.29
C GLY E 151 -45.19 53.23 0.67
N ASP E 152 -45.34 52.46 1.74
CA ASP E 152 -46.38 52.72 2.72
C ASP E 152 -45.92 53.52 3.92
N PHE E 153 -44.70 54.05 3.85
CA PHE E 153 -44.17 54.88 4.93
C PHE E 153 -43.61 56.22 4.45
N GLY E 154 -44.12 56.67 3.31
CA GLY E 154 -43.74 57.94 2.71
C GLY E 154 -42.26 58.25 2.57
N GLY E 155 -41.41 57.24 2.73
CA GLY E 155 -39.98 57.45 2.60
C GLY E 155 -39.44 56.67 1.41
N TYR E 156 -39.20 55.38 1.63
CA TYR E 156 -38.68 54.54 0.56
C TYR E 156 -39.28 53.14 0.50
N TYR E 157 -39.06 52.50 -0.64
CA TYR E 157 -39.52 51.15 -0.92
C TYR E 157 -38.51 50.48 -1.86
N CYS E 158 -38.12 49.26 -1.55
CA CYS E 158 -37.18 48.52 -2.37
C CYS E 158 -37.92 47.42 -3.15
N PRO E 159 -38.15 47.63 -4.46
CA PRO E 159 -38.86 46.67 -5.33
C PRO E 159 -38.34 45.24 -5.37
N CYS E 160 -37.20 45.00 -4.72
CA CYS E 160 -36.59 43.67 -4.68
C CYS E 160 -37.29 42.67 -3.75
N HIS E 161 -37.59 43.10 -2.53
CA HIS E 161 -38.26 42.23 -1.58
C HIS E 161 -39.27 42.92 -0.67
N GLY E 162 -39.67 44.13 -1.04
CA GLY E 162 -40.66 44.85 -0.27
C GLY E 162 -40.28 45.45 1.07
N SER E 163 -39.13 46.11 1.15
CA SER E 163 -38.73 46.74 2.40
C SER E 163 -39.19 48.20 2.30
N HIS E 164 -39.95 48.65 3.29
CA HIS E 164 -40.45 50.02 3.29
C HIS E 164 -39.60 50.86 4.24
N TYR E 165 -39.23 52.05 3.79
CA TYR E 165 -38.41 52.95 4.59
C TYR E 165 -39.13 54.25 4.89
N ASP E 166 -38.82 54.84 6.04
CA ASP E 166 -39.42 56.11 6.41
C ASP E 166 -38.48 57.20 5.91
N ALA E 167 -38.96 58.45 5.88
CA ALA E 167 -38.16 59.57 5.39
C ALA E 167 -36.84 59.79 6.14
N SER E 168 -36.62 59.01 7.18
CA SER E 168 -35.39 59.10 7.94
C SER E 168 -34.45 58.04 7.42
N GLY E 169 -35.00 57.15 6.59
CA GLY E 169 -34.23 56.05 6.02
C GLY E 169 -34.24 54.81 6.88
N ARG E 170 -35.13 54.78 7.85
CA ARG E 170 -35.22 53.64 8.73
C ARG E 170 -36.12 52.60 8.07
N ILE E 171 -35.86 51.34 8.36
CA ILE E 171 -36.68 50.25 7.84
C ILE E 171 -37.86 50.10 8.78
N ARG E 172 -39.05 50.09 8.20
CA ARG E 172 -40.26 49.99 9.00
C ARG E 172 -41.08 48.72 8.78
N LYS E 173 -41.08 48.23 7.54
CA LYS E 173 -41.84 47.04 7.20
C LYS E 173 -41.00 46.24 6.22
N GLY E 174 -41.24 44.93 6.17
CA GLY E 174 -40.50 44.09 5.24
C GLY E 174 -39.42 43.21 5.87
N PRO E 175 -38.53 42.63 5.05
CA PRO E 175 -37.43 41.77 5.49
C PRO E 175 -36.09 42.48 5.68
N ALA E 176 -35.99 43.74 5.26
CA ALA E 176 -34.74 44.48 5.44
C ALA E 176 -34.36 44.38 6.92
N PRO E 177 -33.05 44.27 7.22
CA PRO E 177 -32.59 44.14 8.60
C PRO E 177 -32.20 45.37 9.41
N LEU E 178 -31.47 46.30 8.82
CA LEU E 178 -31.06 47.50 9.56
C LEU E 178 -31.46 48.72 8.74
N ASN E 179 -31.52 49.90 9.37
CA ASN E 179 -31.93 51.11 8.66
C ASN E 179 -30.84 51.60 7.70
N LEU E 180 -31.26 52.28 6.63
CA LEU E 180 -30.32 52.79 5.62
C LEU E 180 -29.05 53.38 6.22
N GLU E 181 -28.02 53.47 5.39
CA GLU E 181 -26.75 54.00 5.84
C GLU E 181 -26.74 55.54 5.82
N VAL E 182 -26.27 56.11 6.93
CA VAL E 182 -26.15 57.54 7.09
C VAL E 182 -24.67 57.91 7.00
N PRO E 183 -24.24 58.44 5.85
CA PRO E 183 -22.86 58.84 5.60
C PRO E 183 -22.35 59.95 6.53
N SER E 184 -21.05 60.20 6.52
CA SER E 184 -20.46 61.27 7.32
C SER E 184 -20.67 62.58 6.53
N TYR E 185 -21.27 63.59 7.15
CA TYR E 185 -21.50 64.87 6.43
C TYR E 185 -21.71 66.11 7.29
N GLU E 186 -21.82 67.26 6.61
CA GLU E 186 -22.02 68.56 7.25
C GLU E 186 -22.38 69.64 6.22
N PHE E 187 -22.97 70.73 6.70
CA PHE E 187 -23.37 71.88 5.86
C PHE E 187 -22.29 73.00 5.99
N THR E 188 -21.84 73.55 4.86
CA THR E 188 -20.82 74.62 4.91
C THR E 188 -21.39 76.05 4.91
N SER E 189 -22.70 76.17 4.68
CA SER E 189 -23.39 77.47 4.65
C SER E 189 -24.91 77.29 4.62
N ASP E 190 -25.61 78.32 4.15
CA ASP E 190 -27.08 78.28 4.06
C ASP E 190 -27.59 77.30 2.99
N ASP E 191 -26.86 77.24 1.87
CA ASP E 191 -27.20 76.36 0.73
C ASP E 191 -26.17 75.25 0.45
N MET E 192 -25.09 75.21 1.23
CA MET E 192 -24.06 74.21 1.01
C MET E 192 -24.17 72.99 1.88
N VAL E 193 -23.91 71.84 1.26
CA VAL E 193 -23.95 70.56 1.95
C VAL E 193 -22.82 69.69 1.44
N ILE E 194 -21.99 69.20 2.35
CA ILE E 194 -20.87 68.37 1.97
C ILE E 194 -20.98 66.99 2.60
N VAL E 195 -20.95 65.96 1.76
CA VAL E 195 -21.04 64.58 2.22
C VAL E 195 -19.66 63.92 2.20
N GLY E 196 -19.26 63.37 3.36
CA GLY E 196 -17.98 62.70 3.48
C GLY E 196 -17.00 63.50 4.32
N SER F 10 36.26 -12.04 -43.52
CA SER F 10 37.38 -11.42 -42.74
C SER F 10 37.01 -11.28 -41.25
N ARG F 11 35.80 -10.78 -40.97
CA ARG F 11 35.29 -10.58 -39.60
C ARG F 11 34.11 -11.53 -39.26
N TRP F 12 34.39 -12.53 -38.43
CA TRP F 12 33.41 -13.53 -38.03
C TRP F 12 32.09 -13.04 -37.48
N LEU F 13 31.00 -13.49 -38.08
CA LEU F 13 29.71 -13.12 -37.58
C LEU F 13 29.76 -13.71 -36.20
N GLU F 14 30.42 -14.86 -36.10
CA GLU F 14 30.59 -15.49 -34.79
C GLU F 14 31.26 -14.46 -33.90
N GLY F 15 32.45 -14.01 -34.30
CA GLY F 15 33.16 -13.02 -33.52
C GLY F 15 32.26 -11.86 -33.12
N ILE F 16 31.39 -11.44 -34.04
CA ILE F 16 30.45 -10.34 -33.83
C ILE F 16 29.37 -10.66 -32.81
N ARG F 17 28.56 -11.68 -33.07
CA ARG F 17 27.50 -12.04 -32.15
C ARG F 17 28.03 -11.97 -30.72
N LYS F 18 29.18 -12.59 -30.49
CA LYS F 18 29.78 -12.58 -29.17
C LYS F 18 29.78 -11.13 -28.68
N TRP F 19 30.21 -10.23 -29.55
CA TRP F 19 30.24 -8.81 -29.20
C TRP F 19 28.87 -8.44 -28.68
N TYR F 20 27.94 -8.28 -29.64
CA TYR F 20 26.58 -7.87 -29.34
C TYR F 20 26.08 -8.50 -28.06
N TYR F 21 26.29 -9.80 -27.91
CA TYR F 21 25.81 -10.47 -26.72
C TYR F 21 26.26 -9.81 -25.43
N ASN F 22 27.56 -9.61 -25.29
CA ASN F 22 28.05 -8.99 -24.08
C ASN F 22 27.72 -7.52 -24.09
N ALA F 23 27.54 -6.98 -25.30
CA ALA F 23 27.20 -5.57 -25.47
C ALA F 23 25.78 -5.32 -24.99
N ALA F 24 24.86 -6.19 -25.37
CA ALA F 24 23.46 -6.07 -24.95
C ALA F 24 23.51 -6.17 -23.44
N GLY F 25 24.41 -6.99 -22.96
CA GLY F 25 24.57 -7.14 -21.53
C GLY F 25 23.30 -7.48 -20.80
N PHE F 26 22.46 -8.31 -21.41
CA PHE F 26 21.25 -8.68 -20.71
C PHE F 26 21.60 -9.86 -19.83
N ASN F 27 22.82 -10.35 -19.99
CA ASN F 27 23.29 -11.46 -19.22
C ASN F 27 23.87 -10.93 -17.94
N LYS F 28 23.96 -9.62 -17.81
CA LYS F 28 24.50 -9.08 -16.57
C LYS F 28 23.43 -9.22 -15.53
N TYR F 29 22.17 -9.26 -15.99
CA TYR F 29 21.05 -9.44 -15.09
C TYR F 29 20.92 -10.93 -14.86
N GLY F 30 21.56 -11.69 -15.73
CA GLY F 30 21.53 -13.13 -15.57
C GLY F 30 20.35 -13.84 -16.18
N LEU F 31 19.95 -13.44 -17.38
CA LEU F 31 18.82 -14.07 -18.04
C LEU F 31 19.18 -14.33 -19.49
N MET F 32 18.82 -15.52 -19.96
CA MET F 32 19.10 -15.94 -21.32
C MET F 32 18.47 -15.03 -22.34
N ARG F 33 19.00 -15.08 -23.57
CA ARG F 33 18.48 -14.29 -24.67
C ARG F 33 16.98 -14.39 -24.62
N ASP F 34 16.48 -15.56 -24.99
CA ASP F 34 15.05 -15.80 -24.99
C ASP F 34 14.32 -15.23 -23.78
N ASP F 35 14.98 -15.10 -22.64
CA ASP F 35 14.27 -14.55 -21.51
C ASP F 35 13.91 -13.12 -21.79
N THR F 36 14.34 -12.59 -22.92
CA THR F 36 14.05 -11.19 -23.20
C THR F 36 13.04 -10.91 -24.31
N ILE F 37 13.15 -11.61 -25.43
CA ILE F 37 12.23 -11.41 -26.54
C ILE F 37 10.89 -10.93 -26.05
N TYR F 38 10.45 -9.78 -26.54
CA TYR F 38 9.18 -9.22 -26.17
C TYR F 38 8.17 -10.33 -26.32
N GLU F 39 7.16 -10.37 -25.44
CA GLU F 39 6.13 -11.41 -25.50
C GLU F 39 4.96 -11.18 -26.48
N ASN F 40 5.14 -11.51 -27.76
CA ASN F 40 4.04 -11.33 -28.70
C ASN F 40 3.24 -12.64 -28.87
N ASP F 41 2.08 -12.54 -29.50
CA ASP F 41 1.20 -13.68 -29.72
C ASP F 41 1.94 -15.01 -29.89
N ASP F 42 2.93 -15.03 -30.78
CA ASP F 42 3.71 -16.22 -31.06
C ASP F 42 4.46 -16.73 -29.84
N VAL F 43 5.26 -15.84 -29.27
CA VAL F 43 6.04 -16.17 -28.10
C VAL F 43 5.14 -16.69 -27.01
N LYS F 44 4.04 -16.00 -26.74
CA LYS F 44 3.15 -16.44 -25.70
C LYS F 44 2.81 -17.89 -25.93
N GLU F 45 2.30 -18.20 -27.12
CA GLU F 45 1.94 -19.57 -27.43
C GLU F 45 3.18 -20.42 -27.27
N ALA F 46 4.33 -19.91 -27.72
CA ALA F 46 5.58 -20.65 -27.57
C ALA F 46 5.76 -21.00 -26.11
N ILE F 47 5.96 -19.98 -25.29
CA ILE F 47 6.15 -20.16 -23.86
C ILE F 47 5.05 -20.99 -23.21
N ARG F 48 3.85 -20.94 -23.75
CA ARG F 48 2.76 -21.69 -23.14
C ARG F 48 2.94 -23.17 -23.46
N ARG F 49 3.88 -23.47 -24.35
CA ARG F 49 4.18 -24.84 -24.74
C ARG F 49 5.39 -25.35 -23.99
N LEU F 50 6.02 -24.44 -23.27
CA LEU F 50 7.21 -24.77 -22.51
C LEU F 50 6.96 -25.82 -21.45
N PRO F 51 7.91 -26.74 -21.26
CA PRO F 51 7.82 -27.81 -20.27
C PRO F 51 7.83 -27.08 -18.95
N GLU F 52 7.06 -27.55 -17.97
CA GLU F 52 7.02 -26.84 -16.71
C GLU F 52 8.39 -26.63 -16.07
N ASN F 53 9.34 -27.51 -16.39
CA ASN F 53 10.69 -27.36 -15.86
C ASN F 53 11.10 -25.93 -16.20
N LEU F 54 11.57 -25.78 -17.43
CA LEU F 54 12.05 -24.53 -17.98
C LEU F 54 11.19 -23.32 -17.69
N TYR F 55 9.88 -23.52 -17.53
CA TYR F 55 9.00 -22.38 -17.27
C TYR F 55 9.36 -21.73 -15.95
N ASP F 56 9.22 -22.50 -14.88
CA ASP F 56 9.55 -21.97 -13.60
C ASP F 56 10.96 -21.46 -13.58
N ASP F 57 11.83 -22.12 -14.34
CA ASP F 57 13.20 -21.65 -14.39
C ASP F 57 13.08 -20.19 -14.86
N ARG F 58 12.72 -20.02 -16.13
CA ARG F 58 12.55 -18.70 -16.74
C ARG F 58 11.88 -17.70 -15.82
N MET F 59 10.77 -18.09 -15.22
CA MET F 59 10.06 -17.18 -14.34
C MET F 59 11.05 -16.54 -13.40
N PHE F 60 11.54 -17.33 -12.46
CA PHE F 60 12.50 -16.85 -11.47
C PHE F 60 13.56 -15.96 -12.08
N ARG F 61 14.18 -16.44 -13.17
CA ARG F 61 15.20 -15.64 -13.83
C ARG F 61 14.67 -14.26 -14.14
N ILE F 62 13.40 -14.18 -14.53
CA ILE F 62 12.78 -12.91 -14.83
C ILE F 62 12.51 -12.16 -13.54
N LYS F 63 11.89 -12.83 -12.58
CA LYS F 63 11.63 -12.13 -11.33
C LYS F 63 12.93 -11.64 -10.72
N ARG F 64 13.99 -12.46 -10.80
CA ARG F 64 15.27 -12.06 -10.23
C ARG F 64 15.71 -10.84 -11.00
N ALA F 65 15.64 -10.94 -12.32
CA ALA F 65 16.03 -9.85 -13.19
C ALA F 65 15.29 -8.61 -12.77
N LEU F 66 13.98 -8.72 -12.62
CA LEU F 66 13.19 -7.58 -12.21
C LEU F 66 13.68 -7.06 -10.87
N ASP F 67 13.75 -7.96 -9.90
CA ASP F 67 14.19 -7.57 -8.57
C ASP F 67 15.52 -6.83 -8.64
N LEU F 68 16.46 -7.32 -9.42
CA LEU F 68 17.73 -6.62 -9.56
C LEU F 68 17.36 -5.23 -10.07
N ASN F 69 17.03 -5.18 -11.34
CA ASN F 69 16.64 -3.95 -12.03
C ASN F 69 15.94 -2.95 -11.14
N MET F 70 15.06 -3.46 -10.31
CA MET F 70 14.30 -2.63 -9.39
C MET F 70 15.17 -2.09 -8.27
N ARG F 71 16.35 -2.67 -8.12
CA ARG F 71 17.30 -2.25 -7.10
C ARG F 71 18.41 -1.47 -7.74
N GLN F 72 18.39 -1.40 -9.06
CA GLN F 72 19.37 -0.65 -9.80
C GLN F 72 20.73 -1.35 -9.83
N GLN F 73 20.86 -2.42 -9.06
CA GLN F 73 22.12 -3.17 -8.95
C GLN F 73 22.07 -4.42 -9.83
N ILE F 74 23.22 -5.01 -10.14
CA ILE F 74 23.22 -6.22 -10.97
C ILE F 74 23.81 -7.46 -10.33
N LEU F 75 24.12 -8.42 -11.19
CA LEU F 75 24.63 -9.70 -10.75
C LEU F 75 26.15 -9.76 -10.78
N PRO F 76 26.76 -10.31 -9.73
CA PRO F 76 28.22 -10.44 -9.64
C PRO F 76 28.79 -10.98 -10.92
N LYS F 77 29.88 -10.37 -11.38
CA LYS F 77 30.57 -10.74 -12.61
C LYS F 77 30.55 -12.24 -12.83
N GLU F 78 30.56 -12.98 -11.73
CA GLU F 78 30.54 -14.44 -11.78
C GLU F 78 29.25 -14.97 -12.41
N GLN F 79 28.12 -14.62 -11.80
CA GLN F 79 26.82 -15.09 -12.22
C GLN F 79 26.27 -14.66 -13.58
N TRP F 80 26.98 -13.77 -14.26
CA TRP F 80 26.53 -13.38 -15.58
C TRP F 80 26.48 -14.69 -16.33
N THR F 81 25.71 -14.79 -17.41
CA THR F 81 25.70 -16.05 -18.15
C THR F 81 26.63 -15.85 -19.32
N LYS F 82 27.40 -16.87 -19.65
CA LYS F 82 28.34 -16.75 -20.75
C LYS F 82 27.70 -17.08 -22.09
N TYR F 83 28.03 -16.25 -23.08
CA TYR F 83 27.53 -16.40 -24.45
C TYR F 83 27.36 -17.83 -24.90
N GLU F 84 28.45 -18.59 -24.91
CA GLU F 84 28.38 -19.97 -25.35
C GLU F 84 27.44 -20.84 -24.54
N GLU F 85 27.24 -20.48 -23.28
CA GLU F 85 26.36 -21.23 -22.40
C GLU F 85 24.92 -20.72 -22.39
N ASP F 86 24.59 -19.77 -23.26
CA ASP F 86 23.22 -19.27 -23.29
C ASP F 86 22.33 -20.33 -23.92
N VAL F 87 21.28 -20.70 -23.21
CA VAL F 87 20.35 -21.73 -23.63
C VAL F 87 19.09 -21.26 -24.35
N PRO F 88 19.06 -21.39 -25.69
CA PRO F 88 17.91 -20.98 -26.50
C PRO F 88 16.75 -21.91 -26.19
N TYR F 89 16.31 -21.90 -24.93
CA TYR F 89 15.25 -22.75 -24.49
C TYR F 89 13.92 -22.62 -25.20
N LEU F 90 13.65 -21.48 -25.81
CA LEU F 90 12.36 -21.29 -26.49
C LEU F 90 12.39 -21.22 -28.01
N GLU F 91 13.53 -20.82 -28.58
CA GLU F 91 13.63 -20.70 -30.03
C GLU F 91 12.98 -21.88 -30.73
N PRO F 92 13.31 -23.13 -30.35
CA PRO F 92 12.70 -24.30 -31.00
C PRO F 92 11.16 -24.32 -31.01
N TYR F 93 10.51 -24.13 -29.85
CA TYR F 93 9.05 -24.12 -29.82
C TYR F 93 8.54 -22.98 -30.67
N LEU F 94 8.99 -21.79 -30.34
CA LEU F 94 8.60 -20.60 -31.06
C LEU F 94 8.61 -20.86 -32.56
N LYS F 95 9.68 -21.44 -33.09
CA LYS F 95 9.74 -21.70 -34.54
C LYS F 95 8.59 -22.56 -35.06
N GLU F 96 8.33 -23.70 -34.42
CA GLU F 96 7.25 -24.56 -34.87
C GLU F 96 6.06 -23.65 -34.93
N VAL F 97 5.76 -23.02 -33.81
CA VAL F 97 4.64 -22.09 -33.72
C VAL F 97 4.56 -21.32 -35.02
N ILE F 98 5.47 -20.38 -35.19
CA ILE F 98 5.50 -19.58 -36.40
C ILE F 98 5.13 -20.41 -37.63
N ARG F 99 5.91 -21.43 -37.97
CA ARG F 99 5.55 -22.16 -39.18
C ARG F 99 4.15 -22.74 -39.08
N GLU F 100 3.74 -23.14 -37.89
CA GLU F 100 2.41 -23.69 -37.73
C GLU F 100 1.46 -22.64 -38.25
N ARG F 101 1.69 -21.43 -37.79
CA ARG F 101 0.87 -20.32 -38.19
C ARG F 101 1.01 -20.13 -39.69
N LYS F 102 2.19 -19.73 -40.14
CA LYS F 102 2.39 -19.52 -41.57
C LYS F 102 1.72 -20.60 -42.43
N GLU F 103 1.63 -21.82 -41.90
CA GLU F 103 0.98 -22.93 -42.60
C GLU F 103 -0.51 -22.63 -42.66
N ARG F 104 -1.08 -22.26 -41.52
CA ARG F 104 -2.49 -21.94 -41.42
C ARG F 104 -2.82 -20.72 -42.27
N GLU F 105 -2.11 -19.63 -42.03
CA GLU F 105 -2.30 -18.38 -42.78
C GLU F 105 -2.34 -18.62 -44.28
N GLU F 106 -1.49 -19.52 -44.77
CA GLU F 106 -1.45 -19.82 -46.19
C GLU F 106 -2.68 -20.63 -46.58
N TRP F 107 -3.07 -21.60 -45.75
CA TRP F 107 -4.23 -22.41 -46.08
C TRP F 107 -5.53 -21.63 -46.15
N ASP F 108 -5.67 -20.59 -45.32
CA ASP F 108 -6.88 -19.78 -45.32
C ASP F 108 -7.01 -18.83 -46.53
N LYS F 109 -6.22 -19.10 -47.57
CA LYS F 109 -6.24 -18.31 -48.81
C LYS F 109 -6.63 -19.22 -49.98
N ARG G 2 -6.33 -5.35 -15.58
CA ARG G 2 -5.76 -6.52 -14.86
C ARG G 2 -5.56 -6.21 -13.38
N GLN G 3 -6.09 -7.08 -12.52
CA GLN G 3 -6.00 -6.94 -11.08
C GLN G 3 -5.00 -7.94 -10.45
N PHE G 4 -5.10 -8.20 -9.15
CA PHE G 4 -4.20 -9.12 -8.44
C PHE G 4 -4.77 -10.51 -8.17
N GLY G 5 -3.93 -11.51 -8.40
CA GLY G 5 -4.32 -12.89 -8.19
C GLY G 5 -4.54 -13.59 -9.50
N HIS G 6 -4.43 -12.85 -10.58
CA HIS G 6 -4.62 -13.42 -11.90
C HIS G 6 -3.47 -12.98 -12.80
N LEU G 7 -2.28 -12.84 -12.23
CA LEU G 7 -1.14 -12.41 -13.01
C LEU G 7 -0.27 -13.51 -13.59
N THR G 8 0.32 -14.35 -12.73
CA THR G 8 1.17 -15.41 -13.25
C THR G 8 1.26 -16.68 -12.44
N ARG G 9 1.55 -17.78 -13.13
CA ARG G 9 1.70 -19.11 -12.52
C ARG G 9 3.13 -19.13 -12.01
N VAL G 10 3.31 -18.73 -10.77
CA VAL G 10 4.63 -18.69 -10.16
C VAL G 10 4.87 -19.78 -9.15
N ARG G 11 5.83 -20.66 -9.44
CA ARG G 11 6.13 -21.74 -8.51
C ARG G 11 7.54 -21.76 -7.94
N HIS G 12 7.59 -21.96 -6.63
CA HIS G 12 8.85 -22.08 -5.91
C HIS G 12 9.68 -20.83 -5.73
N LEU G 13 9.09 -19.72 -5.33
CA LEU G 13 9.90 -18.53 -5.14
C LEU G 13 9.74 -18.02 -3.76
N ILE G 14 10.75 -18.28 -2.95
CA ILE G 14 10.77 -17.86 -1.57
C ILE G 14 11.37 -16.48 -1.53
N THR G 15 10.64 -15.54 -0.93
CA THR G 15 11.14 -14.18 -0.82
C THR G 15 11.09 -13.80 0.65
N TYR G 16 12.13 -13.13 1.11
CA TYR G 16 12.20 -12.70 2.49
C TYR G 16 12.45 -11.21 2.41
N SER G 17 11.68 -10.44 3.18
CA SER G 17 11.82 -8.98 3.24
C SER G 17 11.53 -8.59 4.67
N LEU G 18 12.09 -7.47 5.11
CA LEU G 18 11.90 -7.06 6.50
C LEU G 18 11.08 -5.79 6.58
N SER G 19 10.38 -5.60 7.70
CA SER G 19 9.60 -4.41 7.92
C SER G 19 10.56 -3.24 7.76
N PRO G 20 10.08 -2.11 7.25
CA PRO G 20 10.97 -0.95 7.07
C PRO G 20 11.51 -0.41 8.38
N PHE G 21 10.77 -0.65 9.45
CA PHE G 21 11.18 -0.18 10.75
C PHE G 21 12.24 -1.09 11.37
N GLU G 22 12.38 -2.29 10.84
CA GLU G 22 13.36 -3.23 11.38
C GLU G 22 14.59 -3.16 10.52
N GLN G 23 14.54 -2.37 9.45
CA GLN G 23 15.70 -2.24 8.58
C GLN G 23 15.97 -0.77 8.42
N ARG G 24 17.01 -0.44 7.67
CA ARG G 24 17.36 0.95 7.48
C ARG G 24 17.33 1.40 6.03
N PRO G 25 16.45 2.37 5.73
CA PRO G 25 16.16 3.01 4.45
C PRO G 25 17.32 3.82 3.94
N PHE G 26 17.98 4.44 4.91
CA PHE G 26 19.10 5.31 4.67
C PHE G 26 19.71 4.87 3.31
N PRO G 27 20.26 3.62 3.25
CA PRO G 27 20.87 2.27 3.07
C PRO G 27 22.36 2.19 3.37
N HIS G 28 23.08 1.48 2.51
CA HIS G 28 24.53 1.31 2.58
C HIS G 28 25.29 2.05 1.50
N TYR G 29 25.29 3.37 1.60
CA TYR G 29 25.99 4.27 0.69
C TYR G 29 27.45 4.06 1.00
N PHE G 30 28.32 4.30 0.03
CA PHE G 30 29.75 4.12 0.25
C PHE G 30 30.18 2.66 0.29
N SER G 31 29.20 1.76 0.32
CA SER G 31 29.49 0.33 0.36
C SER G 31 29.03 -0.27 -0.96
N LYS G 32 27.74 -0.14 -1.22
CA LYS G 32 27.08 -0.61 -2.43
C LYS G 32 26.48 0.63 -3.07
N GLY G 33 26.08 1.58 -2.24
CA GLY G 33 25.48 2.81 -2.74
C GLY G 33 26.25 3.48 -3.86
N VAL G 34 27.00 4.51 -3.49
CA VAL G 34 27.79 5.25 -4.45
C VAL G 34 28.47 4.36 -5.52
N PRO G 35 29.11 3.25 -5.13
CA PRO G 35 29.77 2.39 -6.11
C PRO G 35 28.95 2.14 -7.36
N ASN G 36 27.75 1.60 -7.20
CA ASN G 36 26.89 1.33 -8.34
C ASN G 36 26.55 2.56 -9.15
N VAL G 37 26.50 3.70 -8.50
CA VAL G 37 26.22 4.93 -9.22
C VAL G 37 27.27 5.09 -10.30
N TRP G 38 28.53 5.00 -9.91
CA TRP G 38 29.61 5.12 -10.85
C TRP G 38 29.57 3.95 -11.82
N ARG G 39 29.27 2.77 -11.29
CA ARG G 39 29.21 1.56 -12.11
C ARG G 39 28.35 1.82 -13.33
N ARG G 40 27.54 2.86 -13.23
CA ARG G 40 26.64 3.26 -14.29
C ARG G 40 27.07 4.50 -15.07
N LEU G 41 27.46 5.58 -14.39
CA LEU G 41 27.92 6.77 -15.10
C LEU G 41 28.92 6.17 -16.08
N ARG G 42 29.75 5.27 -15.56
CA ARG G 42 30.75 4.56 -16.35
C ARG G 42 30.04 3.30 -16.73
N ALA G 43 29.48 3.30 -17.94
CA ALA G 43 28.75 2.17 -18.49
C ALA G 43 28.02 2.78 -19.66
N CYS G 44 27.35 3.90 -19.40
CA CYS G 44 26.59 4.63 -20.42
C CYS G 44 27.21 5.94 -20.86
N ILE G 45 28.18 6.45 -20.09
CA ILE G 45 28.85 7.69 -20.45
C ILE G 45 29.31 7.54 -21.88
N LEU G 46 29.96 6.42 -22.18
CA LEU G 46 30.44 6.18 -23.53
C LEU G 46 29.34 5.87 -24.55
N ARG G 47 28.08 5.92 -24.12
CA ARG G 47 26.96 5.67 -25.04
C ARG G 47 26.01 6.84 -25.17
N VAL G 48 26.01 7.72 -24.16
CA VAL G 48 25.16 8.90 -24.15
C VAL G 48 25.94 10.15 -24.57
N ALA G 49 26.98 10.48 -23.81
CA ALA G 49 27.80 11.64 -24.07
C ALA G 49 28.26 11.82 -25.53
N PRO G 50 28.84 10.80 -26.16
CA PRO G 50 29.28 11.02 -27.54
C PRO G 50 28.38 11.93 -28.38
N PRO G 51 27.15 11.51 -28.73
CA PRO G 51 26.32 12.41 -29.53
C PRO G 51 26.18 13.83 -28.97
N PHE G 52 25.92 13.96 -27.68
CA PHE G 52 25.81 15.29 -27.10
C PHE G 52 27.07 16.06 -27.40
N LEU G 53 28.22 15.40 -27.19
CA LEU G 53 29.50 16.04 -27.43
C LEU G 53 29.51 16.51 -28.88
N ALA G 54 29.18 15.60 -29.79
CA ALA G 54 29.14 15.90 -31.23
C ALA G 54 28.31 17.16 -31.50
N PHE G 55 27.14 17.25 -30.88
CA PHE G 55 26.28 18.41 -31.06
C PHE G 55 27.12 19.61 -30.69
N TYR G 56 27.50 19.67 -29.43
CA TYR G 56 28.32 20.76 -28.94
C TYR G 56 29.23 21.31 -30.05
N LEU G 57 30.12 20.45 -30.53
CA LEU G 57 31.02 20.86 -31.61
C LEU G 57 30.21 21.57 -32.69
N LEU G 58 29.30 20.83 -33.32
CA LEU G 58 28.49 21.39 -34.39
C LEU G 58 27.86 22.69 -33.98
N TYR G 59 27.71 22.90 -32.67
CA TYR G 59 27.12 24.16 -32.17
C TYR G 59 28.19 25.24 -32.21
N THR G 60 29.31 24.97 -31.56
CA THR G 60 30.40 25.93 -31.51
C THR G 60 30.82 26.26 -32.93
N TRP G 61 31.30 25.26 -33.64
CA TRP G 61 31.73 25.46 -35.01
C TRP G 61 30.74 26.41 -35.66
N GLY G 62 29.50 25.94 -35.75
CA GLY G 62 28.45 26.73 -36.33
C GLY G 62 28.47 28.17 -35.88
N THR G 63 28.47 28.40 -34.56
CA THR G 63 28.47 29.77 -34.07
C THR G 63 29.70 30.56 -34.44
N GLN G 64 30.88 30.05 -34.12
CA GLN G 64 32.09 30.79 -34.47
C GLN G 64 32.04 31.19 -35.93
N GLU G 65 32.07 30.21 -36.82
CA GLU G 65 32.00 30.48 -38.26
C GLU G 65 31.05 31.63 -38.55
N PHE G 66 29.84 31.57 -38.02
CA PHE G 66 28.86 32.63 -38.25
C PHE G 66 29.44 33.95 -37.79
N GLU G 67 29.93 33.96 -36.56
CA GLU G 67 30.50 35.17 -35.99
C GLU G 67 31.68 35.65 -36.79
N LYS G 68 32.25 34.76 -37.59
CA LYS G 68 33.39 35.10 -38.43
C LYS G 68 32.88 35.73 -39.73
N SER G 69 32.04 35.00 -40.46
CA SER G 69 31.50 35.46 -41.73
C SER G 69 30.93 36.87 -41.62
N LYS G 70 30.96 37.42 -40.42
CA LYS G 70 30.48 38.77 -40.15
C LYS G 70 31.61 39.79 -40.25
N ARG G 71 32.79 39.41 -39.77
CA ARG G 71 33.95 40.30 -39.79
C ARG G 71 34.52 40.51 -41.18
N LYS G 72 34.95 41.73 -41.46
CA LYS G 72 35.47 42.11 -42.77
C LYS G 72 36.83 41.52 -43.15
N ASN G 73 36.98 41.23 -44.44
CA ASN G 73 38.20 40.68 -45.00
C ASN G 73 39.10 41.89 -45.21
N PRO G 74 40.08 42.08 -44.33
CA PRO G 74 40.98 43.23 -44.45
C PRO G 74 41.35 43.51 -45.91
N ALA G 75 41.16 42.49 -46.77
CA ALA G 75 41.46 42.58 -48.20
C ALA G 75 40.24 42.39 -49.13
N ALA G 76 39.14 43.04 -48.80
CA ALA G 76 37.94 43.00 -49.64
C ALA G 76 38.10 44.30 -50.43
N TYR G 77 39.01 45.14 -49.92
CA TYR G 77 39.42 46.44 -50.49
C TYR G 77 40.76 46.96 -49.93
N VAL G 78 41.88 46.46 -50.48
CA VAL G 78 43.24 46.85 -50.10
C VAL G 78 43.50 48.18 -50.81
N ASN G 79 42.62 48.49 -51.77
CA ASN G 79 42.68 49.72 -52.56
C ASN G 79 41.43 50.54 -52.30
N LEU H 13 32.16 68.66 -9.44
CA LEU H 13 31.41 67.41 -9.76
C LEU H 13 32.04 66.70 -10.95
N VAL H 14 32.44 65.45 -10.76
CA VAL H 14 33.03 64.68 -11.84
C VAL H 14 32.38 63.31 -11.90
N ASP H 15 32.03 62.88 -13.11
CA ASP H 15 31.37 61.59 -13.33
C ASP H 15 32.30 60.39 -13.24
N PRO H 16 32.17 59.61 -12.17
CA PRO H 16 33.01 58.42 -11.96
C PRO H 16 33.12 57.57 -13.20
N LEU H 17 32.18 57.75 -14.11
CA LEU H 17 32.21 57.00 -15.34
C LEU H 17 33.44 57.40 -16.12
N THR H 18 33.45 58.66 -16.54
CA THR H 18 34.55 59.24 -17.31
C THR H 18 35.93 58.98 -16.70
N THR H 19 35.99 58.99 -15.37
CA THR H 19 37.24 58.74 -14.66
C THR H 19 37.61 57.26 -14.81
N VAL H 20 36.63 56.38 -14.64
CA VAL H 20 36.83 54.94 -14.74
C VAL H 20 37.02 54.47 -16.17
N ARG H 21 36.60 55.30 -17.13
CA ARG H 21 36.77 54.97 -18.53
C ARG H 21 38.18 55.41 -18.91
N GLU H 22 38.72 56.32 -18.10
CA GLU H 22 40.07 56.80 -18.30
C GLU H 22 40.99 55.62 -17.98
N GLN H 23 40.90 55.12 -16.75
CA GLN H 23 41.71 53.97 -16.34
C GLN H 23 41.53 52.84 -17.34
N CYS H 24 40.29 52.38 -17.49
CA CYS H 24 39.96 51.31 -18.41
C CYS H 24 40.50 51.51 -19.82
N GLU H 25 40.38 52.72 -20.37
CA GLU H 25 40.86 52.98 -21.73
C GLU H 25 42.36 52.67 -21.84
N GLN H 26 42.98 52.36 -20.71
CA GLN H 26 44.42 52.05 -20.64
C GLN H 26 44.75 50.54 -20.53
N LEU H 27 43.79 49.74 -20.07
CA LEU H 27 44.01 48.30 -19.96
C LEU H 27 44.55 47.76 -21.28
N GLU H 28 45.48 46.82 -21.21
CA GLU H 28 46.10 46.23 -22.39
C GLU H 28 45.16 46.03 -23.57
N LYS H 29 44.04 45.35 -23.35
CA LYS H 29 43.06 45.08 -24.41
C LYS H 29 42.53 46.35 -25.11
N CYS H 30 42.17 47.35 -24.31
CA CYS H 30 41.66 48.59 -24.87
C CYS H 30 42.68 49.14 -25.86
N VAL H 31 43.90 49.29 -25.37
CA VAL H 31 44.99 49.81 -26.15
C VAL H 31 45.19 49.01 -27.44
N LYS H 32 45.31 47.69 -27.30
CA LYS H 32 45.50 46.81 -28.45
C LYS H 32 44.30 46.90 -29.37
N ALA H 33 43.25 47.55 -28.89
CA ALA H 33 42.03 47.73 -29.65
C ALA H 33 41.95 49.18 -30.13
N ARG H 34 42.00 50.13 -29.19
CA ARG H 34 41.95 51.56 -29.49
C ARG H 34 42.88 51.87 -30.65
N GLU H 35 43.97 51.13 -30.70
CA GLU H 35 44.94 51.27 -31.75
C GLU H 35 44.27 50.73 -33.02
N ARG H 36 43.91 49.44 -32.99
CA ARG H 36 43.27 48.77 -34.12
C ARG H 36 42.24 49.67 -34.76
N LEU H 37 41.58 50.46 -33.94
CA LEU H 37 40.55 51.38 -34.41
C LEU H 37 41.19 52.58 -35.08
N GLU H 38 41.89 53.37 -34.27
CA GLU H 38 42.56 54.58 -34.73
C GLU H 38 43.03 54.41 -36.19
N LEU H 39 43.67 53.28 -36.48
CA LEU H 39 44.15 53.02 -37.83
C LEU H 39 42.99 53.05 -38.81
N CYS H 40 42.05 52.12 -38.64
CA CYS H 40 40.89 52.00 -39.50
C CYS H 40 40.22 53.34 -39.73
N ASP H 41 40.00 54.07 -38.65
CA ASP H 41 39.38 55.37 -38.73
C ASP H 41 40.10 56.15 -39.85
N GLU H 42 41.34 56.53 -39.57
CA GLU H 42 42.15 57.27 -40.52
C GLU H 42 42.51 56.42 -41.75
N ARG H 43 41.96 55.23 -41.84
CA ARG H 43 42.23 54.38 -42.98
C ARG H 43 41.07 54.54 -43.93
N VAL H 44 39.93 54.97 -43.40
CA VAL H 44 38.72 55.15 -44.20
C VAL H 44 38.46 56.61 -44.52
N SER H 45 38.81 57.48 -43.58
CA SER H 45 38.63 58.91 -43.78
C SER H 45 39.77 59.45 -44.64
N SER H 46 40.65 58.54 -45.08
CA SER H 46 41.78 58.91 -45.91
C SER H 46 41.42 58.70 -47.38
N ARG H 47 40.36 57.94 -47.65
CA ARG H 47 39.96 57.70 -49.03
C ARG H 47 38.62 58.37 -49.36
N SER H 48 38.40 58.58 -50.66
CA SER H 48 37.20 59.22 -51.20
C SER H 48 36.08 58.20 -51.40
N GLN H 49 36.41 57.10 -52.11
CA GLN H 49 35.46 56.02 -52.38
C GLN H 49 35.83 54.70 -51.72
N THR H 50 35.14 54.36 -50.64
CA THR H 50 35.33 53.11 -49.89
C THR H 50 34.07 52.76 -49.13
N GLU H 51 33.70 51.49 -49.19
CA GLU H 51 32.50 51.01 -48.51
C GLU H 51 32.80 50.65 -47.06
N GLU H 52 34.08 50.45 -46.75
CA GLU H 52 34.46 50.10 -45.38
C GLU H 52 33.89 51.07 -44.37
N ASP H 53 33.64 50.54 -43.18
CA ASP H 53 33.10 51.30 -42.06
C ASP H 53 33.93 50.82 -40.88
N CYS H 54 34.28 51.71 -39.97
CA CYS H 54 35.05 51.29 -38.81
C CYS H 54 34.14 50.98 -37.62
N THR H 55 32.96 50.45 -37.89
CA THR H 55 32.04 50.11 -36.81
C THR H 55 32.62 48.94 -36.03
N GLU H 56 32.78 47.81 -36.73
CA GLU H 56 33.32 46.60 -36.13
C GLU H 56 34.44 46.94 -35.17
N GLU H 57 35.48 47.55 -35.74
CA GLU H 57 36.63 47.95 -34.97
C GLU H 57 36.17 48.78 -33.79
N LEU H 58 35.19 49.65 -34.02
CA LEU H 58 34.73 50.48 -32.93
C LEU H 58 34.20 49.65 -31.80
N PHE H 59 33.37 48.67 -32.13
CA PHE H 59 32.80 47.81 -31.11
C PHE H 59 33.87 47.16 -30.28
N ASP H 60 34.63 46.29 -30.94
CA ASP H 60 35.72 45.59 -30.29
C ASP H 60 36.28 46.46 -29.18
N PHE H 61 36.50 47.73 -29.48
CA PHE H 61 36.98 48.65 -28.47
C PHE H 61 35.94 48.65 -27.38
N LEU H 62 34.89 49.42 -27.60
CA LEU H 62 33.80 49.54 -26.65
C LEU H 62 33.64 48.26 -25.85
N HIS H 63 33.29 47.21 -26.57
CA HIS H 63 33.07 45.89 -25.97
C HIS H 63 34.05 45.71 -24.83
N ALA H 64 35.33 45.90 -25.15
CA ALA H 64 36.38 45.76 -24.17
C ALA H 64 36.35 46.88 -23.13
N ARG H 65 36.30 48.13 -23.58
CA ARG H 65 36.29 49.23 -22.62
C ARG H 65 35.23 49.05 -21.56
N ASP H 66 33.98 49.28 -21.95
CA ASP H 66 32.86 49.19 -21.04
C ASP H 66 32.90 47.92 -20.18
N HIS H 67 33.43 46.82 -20.72
CA HIS H 67 33.45 45.60 -19.93
C HIS H 67 34.05 45.80 -18.55
N CYS H 68 35.17 46.53 -18.45
CA CYS H 68 35.71 46.74 -17.12
C CYS H 68 35.03 47.95 -16.54
N VAL H 69 34.54 48.82 -17.43
CA VAL H 69 33.81 50.00 -17.01
C VAL H 69 32.80 49.53 -16.00
N ALA H 70 32.27 48.34 -16.28
CA ALA H 70 31.26 47.69 -15.46
C ALA H 70 31.86 47.03 -14.23
N HIS H 71 32.95 46.29 -14.41
CA HIS H 71 33.58 45.61 -13.30
C HIS H 71 33.85 46.56 -12.14
N LYS H 72 33.88 47.86 -12.43
CA LYS H 72 34.16 48.86 -11.39
C LYS H 72 33.20 50.04 -11.22
N LEU H 73 32.66 50.56 -12.32
CA LEU H 73 31.79 51.71 -12.24
C LEU H 73 30.81 51.74 -11.07
N PHE H 74 30.01 50.70 -10.89
CA PHE H 74 29.02 50.71 -9.81
C PHE H 74 29.55 50.80 -8.38
N ASN H 75 30.86 50.84 -8.23
CA ASN H 75 31.46 50.93 -6.92
C ASN H 75 31.40 52.35 -6.42
N SER H 76 31.55 53.31 -7.33
CA SER H 76 31.52 54.71 -6.95
C SER H 76 30.10 55.28 -6.95
N LEU H 77 29.15 54.53 -7.47
CA LEU H 77 27.77 55.01 -7.51
C LEU H 77 27.00 54.58 -6.29
N LYS H 78 26.15 55.48 -5.83
CA LYS H 78 25.35 55.27 -4.63
C LYS H 78 24.02 54.56 -4.96
N UNK I 1 -18.06 -44.51 12.81
CA UNK I 1 -17.42 -43.19 12.60
C UNK I 1 -18.08 -42.10 13.47
N UNK I 2 -18.50 -41.00 12.83
CA UNK I 2 -19.15 -39.88 13.51
C UNK I 2 -19.25 -38.57 12.69
N UNK I 3 -19.25 -37.45 13.40
CA UNK I 3 -19.31 -36.08 12.84
C UNK I 3 -19.42 -35.08 13.99
N UNK I 4 -19.81 -33.84 13.69
CA UNK I 4 -19.96 -32.79 14.72
C UNK I 4 -20.82 -31.63 14.27
N UNK I 5 -20.86 -30.58 15.08
CA UNK I 5 -21.66 -29.43 14.74
C UNK I 5 -21.27 -28.18 15.48
N UNK I 6 -22.10 -27.14 15.30
CA UNK I 6 -21.96 -25.80 15.89
C UNK I 6 -20.80 -25.53 16.84
N UNK I 7 -19.91 -24.63 16.40
CA UNK I 7 -18.73 -24.21 17.17
C UNK I 7 -17.83 -25.33 17.62
N UNK I 8 -17.25 -26.07 16.68
CA UNK I 8 -16.36 -27.15 17.04
C UNK I 8 -15.41 -27.55 15.94
N UNK I 9 -15.83 -28.49 15.10
CA UNK I 9 -15.03 -28.99 13.98
C UNK I 9 -15.80 -30.13 13.28
N UNK I 10 -15.25 -30.63 12.17
CA UNK I 10 -15.88 -31.73 11.45
C UNK I 10 -15.21 -33.02 11.91
N UNK I 11 -15.68 -33.51 13.05
CA UNK I 11 -15.15 -34.74 13.61
C UNK I 11 -15.55 -35.89 12.68
N UNK I 12 -14.56 -36.68 12.27
CA UNK I 12 -14.81 -37.83 11.40
C UNK I 12 -13.82 -38.86 11.90
N UNK I 13 -14.17 -39.50 13.03
CA UNK I 13 -13.34 -40.51 13.71
C UNK I 13 -13.58 -41.99 13.34
N UNK I 14 -12.95 -42.90 14.08
CA UNK I 14 -13.09 -44.34 13.84
C UNK I 14 -11.99 -45.10 14.60
N UNK I 15 -11.04 -45.65 13.83
CA UNK I 15 -9.85 -46.41 14.32
C UNK I 15 -9.95 -47.28 15.58
N UNK I 16 -9.44 -46.74 16.70
CA UNK I 16 -9.43 -47.45 17.99
C UNK I 16 -10.20 -46.76 19.14
N UNK I 17 -11.43 -47.22 19.38
CA UNK I 17 -12.33 -46.70 20.43
C UNK I 17 -13.45 -47.71 20.80
N UNK I 18 -13.72 -27.83 0.31
CA UNK I 18 -12.32 -28.29 0.53
C UNK I 18 -11.67 -27.68 1.80
N UNK I 19 -12.50 -27.44 2.82
CA UNK I 19 -12.07 -26.86 4.11
C UNK I 19 -11.17 -27.74 5.01
N UNK I 20 -9.89 -27.36 5.13
CA UNK I 20 -8.89 -28.09 5.93
C UNK I 20 -9.42 -28.69 7.24
N UNK I 21 -9.99 -27.83 8.10
CA UNK I 21 -10.53 -28.29 9.37
C UNK I 21 -9.78 -27.73 10.57
N UNK I 22 -9.81 -26.41 10.72
CA UNK I 22 -9.13 -25.69 11.81
C UNK I 22 -9.88 -25.62 13.14
N UNK I 23 -10.72 -26.62 13.38
CA UNK I 23 -11.46 -26.69 14.63
C UNK I 23 -10.49 -26.95 15.77
N UNK I 24 -10.09 -28.23 15.92
CA UNK I 24 -9.16 -28.59 16.96
C UNK I 24 -9.81 -28.94 18.30
N UNK I 25 -10.90 -28.23 18.63
CA UNK I 25 -11.60 -28.51 19.88
C UNK I 25 -11.33 -27.49 20.99
N UNK I 26 -12.23 -26.51 21.10
CA UNK I 26 -12.08 -25.50 22.13
C UNK I 26 -12.89 -25.85 23.37
N UNK I 27 5.67 -52.81 17.34
CA UNK I 27 5.50 -51.32 17.53
C UNK I 27 6.79 -50.51 17.35
N UNK I 28 6.64 -49.24 16.92
CA UNK I 28 7.76 -48.29 16.70
C UNK I 28 7.43 -46.90 17.30
N UNK I 29 7.98 -45.84 16.72
CA UNK I 29 7.73 -44.49 17.22
C UNK I 29 6.29 -44.30 17.73
N UNK I 30 6.12 -44.07 19.03
CA UNK I 30 4.78 -43.89 19.58
C UNK I 30 4.38 -44.93 20.63
N UNK I 31 4.94 -46.14 20.50
CA UNK I 31 4.70 -47.28 21.41
C UNK I 31 3.37 -48.05 21.29
N UNK I 32 2.31 -47.64 22.02
CA UNK I 32 1.01 -48.34 21.94
C UNK I 32 0.11 -47.98 20.75
N UNK I 33 0.20 -48.75 19.66
CA UNK I 33 -0.59 -48.54 18.45
C UNK I 33 -2.12 -48.55 18.69
N THR J 4 13.40 10.33 26.60
CA THR J 4 14.25 10.07 25.40
C THR J 4 13.53 10.49 24.11
N LEU J 5 13.28 11.79 23.97
CA LEU J 5 12.59 12.40 22.82
C LEU J 5 11.85 11.45 21.84
N THR J 6 12.58 10.92 20.84
CA THR J 6 11.98 10.03 19.86
C THR J 6 10.98 9.01 20.46
N ALA J 7 11.38 8.30 21.52
CA ALA J 7 10.48 7.35 22.14
C ALA J 7 9.32 8.11 22.77
N ARG J 8 9.62 9.12 23.58
CA ARG J 8 8.60 9.91 24.22
C ARG J 8 7.63 10.40 23.15
N LEU J 9 8.19 10.87 22.05
CA LEU J 9 7.43 11.39 20.92
C LEU J 9 6.46 10.38 20.37
N TYR J 10 7.00 9.28 19.84
CA TYR J 10 6.18 8.22 19.27
C TYR J 10 5.01 7.91 20.19
N SER J 11 5.30 7.28 21.31
CA SER J 11 4.27 6.89 22.27
C SER J 11 3.18 7.93 22.48
N LEU J 12 3.61 9.15 22.81
CA LEU J 12 2.67 10.22 23.08
C LEU J 12 2.07 10.91 21.86
N LEU J 13 2.89 11.19 20.86
CA LEU J 13 2.43 11.92 19.68
C LEU J 13 2.10 11.18 18.40
N PHE J 14 2.98 10.28 17.97
CA PHE J 14 2.82 9.56 16.69
C PHE J 14 2.04 8.23 16.70
N ARG J 15 1.83 7.67 17.88
CA ARG J 15 1.14 6.40 17.98
C ARG J 15 -0.31 6.51 17.53
N ARG J 16 -1.13 7.18 18.33
CA ARG J 16 -2.57 7.36 18.01
C ARG J 16 -2.74 8.29 16.83
N THR J 17 -3.29 7.76 15.74
CA THR J 17 -3.50 8.54 14.52
C THR J 17 -4.28 9.79 14.90
N SER J 18 -4.98 9.70 16.02
CA SER J 18 -5.76 10.83 16.52
C SER J 18 -4.79 11.94 16.93
N THR J 19 -3.83 11.57 17.77
CA THR J 19 -2.82 12.49 18.28
C THR J 19 -1.91 13.08 17.21
N PHE J 20 -1.25 12.16 16.51
CA PHE J 20 -0.35 12.50 15.43
C PHE J 20 -0.84 13.78 14.78
N ALA J 21 -1.93 13.66 14.04
CA ALA J 21 -2.54 14.79 13.37
C ALA J 21 -2.54 16.03 14.25
N LEU J 22 -3.05 15.90 15.45
CA LEU J 22 -3.11 17.02 16.36
C LEU J 22 -1.77 17.74 16.50
N THR J 23 -0.65 17.02 16.45
CA THR J 23 0.63 17.70 16.56
C THR J 23 1.03 18.30 15.22
N ILE J 24 0.55 17.73 14.12
CA ILE J 24 0.89 18.31 12.84
C ILE J 24 0.33 19.72 12.89
N VAL J 25 -0.94 19.83 13.26
CA VAL J 25 -1.58 21.12 13.36
C VAL J 25 -0.78 22.03 14.31
N VAL J 26 -0.90 21.83 15.61
CA VAL J 26 -0.18 22.67 16.58
C VAL J 26 1.28 22.86 16.17
N GLY J 27 1.83 21.88 15.46
CA GLY J 27 3.21 22.00 15.02
C GLY J 27 3.33 23.00 13.89
N ALA J 28 2.46 22.84 12.90
CA ALA J 28 2.46 23.74 11.75
C ALA J 28 2.37 25.18 12.21
N LEU J 29 1.51 25.43 13.20
CA LEU J 29 1.33 26.77 13.74
C LEU J 29 2.66 27.29 14.23
N LEU J 30 3.41 26.42 14.88
CA LEU J 30 4.71 26.78 15.42
C LEU J 30 5.71 26.90 14.29
N PHE J 31 5.75 25.91 13.40
CA PHE J 31 6.67 25.97 12.28
C PHE J 31 6.46 27.25 11.49
N GLU J 32 5.20 27.56 11.20
CA GLU J 32 4.89 28.78 10.46
C GLU J 32 5.59 29.96 11.15
N ARG J 33 4.95 30.42 12.23
CA ARG J 33 5.44 31.52 13.04
C ARG J 33 6.96 31.61 13.07
N ALA J 34 7.61 30.47 13.29
CA ALA J 34 9.06 30.46 13.38
C ALA J 34 9.74 30.52 12.03
N PHE J 35 9.25 29.75 11.06
CA PHE J 35 9.88 29.75 9.76
C PHE J 35 9.86 31.13 9.13
N ASP J 36 8.71 31.79 9.23
CA ASP J 36 8.58 33.13 8.68
C ASP J 36 9.60 34.06 9.33
N GLN J 37 9.43 34.38 10.61
CA GLN J 37 10.34 35.29 11.30
C GLN J 37 11.77 35.04 10.91
N GLY J 38 12.12 33.76 10.85
CA GLY J 38 13.47 33.38 10.47
C GLY J 38 13.74 33.81 9.04
N ALA J 39 12.88 33.36 8.14
CA ALA J 39 13.02 33.71 6.74
C ALA J 39 13.07 35.20 6.57
N ASP J 40 12.02 35.87 7.02
CA ASP J 40 11.98 37.32 6.91
C ASP J 40 13.29 37.93 7.33
N ALA J 41 13.79 37.54 8.50
CA ALA J 41 15.05 38.09 8.98
C ALA J 41 16.17 37.77 8.00
N ILE J 42 16.39 36.49 7.71
CA ILE J 42 17.44 36.12 6.79
C ILE J 42 17.37 37.05 5.60
N TYR J 43 16.20 37.13 5.03
CA TYR J 43 16.03 37.98 3.85
C TYR J 43 16.43 39.42 4.06
N GLU J 44 15.63 40.13 4.86
CA GLU J 44 15.87 41.53 5.13
C GLU J 44 17.35 41.79 5.39
N HIS J 45 17.95 41.04 6.30
CA HIS J 45 19.37 41.24 6.62
C HIS J 45 20.25 41.21 5.40
N ILE J 46 19.93 40.34 4.45
CA ILE J 46 20.73 40.24 3.25
C ILE J 46 20.49 41.44 2.32
N ASN J 47 19.68 42.39 2.81
CA ASN J 47 19.36 43.60 2.05
C ASN J 47 19.28 44.81 2.97
N GLU J 48 20.27 44.99 3.85
CA GLU J 48 20.23 46.13 4.75
C GLU J 48 20.29 47.45 4.00
N GLY J 49 19.44 48.38 4.46
CA GLY J 49 19.36 49.71 3.91
C GLY J 49 18.83 49.86 2.50
N LYS J 50 18.20 48.81 1.98
CA LYS J 50 17.67 48.83 0.62
C LYS J 50 16.16 48.79 0.60
N LEU J 51 15.59 48.23 1.65
CA LEU J 51 14.15 48.09 1.76
C LEU J 51 13.49 49.34 2.24
N TRP J 52 12.23 49.51 1.85
CA TRP J 52 11.49 50.68 2.27
C TRP J 52 11.41 50.69 3.76
N LYS J 53 11.42 49.51 4.36
CA LYS J 53 11.37 49.44 5.79
C LYS J 53 12.63 50.15 6.29
N HIS J 54 13.68 50.10 5.47
CA HIS J 54 14.98 50.68 5.80
C HIS J 54 15.22 52.15 5.43
N ILE J 55 14.41 52.70 4.52
CA ILE J 55 14.56 54.09 4.08
C ILE J 55 13.32 54.84 4.51
N LYS J 56 12.33 54.08 4.96
CA LYS J 56 11.05 54.62 5.40
C LYS J 56 11.34 55.76 6.34
N HIS J 57 12.55 55.72 6.88
CA HIS J 57 12.98 56.71 7.84
C HIS J 57 13.51 58.06 7.33
N LYS J 58 14.03 58.16 6.11
CA LYS J 58 14.48 59.48 5.72
C LYS J 58 13.25 60.41 5.62
N TYR J 59 12.18 59.99 6.28
CA TYR J 59 10.90 60.67 6.37
C TYR J 59 10.29 60.00 7.62
N GLU J 60 11.21 59.39 8.41
CA GLU J 60 11.00 58.64 9.67
C GLU J 60 12.34 58.10 10.32
N ASN J 61 13.44 58.86 10.15
CA ASN J 61 14.84 58.66 10.64
C ASN J 61 15.67 57.30 10.70
N LYS J 62 16.97 57.38 10.35
CA LYS J 62 17.95 56.26 10.37
C LYS J 62 18.92 56.11 9.14
#